data_6EB1
# 
_entry.id   6EB1 
# 
_audit_conform.dict_name       mmcif_pdbx.dic 
_audit_conform.dict_version    5.397 
_audit_conform.dict_location   http://mmcif.pdb.org/dictionaries/ascii/mmcif_pdbx.dic 
# 
loop_
_database_2.database_id 
_database_2.database_code 
_database_2.pdbx_database_accession 
_database_2.pdbx_DOI 
PDB   6EB1         pdb_00006eb1 10.2210/pdb6eb1/pdb 
WWPDB D_1000235900 ?            ?                   
# 
loop_
_pdbx_audit_revision_history.ordinal 
_pdbx_audit_revision_history.data_content_type 
_pdbx_audit_revision_history.major_revision 
_pdbx_audit_revision_history.minor_revision 
_pdbx_audit_revision_history.revision_date 
1 'Structure model' 1 0 2019-03-06 
2 'Structure model' 1 1 2019-12-18 
3 'Structure model' 1 2 2023-10-11 
4 'Structure model' 1 3 2024-10-09 
# 
_pdbx_audit_revision_details.ordinal             1 
_pdbx_audit_revision_details.revision_ordinal    1 
_pdbx_audit_revision_details.data_content_type   'Structure model' 
_pdbx_audit_revision_details.provider            repository 
_pdbx_audit_revision_details.type                'Initial release' 
_pdbx_audit_revision_details.description         ? 
_pdbx_audit_revision_details.details             ? 
# 
loop_
_pdbx_audit_revision_group.ordinal 
_pdbx_audit_revision_group.revision_ordinal 
_pdbx_audit_revision_group.data_content_type 
_pdbx_audit_revision_group.group 
1 2 'Structure model' 'Author supporting evidence' 
2 3 'Structure model' 'Data collection'            
3 3 'Structure model' 'Database references'        
4 3 'Structure model' 'Refinement description'     
5 4 'Structure model' 'Structure summary'          
# 
loop_
_pdbx_audit_revision_category.ordinal 
_pdbx_audit_revision_category.revision_ordinal 
_pdbx_audit_revision_category.data_content_type 
_pdbx_audit_revision_category.category 
1 2 'Structure model' pdbx_audit_support            
2 3 'Structure model' chem_comp_atom                
3 3 'Structure model' chem_comp_bond                
4 3 'Structure model' database_2                    
5 3 'Structure model' pdbx_initial_refinement_model 
6 4 'Structure model' pdbx_entry_details            
7 4 'Structure model' pdbx_modification_feature     
# 
loop_
_pdbx_audit_revision_item.ordinal 
_pdbx_audit_revision_item.revision_ordinal 
_pdbx_audit_revision_item.data_content_type 
_pdbx_audit_revision_item.item 
1 2 'Structure model' '_pdbx_audit_support.funding_organization' 
2 3 'Structure model' '_database_2.pdbx_DOI'                     
3 3 'Structure model' '_database_2.pdbx_database_accession'      
# 
_pdbx_database_status.status_code                     REL 
_pdbx_database_status.status_code_sf                  REL 
_pdbx_database_status.status_code_mr                  ? 
_pdbx_database_status.entry_id                        6EB1 
_pdbx_database_status.recvd_initial_deposition_date   2018-08-03 
_pdbx_database_status.SG_entry                        N 
_pdbx_database_status.deposit_site                    RCSB 
_pdbx_database_status.process_site                    RCSB 
_pdbx_database_status.status_code_cs                  ? 
_pdbx_database_status.methods_development_category    ? 
_pdbx_database_status.pdb_format_compatible           Y 
_pdbx_database_status.status_code_nmr_data            ? 
# 
loop_
_audit_author.name 
_audit_author.pdbx_ordinal 
_audit_author.identifier_ORCID 
'Lindenberger, J.J.' 1 ? 
'Kobe, M.'           2 ? 
'Kvaratskhelia, M.'  3 ? 
# 
_citation.abstract                  ? 
_citation.abstract_id_CAS           ? 
_citation.book_id_ISBN              ? 
_citation.book_publisher            ? 
_citation.book_publisher_city       ? 
_citation.book_title                ? 
_citation.coordinate_linkage        ? 
_citation.country                   US 
_citation.database_id_Medline       ? 
_citation.details                   ? 
_citation.id                        primary 
_citation.journal_abbrev            'ACS Med Chem Lett' 
_citation.journal_id_ASTM           ? 
_citation.journal_id_CSD            ? 
_citation.journal_id_ISSN           1948-5875 
_citation.journal_full              ? 
_citation.journal_issue             ? 
_citation.journal_volume            10 
_citation.language                  ? 
_citation.page_first                215 
_citation.page_last                 220 
_citation.title                     'An Isoquinoline Scaffold as a Novel Class of Allosteric HIV-1 Integrase Inhibitors.' 
_citation.year                      2019 
_citation.database_id_CSD           ? 
_citation.pdbx_database_id_DOI      10.1021/acsmedchemlett.8b00633 
_citation.pdbx_database_id_PubMed   30783506 
_citation.unpublished_flag          ? 
# 
loop_
_citation_author.citation_id 
_citation_author.name 
_citation_author.ordinal 
_citation_author.identifier_ORCID 
primary 'Wilson, T.A.'       1  ? 
primary 'Koneru, P.C.'       2  ? 
primary 'Rebensburg, S.V.'   3  ? 
primary 'Lindenberger, J.J.' 4  ? 
primary 'Kobe, M.J.'         5  ? 
primary 'Cockroft, N.T.'     6  ? 
primary 'Adu-Ampratwum, D.'  7  ? 
primary 'Larue, R.C.'        8  ? 
primary 'Kvaratskhelia, M.'  9  ? 
primary 'Fuchs, J.R.'        10 ? 
# 
loop_
_entity.id 
_entity.type 
_entity.src_method 
_entity.pdbx_description 
_entity.formula_weight 
_entity.pdbx_number_of_molecules 
_entity.pdbx_ec 
_entity.pdbx_mutation 
_entity.pdbx_fragment 
_entity.details 
1 polymer     man Integrase                                                                                    20332.787 1  ? 
F185H 'catalytic core domain (UNP residues 50-212)' ? 
2 non-polymer nat '(2S)-tert-butoxy[3-(3,4-dihydro-2H-1-benzopyran-6-yl)-1-phenylisoquinolin-4-yl]acetic acid' 467.556   1  ? ? ? 
? 
3 water       nat water                                                                                        18.015    50 ? ? ? 
? 
# 
_entity_poly.entity_id                      1 
_entity_poly.type                           'polypeptide(L)' 
_entity_poly.nstd_linkage                   no 
_entity_poly.nstd_monomer                   yes 
_entity_poly.pdbx_seq_one_letter_code       
;MGSSHHHHHHSSGLVPRGSHMHGQVDCSPGIWQLD(CAF)THLEGKVILVAVHVASGYIEAEVIPAETGQETAYFLLKLA
GRWPVKTVHTDNGSNFTSTTVKAA(CAF)WWAGIKQEFGIPYNPQSQGVIESMNKELKKIIGQVRDQAEHLKTAVQMAVF
IHNHKRKGGIGGYSAGERIVDIIATDIQTKE
;
_entity_poly.pdbx_seq_one_letter_code_can   
;MGSSHHHHHHSSGLVPRGSHMHGQVDCSPGIWQLDCTHLEGKVILVAVHVASGYIEAEVIPAETGQETAYFLLKLAGRWP
VKTVHTDNGSNFTSTTVKAACWWAGIKQEFGIPYNPQSQGVIESMNKELKKIIGQVRDQAEHLKTAVQMAVFIHNHKRKG
GIGGYSAGERIVDIIATDIQTKE
;
_entity_poly.pdbx_strand_id                 A 
_entity_poly.pdbx_target_identifier         ? 
# 
loop_
_pdbx_entity_nonpoly.entity_id 
_pdbx_entity_nonpoly.name 
_pdbx_entity_nonpoly.comp_id 
2 '(2S)-tert-butoxy[3-(3,4-dihydro-2H-1-benzopyran-6-yl)-1-phenylisoquinolin-4-yl]acetic acid' J3M 
3 water                                                                                        HOH 
# 
loop_
_entity_poly_seq.entity_id 
_entity_poly_seq.num 
_entity_poly_seq.mon_id 
_entity_poly_seq.hetero 
1 1   MET n 
1 2   GLY n 
1 3   SER n 
1 4   SER n 
1 5   HIS n 
1 6   HIS n 
1 7   HIS n 
1 8   HIS n 
1 9   HIS n 
1 10  HIS n 
1 11  SER n 
1 12  SER n 
1 13  GLY n 
1 14  LEU n 
1 15  VAL n 
1 16  PRO n 
1 17  ARG n 
1 18  GLY n 
1 19  SER n 
1 20  HIS n 
1 21  MET n 
1 22  HIS n 
1 23  GLY n 
1 24  GLN n 
1 25  VAL n 
1 26  ASP n 
1 27  CYS n 
1 28  SER n 
1 29  PRO n 
1 30  GLY n 
1 31  ILE n 
1 32  TRP n 
1 33  GLN n 
1 34  LEU n 
1 35  ASP n 
1 36  CAF n 
1 37  THR n 
1 38  HIS n 
1 39  LEU n 
1 40  GLU n 
1 41  GLY n 
1 42  LYS n 
1 43  VAL n 
1 44  ILE n 
1 45  LEU n 
1 46  VAL n 
1 47  ALA n 
1 48  VAL n 
1 49  HIS n 
1 50  VAL n 
1 51  ALA n 
1 52  SER n 
1 53  GLY n 
1 54  TYR n 
1 55  ILE n 
1 56  GLU n 
1 57  ALA n 
1 58  GLU n 
1 59  VAL n 
1 60  ILE n 
1 61  PRO n 
1 62  ALA n 
1 63  GLU n 
1 64  THR n 
1 65  GLY n 
1 66  GLN n 
1 67  GLU n 
1 68  THR n 
1 69  ALA n 
1 70  TYR n 
1 71  PHE n 
1 72  LEU n 
1 73  LEU n 
1 74  LYS n 
1 75  LEU n 
1 76  ALA n 
1 77  GLY n 
1 78  ARG n 
1 79  TRP n 
1 80  PRO n 
1 81  VAL n 
1 82  LYS n 
1 83  THR n 
1 84  VAL n 
1 85  HIS n 
1 86  THR n 
1 87  ASP n 
1 88  ASN n 
1 89  GLY n 
1 90  SER n 
1 91  ASN n 
1 92  PHE n 
1 93  THR n 
1 94  SER n 
1 95  THR n 
1 96  THR n 
1 97  VAL n 
1 98  LYS n 
1 99  ALA n 
1 100 ALA n 
1 101 CAF n 
1 102 TRP n 
1 103 TRP n 
1 104 ALA n 
1 105 GLY n 
1 106 ILE n 
1 107 LYS n 
1 108 GLN n 
1 109 GLU n 
1 110 PHE n 
1 111 GLY n 
1 112 ILE n 
1 113 PRO n 
1 114 TYR n 
1 115 ASN n 
1 116 PRO n 
1 117 GLN n 
1 118 SER n 
1 119 GLN n 
1 120 GLY n 
1 121 VAL n 
1 122 ILE n 
1 123 GLU n 
1 124 SER n 
1 125 MET n 
1 126 ASN n 
1 127 LYS n 
1 128 GLU n 
1 129 LEU n 
1 130 LYS n 
1 131 LYS n 
1 132 ILE n 
1 133 ILE n 
1 134 GLY n 
1 135 GLN n 
1 136 VAL n 
1 137 ARG n 
1 138 ASP n 
1 139 GLN n 
1 140 ALA n 
1 141 GLU n 
1 142 HIS n 
1 143 LEU n 
1 144 LYS n 
1 145 THR n 
1 146 ALA n 
1 147 VAL n 
1 148 GLN n 
1 149 MET n 
1 150 ALA n 
1 151 VAL n 
1 152 PHE n 
1 153 ILE n 
1 154 HIS n 
1 155 ASN n 
1 156 HIS n 
1 157 LYS n 
1 158 ARG n 
1 159 LYS n 
1 160 GLY n 
1 161 GLY n 
1 162 ILE n 
1 163 GLY n 
1 164 GLY n 
1 165 TYR n 
1 166 SER n 
1 167 ALA n 
1 168 GLY n 
1 169 GLU n 
1 170 ARG n 
1 171 ILE n 
1 172 VAL n 
1 173 ASP n 
1 174 ILE n 
1 175 ILE n 
1 176 ALA n 
1 177 THR n 
1 178 ASP n 
1 179 ILE n 
1 180 GLN n 
1 181 THR n 
1 182 LYS n 
1 183 GLU n 
# 
_entity_src_gen.entity_id                          1 
_entity_src_gen.pdbx_src_id                        1 
_entity_src_gen.pdbx_alt_source_flag               sample 
_entity_src_gen.pdbx_seq_type                      'Biological sequence' 
_entity_src_gen.pdbx_beg_seq_num                   1 
_entity_src_gen.pdbx_end_seq_num                   183 
_entity_src_gen.gene_src_common_name               ? 
_entity_src_gen.gene_src_genus                     ? 
_entity_src_gen.pdbx_gene_src_gene                 pol 
_entity_src_gen.gene_src_species                   ? 
_entity_src_gen.gene_src_strain                    ? 
_entity_src_gen.gene_src_tissue                    ? 
_entity_src_gen.gene_src_tissue_fraction           ? 
_entity_src_gen.gene_src_details                   ? 
_entity_src_gen.pdbx_gene_src_fragment             ? 
_entity_src_gen.pdbx_gene_src_scientific_name      'Human immunodeficiency virus 1' 
_entity_src_gen.pdbx_gene_src_ncbi_taxonomy_id     11676 
_entity_src_gen.pdbx_gene_src_variant              ? 
_entity_src_gen.pdbx_gene_src_cell_line            ? 
_entity_src_gen.pdbx_gene_src_atcc                 ? 
_entity_src_gen.pdbx_gene_src_organ                ? 
_entity_src_gen.pdbx_gene_src_organelle            ? 
_entity_src_gen.pdbx_gene_src_cell                 ? 
_entity_src_gen.pdbx_gene_src_cellular_location    ? 
_entity_src_gen.host_org_common_name               ? 
_entity_src_gen.pdbx_host_org_scientific_name      'Escherichia coli BL21(DE3)' 
_entity_src_gen.pdbx_host_org_ncbi_taxonomy_id     469008 
_entity_src_gen.host_org_genus                     ? 
_entity_src_gen.pdbx_host_org_gene                 ? 
_entity_src_gen.pdbx_host_org_organ                ? 
_entity_src_gen.host_org_species                   ? 
_entity_src_gen.pdbx_host_org_tissue               ? 
_entity_src_gen.pdbx_host_org_tissue_fraction      ? 
_entity_src_gen.pdbx_host_org_strain               ? 
_entity_src_gen.pdbx_host_org_variant              ? 
_entity_src_gen.pdbx_host_org_cell_line            ? 
_entity_src_gen.pdbx_host_org_atcc                 ? 
_entity_src_gen.pdbx_host_org_culture_collection   ? 
_entity_src_gen.pdbx_host_org_cell                 ? 
_entity_src_gen.pdbx_host_org_organelle            ? 
_entity_src_gen.pdbx_host_org_cellular_location    ? 
_entity_src_gen.pdbx_host_org_vector_type          ? 
_entity_src_gen.pdbx_host_org_vector               ? 
_entity_src_gen.host_org_details                   ? 
_entity_src_gen.expression_system_id               ? 
_entity_src_gen.plasmid_name                       ? 
_entity_src_gen.plasmid_details                    ? 
_entity_src_gen.pdbx_description                   ? 
# 
loop_
_chem_comp.id 
_chem_comp.type 
_chem_comp.mon_nstd_flag 
_chem_comp.name 
_chem_comp.pdbx_synonyms 
_chem_comp.formula 
_chem_comp.formula_weight 
ALA 'L-peptide linking' y ALANINE                                                                                      ? 
'C3 H7 N O2'       89.093  
ARG 'L-peptide linking' y ARGININE                                                                                     ? 
'C6 H15 N4 O2 1'   175.209 
ASN 'L-peptide linking' y ASPARAGINE                                                                                   ? 
'C4 H8 N2 O3'      132.118 
ASP 'L-peptide linking' y 'ASPARTIC ACID'                                                                              ? 
'C4 H7 N O4'       133.103 
CAF 'L-peptide linking' n S-DIMETHYLARSINOYL-CYSTEINE                                                                  
'CYSTEIN-S-YL CACODYLATE' 'C5 H12 As N O3 S' 241.140 
CYS 'L-peptide linking' y CYSTEINE                                                                                     ? 
'C3 H7 N O2 S'     121.158 
GLN 'L-peptide linking' y GLUTAMINE                                                                                    ? 
'C5 H10 N2 O3'     146.144 
GLU 'L-peptide linking' y 'GLUTAMIC ACID'                                                                              ? 
'C5 H9 N O4'       147.129 
GLY 'peptide linking'   y GLYCINE                                                                                      ? 
'C2 H5 N O2'       75.067  
HIS 'L-peptide linking' y HISTIDINE                                                                                    ? 
'C6 H10 N3 O2 1'   156.162 
HOH non-polymer         . WATER                                                                                        ? 'H2 O' 
18.015  
ILE 'L-peptide linking' y ISOLEUCINE                                                                                   ? 
'C6 H13 N O2'      131.173 
J3M non-polymer         . '(2S)-tert-butoxy[3-(3,4-dihydro-2H-1-benzopyran-6-yl)-1-phenylisoquinolin-4-yl]acetic acid' ? 
'C30 H29 N O4'     467.556 
LEU 'L-peptide linking' y LEUCINE                                                                                      ? 
'C6 H13 N O2'      131.173 
LYS 'L-peptide linking' y LYSINE                                                                                       ? 
'C6 H15 N2 O2 1'   147.195 
MET 'L-peptide linking' y METHIONINE                                                                                   ? 
'C5 H11 N O2 S'    149.211 
PHE 'L-peptide linking' y PHENYLALANINE                                                                                ? 
'C9 H11 N O2'      165.189 
PRO 'L-peptide linking' y PROLINE                                                                                      ? 
'C5 H9 N O2'       115.130 
SER 'L-peptide linking' y SERINE                                                                                       ? 
'C3 H7 N O3'       105.093 
THR 'L-peptide linking' y THREONINE                                                                                    ? 
'C4 H9 N O3'       119.119 
TRP 'L-peptide linking' y TRYPTOPHAN                                                                                   ? 
'C11 H12 N2 O2'    204.225 
TYR 'L-peptide linking' y TYROSINE                                                                                     ? 
'C9 H11 N O3'      181.189 
VAL 'L-peptide linking' y VALINE                                                                                       ? 
'C5 H11 N O2'      117.146 
# 
loop_
_pdbx_poly_seq_scheme.asym_id 
_pdbx_poly_seq_scheme.entity_id 
_pdbx_poly_seq_scheme.seq_id 
_pdbx_poly_seq_scheme.mon_id 
_pdbx_poly_seq_scheme.ndb_seq_num 
_pdbx_poly_seq_scheme.pdb_seq_num 
_pdbx_poly_seq_scheme.auth_seq_num 
_pdbx_poly_seq_scheme.pdb_mon_id 
_pdbx_poly_seq_scheme.auth_mon_id 
_pdbx_poly_seq_scheme.pdb_strand_id 
_pdbx_poly_seq_scheme.pdb_ins_code 
_pdbx_poly_seq_scheme.hetero 
A 1 1   MET 1   30  ?   ?   ?   A . n 
A 1 2   GLY 2   31  ?   ?   ?   A . n 
A 1 3   SER 3   32  ?   ?   ?   A . n 
A 1 4   SER 4   33  ?   ?   ?   A . n 
A 1 5   HIS 5   34  ?   ?   ?   A . n 
A 1 6   HIS 6   35  ?   ?   ?   A . n 
A 1 7   HIS 7   36  ?   ?   ?   A . n 
A 1 8   HIS 8   37  ?   ?   ?   A . n 
A 1 9   HIS 9   38  ?   ?   ?   A . n 
A 1 10  HIS 10  39  ?   ?   ?   A . n 
A 1 11  SER 11  40  ?   ?   ?   A . n 
A 1 12  SER 12  41  ?   ?   ?   A . n 
A 1 13  GLY 13  42  ?   ?   ?   A . n 
A 1 14  LEU 14  43  ?   ?   ?   A . n 
A 1 15  VAL 15  44  ?   ?   ?   A . n 
A 1 16  PRO 16  45  ?   ?   ?   A . n 
A 1 17  ARG 17  46  ?   ?   ?   A . n 
A 1 18  GLY 18  47  ?   ?   ?   A . n 
A 1 19  SER 19  48  ?   ?   ?   A . n 
A 1 20  HIS 20  49  ?   ?   ?   A . n 
A 1 21  MET 21  50  ?   ?   ?   A . n 
A 1 22  HIS 22  51  ?   ?   ?   A . n 
A 1 23  GLY 23  52  ?   ?   ?   A . n 
A 1 24  GLN 24  53  ?   ?   ?   A . n 
A 1 25  VAL 25  54  ?   ?   ?   A . n 
A 1 26  ASP 26  55  ?   ?   ?   A . n 
A 1 27  CYS 27  56  56  CYS CYS A . n 
A 1 28  SER 28  57  57  SER SER A . n 
A 1 29  PRO 29  58  58  PRO PRO A . n 
A 1 30  GLY 30  59  59  GLY GLY A . n 
A 1 31  ILE 31  60  60  ILE ILE A . n 
A 1 32  TRP 32  61  61  TRP TRP A . n 
A 1 33  GLN 33  62  62  GLN GLN A . n 
A 1 34  LEU 34  63  63  LEU LEU A . n 
A 1 35  ASP 35  64  64  ASP ASP A . n 
A 1 36  CAF 36  65  65  CAF CAF A . n 
A 1 37  THR 37  66  66  THR THR A . n 
A 1 38  HIS 38  67  67  HIS HIS A . n 
A 1 39  LEU 39  68  68  LEU LEU A . n 
A 1 40  GLU 40  69  69  GLU GLU A . n 
A 1 41  GLY 41  70  70  GLY GLY A . n 
A 1 42  LYS 42  71  71  LYS LYS A . n 
A 1 43  VAL 43  72  72  VAL VAL A . n 
A 1 44  ILE 44  73  73  ILE ILE A . n 
A 1 45  LEU 45  74  74  LEU LEU A . n 
A 1 46  VAL 46  75  75  VAL VAL A . n 
A 1 47  ALA 47  76  76  ALA ALA A . n 
A 1 48  VAL 48  77  77  VAL VAL A . n 
A 1 49  HIS 49  78  78  HIS HIS A . n 
A 1 50  VAL 50  79  79  VAL VAL A . n 
A 1 51  ALA 51  80  80  ALA ALA A . n 
A 1 52  SER 52  81  81  SER SER A . n 
A 1 53  GLY 53  82  82  GLY GLY A . n 
A 1 54  TYR 54  83  83  TYR TYR A . n 
A 1 55  ILE 55  84  84  ILE ILE A . n 
A 1 56  GLU 56  85  85  GLU GLU A . n 
A 1 57  ALA 57  86  86  ALA ALA A . n 
A 1 58  GLU 58  87  87  GLU GLU A . n 
A 1 59  VAL 59  88  88  VAL VAL A . n 
A 1 60  ILE 60  89  89  ILE ILE A . n 
A 1 61  PRO 61  90  90  PRO PRO A . n 
A 1 62  ALA 62  91  91  ALA ALA A . n 
A 1 63  GLU 63  92  92  GLU GLU A . n 
A 1 64  THR 64  93  93  THR THR A . n 
A 1 65  GLY 65  94  94  GLY GLY A . n 
A 1 66  GLN 66  95  95  GLN GLN A . n 
A 1 67  GLU 67  96  96  GLU GLU A . n 
A 1 68  THR 68  97  97  THR THR A . n 
A 1 69  ALA 69  98  98  ALA ALA A . n 
A 1 70  TYR 70  99  99  TYR TYR A . n 
A 1 71  PHE 71  100 100 PHE PHE A . n 
A 1 72  LEU 72  101 101 LEU LEU A . n 
A 1 73  LEU 73  102 102 LEU LEU A . n 
A 1 74  LYS 74  103 103 LYS LYS A . n 
A 1 75  LEU 75  104 104 LEU LEU A . n 
A 1 76  ALA 76  105 105 ALA ALA A . n 
A 1 77  GLY 77  106 106 GLY GLY A . n 
A 1 78  ARG 78  107 107 ARG ARG A . n 
A 1 79  TRP 79  108 108 TRP TRP A . n 
A 1 80  PRO 80  109 109 PRO PRO A . n 
A 1 81  VAL 81  110 110 VAL VAL A . n 
A 1 82  LYS 82  111 111 LYS LYS A . n 
A 1 83  THR 83  112 112 THR THR A . n 
A 1 84  VAL 84  113 113 VAL VAL A . n 
A 1 85  HIS 85  114 114 HIS HIS A . n 
A 1 86  THR 86  115 115 THR THR A . n 
A 1 87  ASP 87  116 116 ASP ASP A . n 
A 1 88  ASN 88  117 117 ASN ASN A . n 
A 1 89  GLY 89  118 118 GLY GLY A . n 
A 1 90  SER 90  119 119 SER SER A . n 
A 1 91  ASN 91  120 120 ASN ASN A . n 
A 1 92  PHE 92  121 121 PHE PHE A . n 
A 1 93  THR 93  122 122 THR THR A . n 
A 1 94  SER 94  123 123 SER SER A . n 
A 1 95  THR 95  124 124 THR THR A . n 
A 1 96  THR 96  125 125 THR THR A . n 
A 1 97  VAL 97  126 126 VAL VAL A . n 
A 1 98  LYS 98  127 127 LYS LYS A . n 
A 1 99  ALA 99  128 128 ALA ALA A . n 
A 1 100 ALA 100 129 129 ALA ALA A . n 
A 1 101 CAF 101 130 130 CAF CAF A . n 
A 1 102 TRP 102 131 131 TRP TRP A . n 
A 1 103 TRP 103 132 132 TRP TRP A . n 
A 1 104 ALA 104 133 133 ALA ALA A . n 
A 1 105 GLY 105 134 134 GLY GLY A . n 
A 1 106 ILE 106 135 135 ILE ILE A . n 
A 1 107 LYS 107 136 136 LYS LYS A . n 
A 1 108 GLN 108 137 137 GLN GLN A . n 
A 1 109 GLU 109 138 138 GLU GLU A . n 
A 1 110 PHE 110 139 139 PHE PHE A . n 
A 1 111 GLY 111 140 140 GLY GLY A . n 
A 1 112 ILE 112 141 141 ILE ILE A . n 
A 1 113 PRO 113 142 ?   ?   ?   A . n 
A 1 114 TYR 114 143 ?   ?   ?   A . n 
A 1 115 ASN 115 144 ?   ?   ?   A . n 
A 1 116 PRO 116 145 ?   ?   ?   A . n 
A 1 117 GLN 117 146 ?   ?   ?   A . n 
A 1 118 SER 118 147 ?   ?   ?   A . n 
A 1 119 GLN 119 148 ?   ?   ?   A . n 
A 1 120 GLY 120 149 ?   ?   ?   A . n 
A 1 121 VAL 121 150 ?   ?   ?   A . n 
A 1 122 ILE 122 151 ?   ?   ?   A . n 
A 1 123 GLU 123 152 ?   ?   ?   A . n 
A 1 124 SER 124 153 153 SER SER A . n 
A 1 125 MET 125 154 154 MET MET A . n 
A 1 126 ASN 126 155 155 ASN ASN A . n 
A 1 127 LYS 127 156 156 LYS LYS A . n 
A 1 128 GLU 128 157 157 GLU GLU A . n 
A 1 129 LEU 129 158 158 LEU LEU A . n 
A 1 130 LYS 130 159 159 LYS LYS A . n 
A 1 131 LYS 131 160 160 LYS LYS A . n 
A 1 132 ILE 132 161 161 ILE ILE A . n 
A 1 133 ILE 133 162 162 ILE ILE A . n 
A 1 134 GLY 134 163 163 GLY GLY A . n 
A 1 135 GLN 135 164 164 GLN GLN A . n 
A 1 136 VAL 136 165 165 VAL VAL A . n 
A 1 137 ARG 137 166 166 ARG ARG A . n 
A 1 138 ASP 138 167 167 ASP ASP A . n 
A 1 139 GLN 139 168 168 GLN GLN A . n 
A 1 140 ALA 140 169 169 ALA ALA A . n 
A 1 141 GLU 141 170 170 GLU GLU A . n 
A 1 142 HIS 142 171 171 HIS HIS A . n 
A 1 143 LEU 143 172 172 LEU LEU A . n 
A 1 144 LYS 144 173 173 LYS LYS A . n 
A 1 145 THR 145 174 174 THR THR A . n 
A 1 146 ALA 146 175 175 ALA ALA A . n 
A 1 147 VAL 147 176 176 VAL VAL A . n 
A 1 148 GLN 148 177 177 GLN GLN A . n 
A 1 149 MET 149 178 178 MET MET A . n 
A 1 150 ALA 150 179 179 ALA ALA A . n 
A 1 151 VAL 151 180 180 VAL VAL A . n 
A 1 152 PHE 152 181 181 PHE PHE A . n 
A 1 153 ILE 153 182 182 ILE ILE A . n 
A 1 154 HIS 154 183 183 HIS HIS A . n 
A 1 155 ASN 155 184 184 ASN ASN A . n 
A 1 156 HIS 156 185 185 HIS HIS A . n 
A 1 157 LYS 157 186 186 LYS LYS A . n 
A 1 158 ARG 158 187 187 ARG ARG A . n 
A 1 159 LYS 159 188 ?   ?   ?   A . n 
A 1 160 GLY 160 189 ?   ?   ?   A . n 
A 1 161 GLY 161 190 ?   ?   ?   A . n 
A 1 162 ILE 162 191 ?   ?   ?   A . n 
A 1 163 GLY 163 192 ?   ?   ?   A . n 
A 1 164 GLY 164 193 ?   ?   ?   A . n 
A 1 165 TYR 165 194 194 TYR TYR A . n 
A 1 166 SER 166 195 195 SER SER A . n 
A 1 167 ALA 167 196 196 ALA ALA A . n 
A 1 168 GLY 168 197 197 GLY GLY A . n 
A 1 169 GLU 169 198 198 GLU GLU A . n 
A 1 170 ARG 170 199 199 ARG ARG A . n 
A 1 171 ILE 171 200 200 ILE ILE A . n 
A 1 172 VAL 172 201 201 VAL VAL A . n 
A 1 173 ASP 173 202 202 ASP ASP A . n 
A 1 174 ILE 174 203 203 ILE ILE A . n 
A 1 175 ILE 175 204 204 ILE ILE A . n 
A 1 176 ALA 176 205 205 ALA ALA A . n 
A 1 177 THR 177 206 206 THR THR A . n 
A 1 178 ASP 178 207 207 ASP ASP A . n 
A 1 179 ILE 179 208 ?   ?   ?   A . n 
A 1 180 GLN 180 209 ?   ?   ?   A . n 
A 1 181 THR 181 210 ?   ?   ?   A . n 
A 1 182 LYS 182 211 ?   ?   ?   A . n 
A 1 183 GLU 183 212 ?   ?   ?   A . n 
# 
loop_
_pdbx_nonpoly_scheme.asym_id 
_pdbx_nonpoly_scheme.entity_id 
_pdbx_nonpoly_scheme.mon_id 
_pdbx_nonpoly_scheme.ndb_seq_num 
_pdbx_nonpoly_scheme.pdb_seq_num 
_pdbx_nonpoly_scheme.auth_seq_num 
_pdbx_nonpoly_scheme.pdb_mon_id 
_pdbx_nonpoly_scheme.auth_mon_id 
_pdbx_nonpoly_scheme.pdb_strand_id 
_pdbx_nonpoly_scheme.pdb_ins_code 
B 2 J3M 1  301 210 J3M LIG A . 
C 3 HOH 1  401 19  HOH HOH A . 
C 3 HOH 2  402 8   HOH HOH A . 
C 3 HOH 3  403 32  HOH HOH A . 
C 3 HOH 4  404 7   HOH HOH A . 
C 3 HOH 5  405 35  HOH HOH A . 
C 3 HOH 6  406 18  HOH HOH A . 
C 3 HOH 7  407 6   HOH HOH A . 
C 3 HOH 8  408 40  HOH HOH A . 
C 3 HOH 9  409 28  HOH HOH A . 
C 3 HOH 10 410 4   HOH HOH A . 
C 3 HOH 11 411 3   HOH HOH A . 
C 3 HOH 12 412 9   HOH HOH A . 
C 3 HOH 13 413 27  HOH HOH A . 
C 3 HOH 14 414 25  HOH HOH A . 
C 3 HOH 15 415 34  HOH HOH A . 
C 3 HOH 16 416 10  HOH HOH A . 
C 3 HOH 17 417 51  HOH HOH A . 
C 3 HOH 18 418 11  HOH HOH A . 
C 3 HOH 19 419 37  HOH HOH A . 
C 3 HOH 20 420 26  HOH HOH A . 
C 3 HOH 21 421 12  HOH HOH A . 
C 3 HOH 22 422 1   HOH HOH A . 
C 3 HOH 23 423 20  HOH HOH A . 
C 3 HOH 24 424 49  HOH HOH A . 
C 3 HOH 25 425 22  HOH HOH A . 
C 3 HOH 26 426 31  HOH HOH A . 
C 3 HOH 27 427 5   HOH HOH A . 
C 3 HOH 28 428 17  HOH HOH A . 
C 3 HOH 29 429 2   HOH HOH A . 
C 3 HOH 30 430 39  HOH HOH A . 
C 3 HOH 31 431 21  HOH HOH A . 
C 3 HOH 32 432 15  HOH HOH A . 
C 3 HOH 33 433 48  HOH HOH A . 
C 3 HOH 34 434 42  HOH HOH A . 
C 3 HOH 35 435 36  HOH HOH A . 
C 3 HOH 36 436 16  HOH HOH A . 
C 3 HOH 37 437 13  HOH HOH A . 
C 3 HOH 38 438 43  HOH HOH A . 
C 3 HOH 39 439 38  HOH HOH A . 
C 3 HOH 40 440 45  HOH HOH A . 
C 3 HOH 41 441 24  HOH HOH A . 
C 3 HOH 42 442 14  HOH HOH A . 
C 3 HOH 43 443 29  HOH HOH A . 
C 3 HOH 44 444 44  HOH HOH A . 
C 3 HOH 45 445 46  HOH HOH A . 
C 3 HOH 46 446 30  HOH HOH A . 
C 3 HOH 47 447 47  HOH HOH A . 
C 3 HOH 48 448 33  HOH HOH A . 
C 3 HOH 49 449 23  HOH HOH A . 
C 3 HOH 50 450 41  HOH HOH A . 
# 
loop_
_software.citation_id 
_software.classification 
_software.compiler_name 
_software.compiler_version 
_software.contact_author 
_software.contact_author_email 
_software.date 
_software.description 
_software.dependencies 
_software.hardware 
_software.language 
_software.location 
_software.mods 
_software.name 
_software.os 
_software.os_version 
_software.type 
_software.version 
_software.pdbx_ordinal 
? refinement       ? ? ? ? ? ? ? ? ? ? ? PHENIX    ? ? ? '(1.10.1_2155: ???)' 1 
? 'data reduction' ? ? ? ? ? ? ? ? ? ? ? HKL-3000  ? ? ? .                    2 
? 'data scaling'   ? ? ? ? ? ? ? ? ? ? ? SCALEPACK ? ? ? .                    3 
? 'model building' ? ? ? ? ? ? ? ? ? ? ? PHENIX    ? ? ? .                    4 
? phasing          ? ? ? ? ? ? ? ? ? ? ? PHASER    ? ? ? .                    5 
# 
_cell.angle_alpha                  90.00 
_cell.angle_alpha_esd              ? 
_cell.angle_beta                   90.00 
_cell.angle_beta_esd               ? 
_cell.angle_gamma                  120.00 
_cell.angle_gamma_esd              ? 
_cell.entry_id                     6EB1 
_cell.details                      ? 
_cell.formula_units_Z              ? 
_cell.length_a                     72.338 
_cell.length_a_esd                 ? 
_cell.length_b                     72.338 
_cell.length_b_esd                 ? 
_cell.length_c                     66.619 
_cell.length_c_esd                 ? 
_cell.volume                       ? 
_cell.volume_esd                   ? 
_cell.Z_PDB                        6 
_cell.reciprocal_angle_alpha       ? 
_cell.reciprocal_angle_beta        ? 
_cell.reciprocal_angle_gamma       ? 
_cell.reciprocal_angle_alpha_esd   ? 
_cell.reciprocal_angle_beta_esd    ? 
_cell.reciprocal_angle_gamma_esd   ? 
_cell.reciprocal_length_a          ? 
_cell.reciprocal_length_b          ? 
_cell.reciprocal_length_c          ? 
_cell.reciprocal_length_a_esd      ? 
_cell.reciprocal_length_b_esd      ? 
_cell.reciprocal_length_c_esd      ? 
_cell.pdbx_unique_axis             ? 
# 
_symmetry.entry_id                         6EB1 
_symmetry.cell_setting                     ? 
_symmetry.Int_Tables_number                152 
_symmetry.space_group_name_Hall            ? 
_symmetry.space_group_name_H-M             'P 31 2 1' 
_symmetry.pdbx_full_space_group_name_H-M   ? 
# 
_exptl.absorpt_coefficient_mu     ? 
_exptl.absorpt_correction_T_max   ? 
_exptl.absorpt_correction_T_min   ? 
_exptl.absorpt_correction_type    ? 
_exptl.absorpt_process_details    ? 
_exptl.entry_id                   6EB1 
_exptl.crystals_number            1 
_exptl.details                    ? 
_exptl.method                     'X-RAY DIFFRACTION' 
_exptl.method_details             ? 
# 
_exptl_crystal.colour                      ? 
_exptl_crystal.density_diffrn              ? 
_exptl_crystal.density_Matthews            2.47 
_exptl_crystal.density_method              ? 
_exptl_crystal.density_percent_sol         50.30 
_exptl_crystal.description                 ? 
_exptl_crystal.F_000                       ? 
_exptl_crystal.id                          1 
_exptl_crystal.preparation                 ? 
_exptl_crystal.size_max                    ? 
_exptl_crystal.size_mid                    ? 
_exptl_crystal.size_min                    ? 
_exptl_crystal.size_rad                    ? 
_exptl_crystal.colour_lustre               ? 
_exptl_crystal.colour_modifier             ? 
_exptl_crystal.colour_primary              ? 
_exptl_crystal.density_meas                ? 
_exptl_crystal.density_meas_esd            ? 
_exptl_crystal.density_meas_gt             ? 
_exptl_crystal.density_meas_lt             ? 
_exptl_crystal.density_meas_temp           ? 
_exptl_crystal.density_meas_temp_esd       ? 
_exptl_crystal.density_meas_temp_gt        ? 
_exptl_crystal.density_meas_temp_lt        ? 
_exptl_crystal.pdbx_crystal_image_url      ? 
_exptl_crystal.pdbx_crystal_image_format   ? 
_exptl_crystal.pdbx_mosaicity              ? 
_exptl_crystal.pdbx_mosaicity_esd          ? 
# 
_exptl_crystal_grow.apparatus       ? 
_exptl_crystal_grow.atmosphere      ? 
_exptl_crystal_grow.crystal_id      1 
_exptl_crystal_grow.details         ? 
_exptl_crystal_grow.method          'VAPOR DIFFUSION, HANGING DROP' 
_exptl_crystal_grow.method_ref      ? 
_exptl_crystal_grow.pH              6.5 
_exptl_crystal_grow.pressure        ? 
_exptl_crystal_grow.pressure_esd    ? 
_exptl_crystal_grow.seeding         ? 
_exptl_crystal_grow.seeding_ref     ? 
_exptl_crystal_grow.temp            277.15 
_exptl_crystal_grow.temp_details    ? 
_exptl_crystal_grow.temp_esd        ? 
_exptl_crystal_grow.time            ? 
_exptl_crystal_grow.pdbx_details    '0.1 M ammonium sulfate, 0.1 M sodium cacodylate trihydrate, pH 6.5, 10% PEG8000, 5 mM DTT' 
_exptl_crystal_grow.pdbx_pH_range   ? 
# 
_diffrn.ambient_environment              ? 
_diffrn.ambient_temp                     100 
_diffrn.ambient_temp_details             ? 
_diffrn.ambient_temp_esd                 ? 
_diffrn.crystal_id                       1 
_diffrn.crystal_support                  ? 
_diffrn.crystal_treatment                ? 
_diffrn.details                          ? 
_diffrn.id                               1 
_diffrn.ambient_pressure                 ? 
_diffrn.ambient_pressure_esd             ? 
_diffrn.ambient_pressure_gt              ? 
_diffrn.ambient_pressure_lt              ? 
_diffrn.ambient_temp_gt                  ? 
_diffrn.ambient_temp_lt                  ? 
_diffrn.pdbx_serial_crystal_experiment   ? 
# 
_diffrn_detector.details                      ? 
_diffrn_detector.detector                     PIXEL 
_diffrn_detector.diffrn_id                    1 
_diffrn_detector.type                         'DECTRIS PILATUS 200K' 
_diffrn_detector.area_resol_mean              ? 
_diffrn_detector.dtime                        ? 
_diffrn_detector.pdbx_frames_total            ? 
_diffrn_detector.pdbx_collection_time_total   ? 
_diffrn_detector.pdbx_collection_date         2017-11-07 
_diffrn_detector.pdbx_frequency               ? 
# 
_diffrn_radiation.collimation                      ? 
_diffrn_radiation.diffrn_id                        1 
_diffrn_radiation.filter_edge                      ? 
_diffrn_radiation.inhomogeneity                    ? 
_diffrn_radiation.monochromator                    ? 
_diffrn_radiation.polarisn_norm                    ? 
_diffrn_radiation.polarisn_ratio                   ? 
_diffrn_radiation.probe                            ? 
_diffrn_radiation.type                             ? 
_diffrn_radiation.xray_symbol                      ? 
_diffrn_radiation.wavelength_id                    1 
_diffrn_radiation.pdbx_monochromatic_or_laue_m_l   M 
_diffrn_radiation.pdbx_wavelength_list             ? 
_diffrn_radiation.pdbx_wavelength                  ? 
_diffrn_radiation.pdbx_diffrn_protocol             'SINGLE WAVELENGTH' 
_diffrn_radiation.pdbx_analyzer                    ? 
_diffrn_radiation.pdbx_scattering_type             x-ray 
# 
_diffrn_radiation_wavelength.id           1 
_diffrn_radiation_wavelength.wavelength   1.514 
_diffrn_radiation_wavelength.wt           1.0 
# 
_diffrn_source.current                     ? 
_diffrn_source.details                     ? 
_diffrn_source.diffrn_id                   1 
_diffrn_source.power                       ? 
_diffrn_source.size                        ? 
_diffrn_source.source                      'ROTATING ANODE' 
_diffrn_source.target                      ? 
_diffrn_source.type                        'RIGAKU MICROMAX-007 HF' 
_diffrn_source.voltage                     ? 
_diffrn_source.take-off_angle              ? 
_diffrn_source.pdbx_wavelength_list        1.514 
_diffrn_source.pdbx_wavelength             ? 
_diffrn_source.pdbx_synchrotron_beamline   ? 
_diffrn_source.pdbx_synchrotron_site       ? 
# 
_reflns.B_iso_Wilson_estimate            ? 
_reflns.entry_id                         6EB1 
_reflns.data_reduction_details           ? 
_reflns.data_reduction_method            ? 
_reflns.d_resolution_high                2.14 
_reflns.d_resolution_low                 50.0 
_reflns.details                          ? 
_reflns.limit_h_max                      ? 
_reflns.limit_h_min                      ? 
_reflns.limit_k_max                      ? 
_reflns.limit_k_min                      ? 
_reflns.limit_l_max                      ? 
_reflns.limit_l_min                      ? 
_reflns.number_all                       ? 
_reflns.number_obs                       19777 
_reflns.observed_criterion               ? 
_reflns.observed_criterion_F_max         ? 
_reflns.observed_criterion_F_min         ? 
_reflns.observed_criterion_I_max         ? 
_reflns.observed_criterion_I_min         ? 
_reflns.observed_criterion_sigma_F       ? 
_reflns.observed_criterion_sigma_I       ? 
_reflns.percent_possible_obs             99.5 
_reflns.R_free_details                   ? 
_reflns.Rmerge_F_all                     ? 
_reflns.Rmerge_F_obs                     ? 
_reflns.Friedel_coverage                 ? 
_reflns.number_gt                        ? 
_reflns.threshold_expression             ? 
_reflns.pdbx_redundancy                  3.8 
_reflns.pdbx_Rmerge_I_obs                ? 
_reflns.pdbx_Rmerge_I_all                ? 
_reflns.pdbx_Rsym_value                  ? 
_reflns.pdbx_netI_over_av_sigmaI         ? 
_reflns.pdbx_netI_over_sigmaI            19.9 
_reflns.pdbx_res_netI_over_av_sigmaI_2   ? 
_reflns.pdbx_res_netI_over_sigmaI_2      ? 
_reflns.pdbx_chi_squared                 ? 
_reflns.pdbx_scaling_rejects             ? 
_reflns.pdbx_d_res_high_opt              ? 
_reflns.pdbx_d_res_low_opt               ? 
_reflns.pdbx_d_res_opt_method            ? 
_reflns.phase_calculation_details        ? 
_reflns.pdbx_Rrim_I_all                  ? 
_reflns.pdbx_Rpim_I_all                  0.060 
_reflns.pdbx_d_opt                       ? 
_reflns.pdbx_number_measured_all         ? 
_reflns.pdbx_diffrn_id                   1 
_reflns.pdbx_ordinal                     1 
_reflns.pdbx_CC_half                     ? 
_reflns.pdbx_R_split                     ? 
# 
_reflns_shell.d_res_high                  2.14 
_reflns_shell.d_res_low                   2.14 
_reflns_shell.meanI_over_sigI_all         ? 
_reflns_shell.meanI_over_sigI_obs         ? 
_reflns_shell.number_measured_all         ? 
_reflns_shell.number_measured_obs         ? 
_reflns_shell.number_possible             ? 
_reflns_shell.number_unique_all           ? 
_reflns_shell.number_unique_obs           ? 
_reflns_shell.percent_possible_all        ? 
_reflns_shell.percent_possible_obs        ? 
_reflns_shell.Rmerge_F_all                ? 
_reflns_shell.Rmerge_F_obs                ? 
_reflns_shell.Rmerge_I_all                ? 
_reflns_shell.Rmerge_I_obs                ? 
_reflns_shell.meanI_over_sigI_gt          ? 
_reflns_shell.meanI_over_uI_all           ? 
_reflns_shell.meanI_over_uI_gt            ? 
_reflns_shell.number_measured_gt          ? 
_reflns_shell.number_unique_gt            ? 
_reflns_shell.percent_possible_gt         ? 
_reflns_shell.Rmerge_F_gt                 ? 
_reflns_shell.Rmerge_I_gt                 ? 
_reflns_shell.pdbx_redundancy             ? 
_reflns_shell.pdbx_Rsym_value             ? 
_reflns_shell.pdbx_chi_squared            ? 
_reflns_shell.pdbx_netI_over_sigmaI_all   ? 
_reflns_shell.pdbx_netI_over_sigmaI_obs   ? 
_reflns_shell.pdbx_Rrim_I_all             ? 
_reflns_shell.pdbx_Rpim_I_all             0.315 
_reflns_shell.pdbx_rejects                ? 
_reflns_shell.pdbx_ordinal                1 
_reflns_shell.pdbx_diffrn_id              1 
_reflns_shell.pdbx_CC_half                ? 
_reflns_shell.pdbx_R_split                ? 
# 
_refine.aniso_B[1][1]                            ? 
_refine.aniso_B[1][2]                            ? 
_refine.aniso_B[1][3]                            ? 
_refine.aniso_B[2][2]                            ? 
_refine.aniso_B[2][3]                            ? 
_refine.aniso_B[3][3]                            ? 
_refine.B_iso_max                                ? 
_refine.B_iso_mean                               ? 
_refine.B_iso_min                                ? 
_refine.correlation_coeff_Fo_to_Fc               ? 
_refine.correlation_coeff_Fo_to_Fc_free          ? 
_refine.details                                  ? 
_refine.diff_density_max                         ? 
_refine.diff_density_max_esd                     ? 
_refine.diff_density_min                         ? 
_refine.diff_density_min_esd                     ? 
_refine.diff_density_rms                         ? 
_refine.diff_density_rms_esd                     ? 
_refine.entry_id                                 6EB1 
_refine.pdbx_refine_id                           'X-RAY DIFFRACTION' 
_refine.ls_abs_structure_details                 ? 
_refine.ls_abs_structure_Flack                   ? 
_refine.ls_abs_structure_Flack_esd               ? 
_refine.ls_abs_structure_Rogers                  ? 
_refine.ls_abs_structure_Rogers_esd              ? 
_refine.ls_d_res_high                            2.200 
_refine.ls_d_res_low                             45.638 
_refine.ls_extinction_coef                       ? 
_refine.ls_extinction_coef_esd                   ? 
_refine.ls_extinction_expression                 ? 
_refine.ls_extinction_method                     ? 
_refine.ls_goodness_of_fit_all                   ? 
_refine.ls_goodness_of_fit_all_esd               ? 
_refine.ls_goodness_of_fit_obs                   ? 
_refine.ls_goodness_of_fit_obs_esd               ? 
_refine.ls_hydrogen_treatment                    ? 
_refine.ls_matrix_type                           ? 
_refine.ls_number_constraints                    ? 
_refine.ls_number_parameters                     ? 
_refine.ls_number_reflns_all                     ? 
_refine.ls_number_reflns_obs                     17287 
_refine.ls_number_reflns_R_free                  1744 
_refine.ls_number_reflns_R_work                  ? 
_refine.ls_number_restraints                     ? 
_refine.ls_percent_reflns_obs                    71.95 
_refine.ls_percent_reflns_R_free                 10.09 
_refine.ls_R_factor_all                          ? 
_refine.ls_R_factor_obs                          0.2081 
_refine.ls_R_factor_R_free                       0.2413 
_refine.ls_R_factor_R_free_error                 ? 
_refine.ls_R_factor_R_free_error_details         ? 
_refine.ls_R_factor_R_work                       0.2042 
_refine.ls_R_Fsqd_factor_obs                     ? 
_refine.ls_R_I_factor_obs                        ? 
_refine.ls_redundancy_reflns_all                 ? 
_refine.ls_redundancy_reflns_obs                 ? 
_refine.ls_restrained_S_all                      ? 
_refine.ls_restrained_S_obs                      ? 
_refine.ls_shift_over_esd_max                    ? 
_refine.ls_shift_over_esd_mean                   ? 
_refine.ls_structure_factor_coef                 ? 
_refine.ls_weighting_details                     ? 
_refine.ls_weighting_scheme                      ? 
_refine.ls_wR_factor_all                         ? 
_refine.ls_wR_factor_obs                         ? 
_refine.ls_wR_factor_R_free                      ? 
_refine.ls_wR_factor_R_work                      ? 
_refine.occupancy_max                            ? 
_refine.occupancy_min                            ? 
_refine.solvent_model_details                    ? 
_refine.solvent_model_param_bsol                 ? 
_refine.solvent_model_param_ksol                 ? 
_refine.ls_R_factor_gt                           ? 
_refine.ls_goodness_of_fit_gt                    ? 
_refine.ls_goodness_of_fit_ref                   ? 
_refine.ls_shift_over_su_max                     ? 
_refine.ls_shift_over_su_max_lt                  ? 
_refine.ls_shift_over_su_mean                    ? 
_refine.ls_shift_over_su_mean_lt                 ? 
_refine.pdbx_ls_sigma_I                          ? 
_refine.pdbx_ls_sigma_F                          1.34 
_refine.pdbx_ls_sigma_Fsqd                       ? 
_refine.pdbx_data_cutoff_high_absF               ? 
_refine.pdbx_data_cutoff_high_rms_absF           ? 
_refine.pdbx_data_cutoff_low_absF                ? 
_refine.pdbx_isotropic_thermal_model             ? 
_refine.pdbx_ls_cross_valid_method               'FREE R-VALUE' 
_refine.pdbx_method_to_determine_struct          'MOLECULAR REPLACEMENT' 
_refine.pdbx_starting_model                      'PDB entry 4O55' 
_refine.pdbx_stereochemistry_target_values       ? 
_refine.pdbx_R_Free_selection_details            ? 
_refine.pdbx_stereochem_target_val_spec_case     ? 
_refine.pdbx_overall_ESU_R                       ? 
_refine.pdbx_overall_ESU_R_Free                  ? 
_refine.pdbx_solvent_vdw_probe_radii             1.11 
_refine.pdbx_solvent_ion_probe_radii             ? 
_refine.pdbx_solvent_shrinkage_radii             0.90 
_refine.pdbx_real_space_R                        ? 
_refine.pdbx_density_correlation                 ? 
_refine.pdbx_pd_number_of_powder_patterns        ? 
_refine.pdbx_pd_number_of_points                 ? 
_refine.pdbx_pd_meas_number_of_points            ? 
_refine.pdbx_pd_proc_ls_prof_R_factor            ? 
_refine.pdbx_pd_proc_ls_prof_wR_factor           ? 
_refine.pdbx_pd_Marquardt_correlation_coeff      ? 
_refine.pdbx_pd_Fsqrd_R_factor                   ? 
_refine.pdbx_pd_ls_matrix_band_width             ? 
_refine.pdbx_overall_phase_error                 25.57 
_refine.pdbx_overall_SU_R_free_Cruickshank_DPI   ? 
_refine.pdbx_overall_SU_R_free_Blow_DPI          ? 
_refine.pdbx_overall_SU_R_Blow_DPI               ? 
_refine.pdbx_TLS_residual_ADP_flag               ? 
_refine.pdbx_diffrn_id                           1 
_refine.overall_SU_B                             ? 
_refine.overall_SU_ML                            0.27 
_refine.overall_SU_R_Cruickshank_DPI             ? 
_refine.overall_SU_R_free                        ? 
_refine.overall_FOM_free_R_set                   ? 
_refine.overall_FOM_work_R_set                   ? 
_refine.pdbx_average_fsc_overall                 ? 
_refine.pdbx_average_fsc_work                    ? 
_refine.pdbx_average_fsc_free                    ? 
# 
_refine_hist.pdbx_refine_id                   'X-RAY DIFFRACTION' 
_refine_hist.cycle_id                         LAST 
_refine_hist.pdbx_number_atoms_protein        1060 
_refine_hist.pdbx_number_atoms_nucleic_acid   0 
_refine_hist.pdbx_number_atoms_ligand         35 
_refine_hist.number_atoms_solvent             50 
_refine_hist.number_atoms_total               1145 
_refine_hist.d_res_high                       2.200 
_refine_hist.d_res_low                        45.638 
# 
loop_
_refine_ls_restr.pdbx_refine_id 
_refine_ls_restr.criterion 
_refine_ls_restr.dev_ideal 
_refine_ls_restr.dev_ideal_target 
_refine_ls_restr.number 
_refine_ls_restr.rejects 
_refine_ls_restr.type 
_refine_ls_restr.weight 
_refine_ls_restr.pdbx_restraint_function 
'X-RAY DIFFRACTION' ? 0.009  ? 1120 ? f_bond_d           ? ? 
'X-RAY DIFFRACTION' ? 1.030  ? 1523 ? f_angle_d          ? ? 
'X-RAY DIFFRACTION' ? 19.840 ? 633  ? f_dihedral_angle_d ? ? 
'X-RAY DIFFRACTION' ? 0.052  ? 168  ? f_chiral_restr     ? ? 
'X-RAY DIFFRACTION' ? 0.004  ? 184  ? f_plane_restr      ? ? 
# 
loop_
_refine_ls_shell.pdbx_refine_id 
_refine_ls_shell.d_res_high 
_refine_ls_shell.d_res_low 
_refine_ls_shell.number_reflns_all 
_refine_ls_shell.number_reflns_obs 
_refine_ls_shell.number_reflns_R_free 
_refine_ls_shell.number_reflns_R_work 
_refine_ls_shell.percent_reflns_obs 
_refine_ls_shell.percent_reflns_R_free 
_refine_ls_shell.R_factor_all 
_refine_ls_shell.R_factor_obs 
_refine_ls_shell.R_factor_R_free 
_refine_ls_shell.R_factor_R_free_error 
_refine_ls_shell.R_factor_R_work 
_refine_ls_shell.redundancy_reflns_all 
_refine_ls_shell.redundancy_reflns_obs 
_refine_ls_shell.wR_factor_all 
_refine_ls_shell.wR_factor_obs 
_refine_ls_shell.wR_factor_R_free 
_refine_ls_shell.wR_factor_R_work 
_refine_ls_shell.pdbx_total_number_of_bins_used 
_refine_ls_shell.pdbx_phase_error 
_refine_ls_shell.pdbx_fsc_work 
_refine_ls_shell.pdbx_fsc_free 
'X-RAY DIFFRACTION' 2.2001 2.2648  . . 132 1243 83.00 . . . 0.3571 . 0.2721 . . . . . . . . . . 
'X-RAY DIFFRACTION' 2.2648 2.3379  . . 148 1260 84.00 . . . 0.3478 . 0.2645 . . . . . . . . . . 
'X-RAY DIFFRACTION' 2.3379 2.4215  . . 137 1241 85.00 . . . 0.3052 . 0.2560 . . . . . . . . . . 
'X-RAY DIFFRACTION' 2.4215 2.5184  . . 137 1301 86.00 . . . 0.2682 . 0.2248 . . . . . . . . . . 
'X-RAY DIFFRACTION' 2.5184 2.6330  . . 143 1256 86.00 . . . 0.3032 . 0.2176 . . . . . . . . . . 
'X-RAY DIFFRACTION' 2.6330 2.7718  . . 153 1287 87.00 . . . 0.2207 . 0.2135 . . . . . . . . . . 
'X-RAY DIFFRACTION' 2.7718 2.9455  . . 146 1286 88.00 . . . 0.2544 . 0.2100 . . . . . . . . . . 
'X-RAY DIFFRACTION' 2.9455 3.1729  . . 148 1320 88.00 . . . 0.2895 . 0.2113 . . . . . . . . . . 
'X-RAY DIFFRACTION' 3.1729 3.4920  . . 143 1320 88.00 . . . 0.2676 . 0.2028 . . . . . . . . . . 
'X-RAY DIFFRACTION' 3.4920 3.9971  . . 152 1306 89.00 . . . 0.1777 . 0.1728 . . . . . . . . . . 
'X-RAY DIFFRACTION' 3.9971 5.0349  . . 151 1348 90.00 . . . 0.1828 . 0.1625 . . . . . . . . . . 
'X-RAY DIFFRACTION' 5.0349 45.6474 . . 154 1375 93.00 . . . 0.2204 . 0.2055 . . . . . . . . . . 
# 
_struct.entry_id                     6EB1 
_struct.title                        
;HIV-1 Integrase Catalytic Core Domain Complexed with Allosteric Inhibitor (2S)-tert-butoxy[3-(3,4-dihydro-2H-1-benzopyran-6-yl)-1-phenylisoquinolin-4-yl]acetic acid
;
_struct.pdbx_model_details           ? 
_struct.pdbx_formula_weight          ? 
_struct.pdbx_formula_weight_method   ? 
_struct.pdbx_model_type_details      ? 
_struct.pdbx_CASP_flag               N 
# 
_struct_keywords.entry_id        6EB1 
_struct_keywords.text            'HIV, Integrase, inhibitor, allosteric, TRANSFERASE-TRANSFERASE INHIBITOR complex' 
_struct_keywords.pdbx_keywords   'TRANSFERASE/TRANSFERASE INHIBITOR' 
# 
loop_
_struct_asym.id 
_struct_asym.pdbx_blank_PDB_chainid_flag 
_struct_asym.pdbx_modified 
_struct_asym.entity_id 
_struct_asym.details 
A N N 1 ? 
B N N 2 ? 
C N N 3 ? 
# 
_struct_ref.id                         1 
_struct_ref.db_name                    UNP 
_struct_ref.db_code                    F2WR52_9HIV1 
_struct_ref.pdbx_db_accession          F2WR52 
_struct_ref.pdbx_db_isoform            ? 
_struct_ref.entity_id                  1 
_struct_ref.pdbx_seq_one_letter_code   
;MHGQVDCSPGIWQLDCTHLEGKVILVAVHVASGYIEAEVIPAETGQETAYFLLKLAGRWPVKTVHTDNGSNFTSTTVKAA
CWWAGIKQEFGIPYNPQSQGVIESMNKELKKIIGQVRDQAEHLKTAVQMAVFIHNFKRKGGIGGYSAGERIVDIIATDIQ
TKE
;
_struct_ref.pdbx_align_begin           50 
# 
_struct_ref_seq.align_id                      1 
_struct_ref_seq.ref_id                        1 
_struct_ref_seq.pdbx_PDB_id_code              6EB1 
_struct_ref_seq.pdbx_strand_id                A 
_struct_ref_seq.seq_align_beg                 21 
_struct_ref_seq.pdbx_seq_align_beg_ins_code   ? 
_struct_ref_seq.seq_align_end                 183 
_struct_ref_seq.pdbx_seq_align_end_ins_code   ? 
_struct_ref_seq.pdbx_db_accession             F2WR52 
_struct_ref_seq.db_align_beg                  50 
_struct_ref_seq.pdbx_db_align_beg_ins_code    ? 
_struct_ref_seq.db_align_end                  212 
_struct_ref_seq.pdbx_db_align_end_ins_code    ? 
_struct_ref_seq.pdbx_auth_seq_align_beg       50 
_struct_ref_seq.pdbx_auth_seq_align_end       212 
# 
loop_
_struct_ref_seq_dif.align_id 
_struct_ref_seq_dif.pdbx_pdb_id_code 
_struct_ref_seq_dif.mon_id 
_struct_ref_seq_dif.pdbx_pdb_strand_id 
_struct_ref_seq_dif.seq_num 
_struct_ref_seq_dif.pdbx_pdb_ins_code 
_struct_ref_seq_dif.pdbx_seq_db_name 
_struct_ref_seq_dif.pdbx_seq_db_accession_code 
_struct_ref_seq_dif.db_mon_id 
_struct_ref_seq_dif.pdbx_seq_db_seq_num 
_struct_ref_seq_dif.details 
_struct_ref_seq_dif.pdbx_auth_seq_num 
_struct_ref_seq_dif.pdbx_ordinal 
1 6EB1 MET A 1   ? UNP F2WR52 ?   ?   'expression tag'      30  1  
1 6EB1 GLY A 2   ? UNP F2WR52 ?   ?   'expression tag'      31  2  
1 6EB1 SER A 3   ? UNP F2WR52 ?   ?   'expression tag'      32  3  
1 6EB1 SER A 4   ? UNP F2WR52 ?   ?   'expression tag'      33  4  
1 6EB1 HIS A 5   ? UNP F2WR52 ?   ?   'expression tag'      34  5  
1 6EB1 HIS A 6   ? UNP F2WR52 ?   ?   'expression tag'      35  6  
1 6EB1 HIS A 7   ? UNP F2WR52 ?   ?   'expression tag'      36  7  
1 6EB1 HIS A 8   ? UNP F2WR52 ?   ?   'expression tag'      37  8  
1 6EB1 HIS A 9   ? UNP F2WR52 ?   ?   'expression tag'      38  9  
1 6EB1 HIS A 10  ? UNP F2WR52 ?   ?   'expression tag'      39  10 
1 6EB1 SER A 11  ? UNP F2WR52 ?   ?   'expression tag'      40  11 
1 6EB1 SER A 12  ? UNP F2WR52 ?   ?   'expression tag'      41  12 
1 6EB1 GLY A 13  ? UNP F2WR52 ?   ?   'expression tag'      42  13 
1 6EB1 LEU A 14  ? UNP F2WR52 ?   ?   'expression tag'      43  14 
1 6EB1 VAL A 15  ? UNP F2WR52 ?   ?   'expression tag'      44  15 
1 6EB1 PRO A 16  ? UNP F2WR52 ?   ?   'expression tag'      45  16 
1 6EB1 ARG A 17  ? UNP F2WR52 ?   ?   'expression tag'      46  17 
1 6EB1 GLY A 18  ? UNP F2WR52 ?   ?   'expression tag'      47  18 
1 6EB1 SER A 19  ? UNP F2WR52 ?   ?   'expression tag'      48  19 
1 6EB1 HIS A 20  ? UNP F2WR52 ?   ?   'expression tag'      49  20 
1 6EB1 HIS A 156 ? UNP F2WR52 PHE 185 'engineered mutation' 185 21 
# 
_pdbx_struct_assembly.id                   1 
_pdbx_struct_assembly.details              author_and_software_defined_assembly 
_pdbx_struct_assembly.method_details       PISA 
_pdbx_struct_assembly.oligomeric_details   dimeric 
_pdbx_struct_assembly.oligomeric_count     2 
# 
loop_
_pdbx_struct_assembly_prop.biol_id 
_pdbx_struct_assembly_prop.type 
_pdbx_struct_assembly_prop.value 
_pdbx_struct_assembly_prop.details 
1 'ABSA (A^2)' 3030  ? 
1 MORE         -14   ? 
1 'SSA (A^2)'  12070 ? 
# 
_pdbx_struct_assembly_gen.assembly_id       1 
_pdbx_struct_assembly_gen.oper_expression   1,2 
_pdbx_struct_assembly_gen.asym_id_list      A,B,C 
# 
_pdbx_struct_assembly_auth_evidence.id                     1 
_pdbx_struct_assembly_auth_evidence.assembly_id            1 
_pdbx_struct_assembly_auth_evidence.experimental_support   'gel filtration' 
_pdbx_struct_assembly_auth_evidence.details                ? 
# 
loop_
_pdbx_struct_oper_list.id 
_pdbx_struct_oper_list.type 
_pdbx_struct_oper_list.name 
_pdbx_struct_oper_list.symmetry_operation 
_pdbx_struct_oper_list.matrix[1][1] 
_pdbx_struct_oper_list.matrix[1][2] 
_pdbx_struct_oper_list.matrix[1][3] 
_pdbx_struct_oper_list.vector[1] 
_pdbx_struct_oper_list.matrix[2][1] 
_pdbx_struct_oper_list.matrix[2][2] 
_pdbx_struct_oper_list.matrix[2][3] 
_pdbx_struct_oper_list.vector[2] 
_pdbx_struct_oper_list.matrix[3][1] 
_pdbx_struct_oper_list.matrix[3][2] 
_pdbx_struct_oper_list.matrix[3][3] 
_pdbx_struct_oper_list.vector[3] 
1 'identity operation'         1_555 x,y,z          1.0000000000  0.0000000000  0.0000000000  0.0000000000  0.0000000000  1.0000000000  0.0000000000 0.0000000000   0.0000000000  0.0000000000 1.0000000000 0.0000000000 
2 'crystal symmetry operation' 6_554 -x,-x+y,-z-2/3 -0.9404514006 -0.1249952397 -0.3161128804 12.7886626144 -0.1249952397 -0.7376292624 0.6635354258 -12.5960820565 -0.3161128804 0.6635354258 0.6780806631 7.3897565950 
# 
loop_
_struct_conf.conf_type_id 
_struct_conf.id 
_struct_conf.pdbx_PDB_helix_id 
_struct_conf.beg_label_comp_id 
_struct_conf.beg_label_asym_id 
_struct_conf.beg_label_seq_id 
_struct_conf.pdbx_beg_PDB_ins_code 
_struct_conf.end_label_comp_id 
_struct_conf.end_label_asym_id 
_struct_conf.end_label_seq_id 
_struct_conf.pdbx_end_PDB_ins_code 
_struct_conf.beg_auth_comp_id 
_struct_conf.beg_auth_asym_id 
_struct_conf.beg_auth_seq_id 
_struct_conf.end_auth_comp_id 
_struct_conf.end_auth_asym_id 
_struct_conf.end_auth_seq_id 
_struct_conf.pdbx_PDB_helix_class 
_struct_conf.details 
_struct_conf.pdbx_PDB_helix_length 
HELX_P HELX_P1 AA1 THR A 64  ? TRP A 79  ? THR A 93  TRP A 108 1 ? 16 
HELX_P HELX_P2 AA2 ASN A 88  ? THR A 93  ? ASN A 117 THR A 122 5 ? 6  
HELX_P HELX_P3 AA3 SER A 94  ? GLY A 105 ? SER A 123 GLY A 134 1 ? 12 
HELX_P HELX_P4 AA4 MET A 125 ? ARG A 137 ? MET A 154 ARG A 166 1 ? 13 
HELX_P HELX_P5 AA5 ASP A 138 ? ALA A 140 ? ASP A 167 ALA A 169 5 ? 3  
HELX_P HELX_P6 AA6 HIS A 142 ? LYS A 157 ? HIS A 171 LYS A 186 1 ? 16 
HELX_P HELX_P7 AA7 SER A 166 ? ASP A 178 ? SER A 195 ASP A 207 1 ? 13 
# 
_struct_conf_type.id          HELX_P 
_struct_conf_type.criteria    ? 
_struct_conf_type.reference   ? 
# 
loop_
_struct_conn.id 
_struct_conn.conn_type_id 
_struct_conn.pdbx_leaving_atom_flag 
_struct_conn.pdbx_PDB_id 
_struct_conn.ptnr1_label_asym_id 
_struct_conn.ptnr1_label_comp_id 
_struct_conn.ptnr1_label_seq_id 
_struct_conn.ptnr1_label_atom_id 
_struct_conn.pdbx_ptnr1_label_alt_id 
_struct_conn.pdbx_ptnr1_PDB_ins_code 
_struct_conn.pdbx_ptnr1_standard_comp_id 
_struct_conn.ptnr1_symmetry 
_struct_conn.ptnr2_label_asym_id 
_struct_conn.ptnr2_label_comp_id 
_struct_conn.ptnr2_label_seq_id 
_struct_conn.ptnr2_label_atom_id 
_struct_conn.pdbx_ptnr2_label_alt_id 
_struct_conn.pdbx_ptnr2_PDB_ins_code 
_struct_conn.ptnr1_auth_asym_id 
_struct_conn.ptnr1_auth_comp_id 
_struct_conn.ptnr1_auth_seq_id 
_struct_conn.ptnr2_auth_asym_id 
_struct_conn.ptnr2_auth_comp_id 
_struct_conn.ptnr2_auth_seq_id 
_struct_conn.ptnr2_symmetry 
_struct_conn.pdbx_ptnr3_label_atom_id 
_struct_conn.pdbx_ptnr3_label_seq_id 
_struct_conn.pdbx_ptnr3_label_comp_id 
_struct_conn.pdbx_ptnr3_label_asym_id 
_struct_conn.pdbx_ptnr3_label_alt_id 
_struct_conn.pdbx_ptnr3_PDB_ins_code 
_struct_conn.details 
_struct_conn.pdbx_dist_value 
_struct_conn.pdbx_value_order 
_struct_conn.pdbx_role 
covale1 covale both ? A ASP 35  C ? ? ? 1_555 A CAF 36  N ? ? A ASP 64  A CAF 65  1_555 ? ? ? ? ? ? ? 1.326 ? ? 
covale2 covale both ? A CAF 36  C ? ? ? 1_555 A THR 37  N ? ? A CAF 65  A THR 66  1_555 ? ? ? ? ? ? ? 1.335 ? ? 
covale3 covale both ? A ALA 100 C ? ? ? 1_555 A CAF 101 N ? ? A ALA 129 A CAF 130 1_555 ? ? ? ? ? ? ? 1.327 ? ? 
covale4 covale both ? A CAF 101 C ? ? ? 1_555 A TRP 102 N ? ? A CAF 130 A TRP 131 1_555 ? ? ? ? ? ? ? 1.332 ? ? 
# 
_struct_conn_type.id          covale 
_struct_conn_type.criteria    ? 
_struct_conn_type.reference   ? 
# 
loop_
_pdbx_modification_feature.ordinal 
_pdbx_modification_feature.label_comp_id 
_pdbx_modification_feature.label_asym_id 
_pdbx_modification_feature.label_seq_id 
_pdbx_modification_feature.label_alt_id 
_pdbx_modification_feature.modified_residue_label_comp_id 
_pdbx_modification_feature.modified_residue_label_asym_id 
_pdbx_modification_feature.modified_residue_label_seq_id 
_pdbx_modification_feature.modified_residue_label_alt_id 
_pdbx_modification_feature.auth_comp_id 
_pdbx_modification_feature.auth_asym_id 
_pdbx_modification_feature.auth_seq_id 
_pdbx_modification_feature.PDB_ins_code 
_pdbx_modification_feature.symmetry 
_pdbx_modification_feature.modified_residue_auth_comp_id 
_pdbx_modification_feature.modified_residue_auth_asym_id 
_pdbx_modification_feature.modified_residue_auth_seq_id 
_pdbx_modification_feature.modified_residue_PDB_ins_code 
_pdbx_modification_feature.modified_residue_symmetry 
_pdbx_modification_feature.comp_id_linking_atom 
_pdbx_modification_feature.modified_residue_id_linking_atom 
_pdbx_modification_feature.modified_residue_id 
_pdbx_modification_feature.ref_pcm_id 
_pdbx_modification_feature.ref_comp_id 
_pdbx_modification_feature.type 
_pdbx_modification_feature.category 
1 CAF A 36  ? . . . . CAF A 65  ? 1_555 . . . . . . . CYS 1 CAF None 'Non-standard residue' 
2 CAF A 101 ? . . . . CAF A 130 ? 1_555 . . . . . . . CYS 1 CAF None 'Non-standard residue' 
# 
_struct_sheet.id               AA1 
_struct_sheet.type             ? 
_struct_sheet.number_strands   5 
_struct_sheet.details          ? 
# 
loop_
_struct_sheet_order.sheet_id 
_struct_sheet_order.range_id_1 
_struct_sheet_order.range_id_2 
_struct_sheet_order.offset 
_struct_sheet_order.sense 
AA1 1 2 ? anti-parallel 
AA1 2 3 ? anti-parallel 
AA1 3 4 ? parallel      
AA1 4 5 ? parallel      
# 
loop_
_struct_sheet_range.sheet_id 
_struct_sheet_range.id 
_struct_sheet_range.beg_label_comp_id 
_struct_sheet_range.beg_label_asym_id 
_struct_sheet_range.beg_label_seq_id 
_struct_sheet_range.pdbx_beg_PDB_ins_code 
_struct_sheet_range.end_label_comp_id 
_struct_sheet_range.end_label_asym_id 
_struct_sheet_range.end_label_seq_id 
_struct_sheet_range.pdbx_end_PDB_ins_code 
_struct_sheet_range.beg_auth_comp_id 
_struct_sheet_range.beg_auth_asym_id 
_struct_sheet_range.beg_auth_seq_id 
_struct_sheet_range.end_auth_comp_id 
_struct_sheet_range.end_auth_asym_id 
_struct_sheet_range.end_auth_seq_id 
AA1 1 ILE A 55  ? ILE A 60  ? ILE A 84  ILE A 89  
AA1 2 LYS A 42  ? HIS A 49  ? LYS A 71  HIS A 78  
AA1 3 ILE A 31  ? LEU A 39  ? ILE A 60  LEU A 68  
AA1 4 THR A 83  ? HIS A 85  ? THR A 112 HIS A 114 
AA1 5 LYS A 107 ? GLN A 108 ? LYS A 136 GLN A 137 
# 
loop_
_pdbx_struct_sheet_hbond.sheet_id 
_pdbx_struct_sheet_hbond.range_id_1 
_pdbx_struct_sheet_hbond.range_id_2 
_pdbx_struct_sheet_hbond.range_1_label_atom_id 
_pdbx_struct_sheet_hbond.range_1_label_comp_id 
_pdbx_struct_sheet_hbond.range_1_label_asym_id 
_pdbx_struct_sheet_hbond.range_1_label_seq_id 
_pdbx_struct_sheet_hbond.range_1_PDB_ins_code 
_pdbx_struct_sheet_hbond.range_1_auth_atom_id 
_pdbx_struct_sheet_hbond.range_1_auth_comp_id 
_pdbx_struct_sheet_hbond.range_1_auth_asym_id 
_pdbx_struct_sheet_hbond.range_1_auth_seq_id 
_pdbx_struct_sheet_hbond.range_2_label_atom_id 
_pdbx_struct_sheet_hbond.range_2_label_comp_id 
_pdbx_struct_sheet_hbond.range_2_label_asym_id 
_pdbx_struct_sheet_hbond.range_2_label_seq_id 
_pdbx_struct_sheet_hbond.range_2_PDB_ins_code 
_pdbx_struct_sheet_hbond.range_2_auth_atom_id 
_pdbx_struct_sheet_hbond.range_2_auth_comp_id 
_pdbx_struct_sheet_hbond.range_2_auth_asym_id 
_pdbx_struct_sheet_hbond.range_2_auth_seq_id 
AA1 1 2 O GLU A 56 ? O GLU A 85  N ALA A 47  ? N ALA A 76  
AA1 2 3 O VAL A 46 ? O VAL A 75  N ASP A 35  ? N ASP A 64  
AA1 3 4 N TRP A 32 ? N TRP A 61  O HIS A 85  ? O HIS A 114 
AA1 4 5 N VAL A 84 ? N VAL A 113 O LYS A 107 ? O LYS A 136 
# 
_struct_site.id                   AC1 
_struct_site.pdbx_evidence_code   Software 
_struct_site.pdbx_auth_asym_id    A 
_struct_site.pdbx_auth_comp_id    J3M 
_struct_site.pdbx_auth_seq_id     301 
_struct_site.pdbx_auth_ins_code   ? 
_struct_site.pdbx_num_residues    9 
_struct_site.details              'binding site for residue J3M A 301' 
# 
loop_
_struct_site_gen.id 
_struct_site_gen.site_id 
_struct_site_gen.pdbx_num_res 
_struct_site_gen.label_comp_id 
_struct_site_gen.label_asym_id 
_struct_site_gen.label_seq_id 
_struct_site_gen.pdbx_auth_ins_code 
_struct_site_gen.auth_comp_id 
_struct_site_gen.auth_asym_id 
_struct_site_gen.auth_seq_id 
_struct_site_gen.label_atom_id 
_struct_site_gen.label_alt_id 
_struct_site_gen.symmetry 
_struct_site_gen.details 
1 AC1 9 THR A 95  ? THR A 124 . ? 1_555 ? 
2 AC1 9 THR A 96  ? THR A 125 . ? 1_555 ? 
3 AC1 9 ALA A 100 ? ALA A 129 . ? 1_555 ? 
4 AC1 9 ALA A 140 ? ALA A 169 . ? 6_554 ? 
5 AC1 9 GLU A 141 ? GLU A 170 . ? 6_554 ? 
6 AC1 9 HIS A 142 ? HIS A 171 . ? 6_554 ? 
7 AC1 9 THR A 145 ? THR A 174 . ? 6_554 ? 
8 AC1 9 MET A 149 ? MET A 178 . ? 6_554 ? 
9 AC1 9 HOH C .   ? HOH A 432 . ? 1_555 ? 
# 
_pdbx_entry_details.entry_id                   6EB1 
_pdbx_entry_details.compound_details           ? 
_pdbx_entry_details.source_details             ? 
_pdbx_entry_details.nonpolymer_details         ? 
_pdbx_entry_details.sequence_details           ? 
_pdbx_entry_details.has_ligand_of_interest     ? 
_pdbx_entry_details.has_protein_modification   Y 
# 
loop_
_pdbx_struct_mod_residue.id 
_pdbx_struct_mod_residue.label_asym_id 
_pdbx_struct_mod_residue.label_comp_id 
_pdbx_struct_mod_residue.label_seq_id 
_pdbx_struct_mod_residue.auth_asym_id 
_pdbx_struct_mod_residue.auth_comp_id 
_pdbx_struct_mod_residue.auth_seq_id 
_pdbx_struct_mod_residue.PDB_ins_code 
_pdbx_struct_mod_residue.parent_comp_id 
_pdbx_struct_mod_residue.details 
1 A CAF 36  A CAF 65  ? CYS 'modified residue' 
2 A CAF 101 A CAF 130 ? CYS 'modified residue' 
# 
loop_
_pdbx_unobs_or_zero_occ_residues.id 
_pdbx_unobs_or_zero_occ_residues.PDB_model_num 
_pdbx_unobs_or_zero_occ_residues.polymer_flag 
_pdbx_unobs_or_zero_occ_residues.occupancy_flag 
_pdbx_unobs_or_zero_occ_residues.auth_asym_id 
_pdbx_unobs_or_zero_occ_residues.auth_comp_id 
_pdbx_unobs_or_zero_occ_residues.auth_seq_id 
_pdbx_unobs_or_zero_occ_residues.PDB_ins_code 
_pdbx_unobs_or_zero_occ_residues.label_asym_id 
_pdbx_unobs_or_zero_occ_residues.label_comp_id 
_pdbx_unobs_or_zero_occ_residues.label_seq_id 
1  1 Y 1 A MET 30  ? A MET 1   
2  1 Y 1 A GLY 31  ? A GLY 2   
3  1 Y 1 A SER 32  ? A SER 3   
4  1 Y 1 A SER 33  ? A SER 4   
5  1 Y 1 A HIS 34  ? A HIS 5   
6  1 Y 1 A HIS 35  ? A HIS 6   
7  1 Y 1 A HIS 36  ? A HIS 7   
8  1 Y 1 A HIS 37  ? A HIS 8   
9  1 Y 1 A HIS 38  ? A HIS 9   
10 1 Y 1 A HIS 39  ? A HIS 10  
11 1 Y 1 A SER 40  ? A SER 11  
12 1 Y 1 A SER 41  ? A SER 12  
13 1 Y 1 A GLY 42  ? A GLY 13  
14 1 Y 1 A LEU 43  ? A LEU 14  
15 1 Y 1 A VAL 44  ? A VAL 15  
16 1 Y 1 A PRO 45  ? A PRO 16  
17 1 Y 1 A ARG 46  ? A ARG 17  
18 1 Y 1 A GLY 47  ? A GLY 18  
19 1 Y 1 A SER 48  ? A SER 19  
20 1 Y 1 A HIS 49  ? A HIS 20  
21 1 Y 1 A MET 50  ? A MET 21  
22 1 Y 1 A HIS 51  ? A HIS 22  
23 1 Y 1 A GLY 52  ? A GLY 23  
24 1 Y 1 A GLN 53  ? A GLN 24  
25 1 Y 1 A VAL 54  ? A VAL 25  
26 1 Y 1 A ASP 55  ? A ASP 26  
27 1 Y 1 A PRO 142 ? A PRO 113 
28 1 Y 1 A TYR 143 ? A TYR 114 
29 1 Y 1 A ASN 144 ? A ASN 115 
30 1 Y 1 A PRO 145 ? A PRO 116 
31 1 Y 1 A GLN 146 ? A GLN 117 
32 1 Y 1 A SER 147 ? A SER 118 
33 1 Y 1 A GLN 148 ? A GLN 119 
34 1 Y 1 A GLY 149 ? A GLY 120 
35 1 Y 1 A VAL 150 ? A VAL 121 
36 1 Y 1 A ILE 151 ? A ILE 122 
37 1 Y 1 A GLU 152 ? A GLU 123 
38 1 Y 1 A LYS 188 ? A LYS 159 
39 1 Y 1 A GLY 189 ? A GLY 160 
40 1 Y 1 A GLY 190 ? A GLY 161 
41 1 Y 1 A ILE 191 ? A ILE 162 
42 1 Y 1 A GLY 192 ? A GLY 163 
43 1 Y 1 A GLY 193 ? A GLY 164 
44 1 Y 1 A ILE 208 ? A ILE 179 
45 1 Y 1 A GLN 209 ? A GLN 180 
46 1 Y 1 A THR 210 ? A THR 181 
47 1 Y 1 A LYS 211 ? A LYS 182 
48 1 Y 1 A GLU 212 ? A GLU 183 
# 
loop_
_chem_comp_atom.comp_id 
_chem_comp_atom.atom_id 
_chem_comp_atom.type_symbol 
_chem_comp_atom.pdbx_aromatic_flag 
_chem_comp_atom.pdbx_stereo_config 
_chem_comp_atom.pdbx_ordinal 
ALA N    N  N N 1   
ALA CA   C  N S 2   
ALA C    C  N N 3   
ALA O    O  N N 4   
ALA CB   C  N N 5   
ALA OXT  O  N N 6   
ALA H    H  N N 7   
ALA H2   H  N N 8   
ALA HA   H  N N 9   
ALA HB1  H  N N 10  
ALA HB2  H  N N 11  
ALA HB3  H  N N 12  
ALA HXT  H  N N 13  
ARG N    N  N N 14  
ARG CA   C  N S 15  
ARG C    C  N N 16  
ARG O    O  N N 17  
ARG CB   C  N N 18  
ARG CG   C  N N 19  
ARG CD   C  N N 20  
ARG NE   N  N N 21  
ARG CZ   C  N N 22  
ARG NH1  N  N N 23  
ARG NH2  N  N N 24  
ARG OXT  O  N N 25  
ARG H    H  N N 26  
ARG H2   H  N N 27  
ARG HA   H  N N 28  
ARG HB2  H  N N 29  
ARG HB3  H  N N 30  
ARG HG2  H  N N 31  
ARG HG3  H  N N 32  
ARG HD2  H  N N 33  
ARG HD3  H  N N 34  
ARG HE   H  N N 35  
ARG HH11 H  N N 36  
ARG HH12 H  N N 37  
ARG HH21 H  N N 38  
ARG HH22 H  N N 39  
ARG HXT  H  N N 40  
ASN N    N  N N 41  
ASN CA   C  N S 42  
ASN C    C  N N 43  
ASN O    O  N N 44  
ASN CB   C  N N 45  
ASN CG   C  N N 46  
ASN OD1  O  N N 47  
ASN ND2  N  N N 48  
ASN OXT  O  N N 49  
ASN H    H  N N 50  
ASN H2   H  N N 51  
ASN HA   H  N N 52  
ASN HB2  H  N N 53  
ASN HB3  H  N N 54  
ASN HD21 H  N N 55  
ASN HD22 H  N N 56  
ASN HXT  H  N N 57  
ASP N    N  N N 58  
ASP CA   C  N S 59  
ASP C    C  N N 60  
ASP O    O  N N 61  
ASP CB   C  N N 62  
ASP CG   C  N N 63  
ASP OD1  O  N N 64  
ASP OD2  O  N N 65  
ASP OXT  O  N N 66  
ASP H    H  N N 67  
ASP H2   H  N N 68  
ASP HA   H  N N 69  
ASP HB2  H  N N 70  
ASP HB3  H  N N 71  
ASP HD2  H  N N 72  
ASP HXT  H  N N 73  
CAF N    N  N N 74  
CAF CA   C  N R 75  
CAF CB   C  N N 76  
CAF C    C  N N 77  
CAF O    O  N N 78  
CAF OXT  O  N N 79  
CAF SG   S  N N 80  
CAF AS   AS N N 81  
CAF CE1  C  N N 82  
CAF CE2  C  N N 83  
CAF O1   O  N N 84  
CAF H    H  N N 85  
CAF H2   H  N N 86  
CAF HA   H  N N 87  
CAF HB2  H  N N 88  
CAF HB3  H  N N 89  
CAF HXT  H  N N 90  
CAF HE11 H  N N 91  
CAF HE12 H  N N 92  
CAF HE13 H  N N 93  
CAF HE21 H  N N 94  
CAF HE22 H  N N 95  
CAF HE23 H  N N 96  
CYS N    N  N N 97  
CYS CA   C  N R 98  
CYS C    C  N N 99  
CYS O    O  N N 100 
CYS CB   C  N N 101 
CYS SG   S  N N 102 
CYS OXT  O  N N 103 
CYS H    H  N N 104 
CYS H2   H  N N 105 
CYS HA   H  N N 106 
CYS HB2  H  N N 107 
CYS HB3  H  N N 108 
CYS HG   H  N N 109 
CYS HXT  H  N N 110 
GLN N    N  N N 111 
GLN CA   C  N S 112 
GLN C    C  N N 113 
GLN O    O  N N 114 
GLN CB   C  N N 115 
GLN CG   C  N N 116 
GLN CD   C  N N 117 
GLN OE1  O  N N 118 
GLN NE2  N  N N 119 
GLN OXT  O  N N 120 
GLN H    H  N N 121 
GLN H2   H  N N 122 
GLN HA   H  N N 123 
GLN HB2  H  N N 124 
GLN HB3  H  N N 125 
GLN HG2  H  N N 126 
GLN HG3  H  N N 127 
GLN HE21 H  N N 128 
GLN HE22 H  N N 129 
GLN HXT  H  N N 130 
GLU N    N  N N 131 
GLU CA   C  N S 132 
GLU C    C  N N 133 
GLU O    O  N N 134 
GLU CB   C  N N 135 
GLU CG   C  N N 136 
GLU CD   C  N N 137 
GLU OE1  O  N N 138 
GLU OE2  O  N N 139 
GLU OXT  O  N N 140 
GLU H    H  N N 141 
GLU H2   H  N N 142 
GLU HA   H  N N 143 
GLU HB2  H  N N 144 
GLU HB3  H  N N 145 
GLU HG2  H  N N 146 
GLU HG3  H  N N 147 
GLU HE2  H  N N 148 
GLU HXT  H  N N 149 
GLY N    N  N N 150 
GLY CA   C  N N 151 
GLY C    C  N N 152 
GLY O    O  N N 153 
GLY OXT  O  N N 154 
GLY H    H  N N 155 
GLY H2   H  N N 156 
GLY HA2  H  N N 157 
GLY HA3  H  N N 158 
GLY HXT  H  N N 159 
HIS N    N  N N 160 
HIS CA   C  N S 161 
HIS C    C  N N 162 
HIS O    O  N N 163 
HIS CB   C  N N 164 
HIS CG   C  Y N 165 
HIS ND1  N  Y N 166 
HIS CD2  C  Y N 167 
HIS CE1  C  Y N 168 
HIS NE2  N  Y N 169 
HIS OXT  O  N N 170 
HIS H    H  N N 171 
HIS H2   H  N N 172 
HIS HA   H  N N 173 
HIS HB2  H  N N 174 
HIS HB3  H  N N 175 
HIS HD1  H  N N 176 
HIS HD2  H  N N 177 
HIS HE1  H  N N 178 
HIS HE2  H  N N 179 
HIS HXT  H  N N 180 
HOH O    O  N N 181 
HOH H1   H  N N 182 
HOH H2   H  N N 183 
ILE N    N  N N 184 
ILE CA   C  N S 185 
ILE C    C  N N 186 
ILE O    O  N N 187 
ILE CB   C  N S 188 
ILE CG1  C  N N 189 
ILE CG2  C  N N 190 
ILE CD1  C  N N 191 
ILE OXT  O  N N 192 
ILE H    H  N N 193 
ILE H2   H  N N 194 
ILE HA   H  N N 195 
ILE HB   H  N N 196 
ILE HG12 H  N N 197 
ILE HG13 H  N N 198 
ILE HG21 H  N N 199 
ILE HG22 H  N N 200 
ILE HG23 H  N N 201 
ILE HD11 H  N N 202 
ILE HD12 H  N N 203 
ILE HD13 H  N N 204 
ILE HXT  H  N N 205 
J3M C10  C  Y N 206 
J3M C13  C  Y N 207 
J3M C15  C  Y N 208 
J3M C17  C  N N 209 
J3M C20  C  Y N 210 
J3M C21  C  Y N 211 
J3M C24  C  Y N 212 
J3M C26  C  Y N 213 
J3M C28  C  Y N 214 
J3M C01  C  N N 215 
J3M C02  C  N N 216 
J3M C03  C  N N 217 
J3M C04  C  N N 218 
J3M O05  O  N N 219 
J3M C06  C  N S 220 
J3M C07  C  N N 221 
J3M O08  O  N N 222 
J3M O09  O  N N 223 
J3M C11  C  Y N 224 
J3M C12  C  Y N 225 
J3M C14  C  Y N 226 
J3M O16  O  N N 227 
J3M C18  C  N N 228 
J3M C19  C  N N 229 
J3M N22  N  Y N 230 
J3M C23  C  Y N 231 
J3M C25  C  Y N 232 
J3M C27  C  Y N 233 
J3M C29  C  Y N 234 
J3M C30  C  Y N 235 
J3M C31  C  Y N 236 
J3M C32  C  Y N 237 
J3M C33  C  Y N 238 
J3M C34  C  Y N 239 
J3M C35  C  Y N 240 
J3M H1   H  N N 241 
J3M H2   H  N N 242 
J3M H3   H  N N 243 
J3M H4   H  N N 244 
J3M H5   H  N N 245 
J3M H6   H  N N 246 
J3M H7   H  N N 247 
J3M H8   H  N N 248 
J3M H9   H  N N 249 
J3M H10  H  N N 250 
J3M H11  H  N N 251 
J3M H12  H  N N 252 
J3M H13  H  N N 253 
J3M H14  H  N N 254 
J3M H15  H  N N 255 
J3M H16  H  N N 256 
J3M H17  H  N N 257 
J3M H18  H  N N 258 
J3M H19  H  N N 259 
J3M H20  H  N N 260 
J3M H21  H  N N 261 
J3M H22  H  N N 262 
J3M H23  H  N N 263 
J3M H24  H  N N 264 
J3M H25  H  N N 265 
J3M H26  H  N N 266 
J3M H27  H  N N 267 
J3M H28  H  N N 268 
J3M H29  H  N N 269 
LEU N    N  N N 270 
LEU CA   C  N S 271 
LEU C    C  N N 272 
LEU O    O  N N 273 
LEU CB   C  N N 274 
LEU CG   C  N N 275 
LEU CD1  C  N N 276 
LEU CD2  C  N N 277 
LEU OXT  O  N N 278 
LEU H    H  N N 279 
LEU H2   H  N N 280 
LEU HA   H  N N 281 
LEU HB2  H  N N 282 
LEU HB3  H  N N 283 
LEU HG   H  N N 284 
LEU HD11 H  N N 285 
LEU HD12 H  N N 286 
LEU HD13 H  N N 287 
LEU HD21 H  N N 288 
LEU HD22 H  N N 289 
LEU HD23 H  N N 290 
LEU HXT  H  N N 291 
LYS N    N  N N 292 
LYS CA   C  N S 293 
LYS C    C  N N 294 
LYS O    O  N N 295 
LYS CB   C  N N 296 
LYS CG   C  N N 297 
LYS CD   C  N N 298 
LYS CE   C  N N 299 
LYS NZ   N  N N 300 
LYS OXT  O  N N 301 
LYS H    H  N N 302 
LYS H2   H  N N 303 
LYS HA   H  N N 304 
LYS HB2  H  N N 305 
LYS HB3  H  N N 306 
LYS HG2  H  N N 307 
LYS HG3  H  N N 308 
LYS HD2  H  N N 309 
LYS HD3  H  N N 310 
LYS HE2  H  N N 311 
LYS HE3  H  N N 312 
LYS HZ1  H  N N 313 
LYS HZ2  H  N N 314 
LYS HZ3  H  N N 315 
LYS HXT  H  N N 316 
MET N    N  N N 317 
MET CA   C  N S 318 
MET C    C  N N 319 
MET O    O  N N 320 
MET CB   C  N N 321 
MET CG   C  N N 322 
MET SD   S  N N 323 
MET CE   C  N N 324 
MET OXT  O  N N 325 
MET H    H  N N 326 
MET H2   H  N N 327 
MET HA   H  N N 328 
MET HB2  H  N N 329 
MET HB3  H  N N 330 
MET HG2  H  N N 331 
MET HG3  H  N N 332 
MET HE1  H  N N 333 
MET HE2  H  N N 334 
MET HE3  H  N N 335 
MET HXT  H  N N 336 
PHE N    N  N N 337 
PHE CA   C  N S 338 
PHE C    C  N N 339 
PHE O    O  N N 340 
PHE CB   C  N N 341 
PHE CG   C  Y N 342 
PHE CD1  C  Y N 343 
PHE CD2  C  Y N 344 
PHE CE1  C  Y N 345 
PHE CE2  C  Y N 346 
PHE CZ   C  Y N 347 
PHE OXT  O  N N 348 
PHE H    H  N N 349 
PHE H2   H  N N 350 
PHE HA   H  N N 351 
PHE HB2  H  N N 352 
PHE HB3  H  N N 353 
PHE HD1  H  N N 354 
PHE HD2  H  N N 355 
PHE HE1  H  N N 356 
PHE HE2  H  N N 357 
PHE HZ   H  N N 358 
PHE HXT  H  N N 359 
PRO N    N  N N 360 
PRO CA   C  N S 361 
PRO C    C  N N 362 
PRO O    O  N N 363 
PRO CB   C  N N 364 
PRO CG   C  N N 365 
PRO CD   C  N N 366 
PRO OXT  O  N N 367 
PRO H    H  N N 368 
PRO HA   H  N N 369 
PRO HB2  H  N N 370 
PRO HB3  H  N N 371 
PRO HG2  H  N N 372 
PRO HG3  H  N N 373 
PRO HD2  H  N N 374 
PRO HD3  H  N N 375 
PRO HXT  H  N N 376 
SER N    N  N N 377 
SER CA   C  N S 378 
SER C    C  N N 379 
SER O    O  N N 380 
SER CB   C  N N 381 
SER OG   O  N N 382 
SER OXT  O  N N 383 
SER H    H  N N 384 
SER H2   H  N N 385 
SER HA   H  N N 386 
SER HB2  H  N N 387 
SER HB3  H  N N 388 
SER HG   H  N N 389 
SER HXT  H  N N 390 
THR N    N  N N 391 
THR CA   C  N S 392 
THR C    C  N N 393 
THR O    O  N N 394 
THR CB   C  N R 395 
THR OG1  O  N N 396 
THR CG2  C  N N 397 
THR OXT  O  N N 398 
THR H    H  N N 399 
THR H2   H  N N 400 
THR HA   H  N N 401 
THR HB   H  N N 402 
THR HG1  H  N N 403 
THR HG21 H  N N 404 
THR HG22 H  N N 405 
THR HG23 H  N N 406 
THR HXT  H  N N 407 
TRP N    N  N N 408 
TRP CA   C  N S 409 
TRP C    C  N N 410 
TRP O    O  N N 411 
TRP CB   C  N N 412 
TRP CG   C  Y N 413 
TRP CD1  C  Y N 414 
TRP CD2  C  Y N 415 
TRP NE1  N  Y N 416 
TRP CE2  C  Y N 417 
TRP CE3  C  Y N 418 
TRP CZ2  C  Y N 419 
TRP CZ3  C  Y N 420 
TRP CH2  C  Y N 421 
TRP OXT  O  N N 422 
TRP H    H  N N 423 
TRP H2   H  N N 424 
TRP HA   H  N N 425 
TRP HB2  H  N N 426 
TRP HB3  H  N N 427 
TRP HD1  H  N N 428 
TRP HE1  H  N N 429 
TRP HE3  H  N N 430 
TRP HZ2  H  N N 431 
TRP HZ3  H  N N 432 
TRP HH2  H  N N 433 
TRP HXT  H  N N 434 
TYR N    N  N N 435 
TYR CA   C  N S 436 
TYR C    C  N N 437 
TYR O    O  N N 438 
TYR CB   C  N N 439 
TYR CG   C  Y N 440 
TYR CD1  C  Y N 441 
TYR CD2  C  Y N 442 
TYR CE1  C  Y N 443 
TYR CE2  C  Y N 444 
TYR CZ   C  Y N 445 
TYR OH   O  N N 446 
TYR OXT  O  N N 447 
TYR H    H  N N 448 
TYR H2   H  N N 449 
TYR HA   H  N N 450 
TYR HB2  H  N N 451 
TYR HB3  H  N N 452 
TYR HD1  H  N N 453 
TYR HD2  H  N N 454 
TYR HE1  H  N N 455 
TYR HE2  H  N N 456 
TYR HH   H  N N 457 
TYR HXT  H  N N 458 
VAL N    N  N N 459 
VAL CA   C  N S 460 
VAL C    C  N N 461 
VAL O    O  N N 462 
VAL CB   C  N N 463 
VAL CG1  C  N N 464 
VAL CG2  C  N N 465 
VAL OXT  O  N N 466 
VAL H    H  N N 467 
VAL H2   H  N N 468 
VAL HA   H  N N 469 
VAL HB   H  N N 470 
VAL HG11 H  N N 471 
VAL HG12 H  N N 472 
VAL HG13 H  N N 473 
VAL HG21 H  N N 474 
VAL HG22 H  N N 475 
VAL HG23 H  N N 476 
VAL HXT  H  N N 477 
# 
loop_
_chem_comp_bond.comp_id 
_chem_comp_bond.atom_id_1 
_chem_comp_bond.atom_id_2 
_chem_comp_bond.value_order 
_chem_comp_bond.pdbx_aromatic_flag 
_chem_comp_bond.pdbx_stereo_config 
_chem_comp_bond.pdbx_ordinal 
ALA N   CA   sing N N 1   
ALA N   H    sing N N 2   
ALA N   H2   sing N N 3   
ALA CA  C    sing N N 4   
ALA CA  CB   sing N N 5   
ALA CA  HA   sing N N 6   
ALA C   O    doub N N 7   
ALA C   OXT  sing N N 8   
ALA CB  HB1  sing N N 9   
ALA CB  HB2  sing N N 10  
ALA CB  HB3  sing N N 11  
ALA OXT HXT  sing N N 12  
ARG N   CA   sing N N 13  
ARG N   H    sing N N 14  
ARG N   H2   sing N N 15  
ARG CA  C    sing N N 16  
ARG CA  CB   sing N N 17  
ARG CA  HA   sing N N 18  
ARG C   O    doub N N 19  
ARG C   OXT  sing N N 20  
ARG CB  CG   sing N N 21  
ARG CB  HB2  sing N N 22  
ARG CB  HB3  sing N N 23  
ARG CG  CD   sing N N 24  
ARG CG  HG2  sing N N 25  
ARG CG  HG3  sing N N 26  
ARG CD  NE   sing N N 27  
ARG CD  HD2  sing N N 28  
ARG CD  HD3  sing N N 29  
ARG NE  CZ   sing N N 30  
ARG NE  HE   sing N N 31  
ARG CZ  NH1  sing N N 32  
ARG CZ  NH2  doub N N 33  
ARG NH1 HH11 sing N N 34  
ARG NH1 HH12 sing N N 35  
ARG NH2 HH21 sing N N 36  
ARG NH2 HH22 sing N N 37  
ARG OXT HXT  sing N N 38  
ASN N   CA   sing N N 39  
ASN N   H    sing N N 40  
ASN N   H2   sing N N 41  
ASN CA  C    sing N N 42  
ASN CA  CB   sing N N 43  
ASN CA  HA   sing N N 44  
ASN C   O    doub N N 45  
ASN C   OXT  sing N N 46  
ASN CB  CG   sing N N 47  
ASN CB  HB2  sing N N 48  
ASN CB  HB3  sing N N 49  
ASN CG  OD1  doub N N 50  
ASN CG  ND2  sing N N 51  
ASN ND2 HD21 sing N N 52  
ASN ND2 HD22 sing N N 53  
ASN OXT HXT  sing N N 54  
ASP N   CA   sing N N 55  
ASP N   H    sing N N 56  
ASP N   H2   sing N N 57  
ASP CA  C    sing N N 58  
ASP CA  CB   sing N N 59  
ASP CA  HA   sing N N 60  
ASP C   O    doub N N 61  
ASP C   OXT  sing N N 62  
ASP CB  CG   sing N N 63  
ASP CB  HB2  sing N N 64  
ASP CB  HB3  sing N N 65  
ASP CG  OD1  doub N N 66  
ASP CG  OD2  sing N N 67  
ASP OD2 HD2  sing N N 68  
ASP OXT HXT  sing N N 69  
CAF N   CA   sing N N 70  
CAF N   H    sing N N 71  
CAF N   H2   sing N N 72  
CAF CA  CB   sing N N 73  
CAF CA  C    sing N N 74  
CAF CA  HA   sing N N 75  
CAF CB  SG   sing N N 76  
CAF CB  HB2  sing N N 77  
CAF CB  HB3  sing N N 78  
CAF C   O    doub N N 79  
CAF C   OXT  sing N N 80  
CAF OXT HXT  sing N N 81  
CAF SG  AS   sing N N 82  
CAF AS  CE1  sing N N 83  
CAF AS  CE2  sing N N 84  
CAF AS  O1   doub N N 85  
CAF CE1 HE11 sing N N 86  
CAF CE1 HE12 sing N N 87  
CAF CE1 HE13 sing N N 88  
CAF CE2 HE21 sing N N 89  
CAF CE2 HE22 sing N N 90  
CAF CE2 HE23 sing N N 91  
CYS N   CA   sing N N 92  
CYS N   H    sing N N 93  
CYS N   H2   sing N N 94  
CYS CA  C    sing N N 95  
CYS CA  CB   sing N N 96  
CYS CA  HA   sing N N 97  
CYS C   O    doub N N 98  
CYS C   OXT  sing N N 99  
CYS CB  SG   sing N N 100 
CYS CB  HB2  sing N N 101 
CYS CB  HB3  sing N N 102 
CYS SG  HG   sing N N 103 
CYS OXT HXT  sing N N 104 
GLN N   CA   sing N N 105 
GLN N   H    sing N N 106 
GLN N   H2   sing N N 107 
GLN CA  C    sing N N 108 
GLN CA  CB   sing N N 109 
GLN CA  HA   sing N N 110 
GLN C   O    doub N N 111 
GLN C   OXT  sing N N 112 
GLN CB  CG   sing N N 113 
GLN CB  HB2  sing N N 114 
GLN CB  HB3  sing N N 115 
GLN CG  CD   sing N N 116 
GLN CG  HG2  sing N N 117 
GLN CG  HG3  sing N N 118 
GLN CD  OE1  doub N N 119 
GLN CD  NE2  sing N N 120 
GLN NE2 HE21 sing N N 121 
GLN NE2 HE22 sing N N 122 
GLN OXT HXT  sing N N 123 
GLU N   CA   sing N N 124 
GLU N   H    sing N N 125 
GLU N   H2   sing N N 126 
GLU CA  C    sing N N 127 
GLU CA  CB   sing N N 128 
GLU CA  HA   sing N N 129 
GLU C   O    doub N N 130 
GLU C   OXT  sing N N 131 
GLU CB  CG   sing N N 132 
GLU CB  HB2  sing N N 133 
GLU CB  HB3  sing N N 134 
GLU CG  CD   sing N N 135 
GLU CG  HG2  sing N N 136 
GLU CG  HG3  sing N N 137 
GLU CD  OE1  doub N N 138 
GLU CD  OE2  sing N N 139 
GLU OE2 HE2  sing N N 140 
GLU OXT HXT  sing N N 141 
GLY N   CA   sing N N 142 
GLY N   H    sing N N 143 
GLY N   H2   sing N N 144 
GLY CA  C    sing N N 145 
GLY CA  HA2  sing N N 146 
GLY CA  HA3  sing N N 147 
GLY C   O    doub N N 148 
GLY C   OXT  sing N N 149 
GLY OXT HXT  sing N N 150 
HIS N   CA   sing N N 151 
HIS N   H    sing N N 152 
HIS N   H2   sing N N 153 
HIS CA  C    sing N N 154 
HIS CA  CB   sing N N 155 
HIS CA  HA   sing N N 156 
HIS C   O    doub N N 157 
HIS C   OXT  sing N N 158 
HIS CB  CG   sing N N 159 
HIS CB  HB2  sing N N 160 
HIS CB  HB3  sing N N 161 
HIS CG  ND1  sing Y N 162 
HIS CG  CD2  doub Y N 163 
HIS ND1 CE1  doub Y N 164 
HIS ND1 HD1  sing N N 165 
HIS CD2 NE2  sing Y N 166 
HIS CD2 HD2  sing N N 167 
HIS CE1 NE2  sing Y N 168 
HIS CE1 HE1  sing N N 169 
HIS NE2 HE2  sing N N 170 
HIS OXT HXT  sing N N 171 
HOH O   H1   sing N N 172 
HOH O   H2   sing N N 173 
ILE N   CA   sing N N 174 
ILE N   H    sing N N 175 
ILE N   H2   sing N N 176 
ILE CA  C    sing N N 177 
ILE CA  CB   sing N N 178 
ILE CA  HA   sing N N 179 
ILE C   O    doub N N 180 
ILE C   OXT  sing N N 181 
ILE CB  CG1  sing N N 182 
ILE CB  CG2  sing N N 183 
ILE CB  HB   sing N N 184 
ILE CG1 CD1  sing N N 185 
ILE CG1 HG12 sing N N 186 
ILE CG1 HG13 sing N N 187 
ILE CG2 HG21 sing N N 188 
ILE CG2 HG22 sing N N 189 
ILE CG2 HG23 sing N N 190 
ILE CD1 HD11 sing N N 191 
ILE CD1 HD12 sing N N 192 
ILE CD1 HD13 sing N N 193 
ILE OXT HXT  sing N N 194 
J3M C18 C19  sing N N 195 
J3M C18 C17  sing N N 196 
J3M C19 C20  sing N N 197 
J3M O09 C07  doub N N 198 
J3M O08 C07  sing N N 199 
J3M C17 O16  sing N N 200 
J3M C07 C06  sing N N 201 
J3M C20 C21  doub Y N 202 
J3M C20 C15  sing Y N 203 
J3M C21 C12  sing Y N 204 
J3M O16 C15  sing N N 205 
J3M C29 C28  doub Y N 206 
J3M C29 C24  sing Y N 207 
J3M C15 C14  doub Y N 208 
J3M C28 C27  sing Y N 209 
J3M C06 C10  sing N N 210 
J3M C06 O05  sing N N 211 
J3M C12 C11  sing N N 212 
J3M C12 C13  doub Y N 213 
J3M C10 C11  doub Y N 214 
J3M C10 C35  sing Y N 215 
J3M C34 C35  doub Y N 216 
J3M C34 C33  sing Y N 217 
J3M C11 N22  sing Y N 218 
J3M C35 C30  sing Y N 219 
J3M C33 C32  doub Y N 220 
J3M N22 C23  doub Y N 221 
J3M C30 C23  sing Y N 222 
J3M C30 C31  doub Y N 223 
J3M C32 C31  sing Y N 224 
J3M C23 C24  sing N N 225 
J3M C24 C25  doub Y N 226 
J3M O05 C02  sing N N 227 
J3M C14 C13  sing Y N 228 
J3M C27 C26  doub Y N 229 
J3M C03 C02  sing N N 230 
J3M C25 C26  sing Y N 231 
J3M C02 C01  sing N N 232 
J3M C02 C04  sing N N 233 
J3M C13 H1   sing N N 234 
J3M C17 H2   sing N N 235 
J3M C17 H3   sing N N 236 
J3M C21 H4   sing N N 237 
J3M C26 H5   sing N N 238 
J3M C28 H6   sing N N 239 
J3M C01 H7   sing N N 240 
J3M C01 H8   sing N N 241 
J3M C01 H9   sing N N 242 
J3M C03 H10  sing N N 243 
J3M C03 H11  sing N N 244 
J3M C03 H12  sing N N 245 
J3M C04 H13  sing N N 246 
J3M C04 H14  sing N N 247 
J3M C04 H15  sing N N 248 
J3M C06 H16  sing N N 249 
J3M O08 H17  sing N N 250 
J3M C14 H18  sing N N 251 
J3M C18 H19  sing N N 252 
J3M C18 H20  sing N N 253 
J3M C19 H21  sing N N 254 
J3M C19 H22  sing N N 255 
J3M C25 H23  sing N N 256 
J3M C27 H24  sing N N 257 
J3M C29 H25  sing N N 258 
J3M C31 H26  sing N N 259 
J3M C32 H27  sing N N 260 
J3M C33 H28  sing N N 261 
J3M C34 H29  sing N N 262 
LEU N   CA   sing N N 263 
LEU N   H    sing N N 264 
LEU N   H2   sing N N 265 
LEU CA  C    sing N N 266 
LEU CA  CB   sing N N 267 
LEU CA  HA   sing N N 268 
LEU C   O    doub N N 269 
LEU C   OXT  sing N N 270 
LEU CB  CG   sing N N 271 
LEU CB  HB2  sing N N 272 
LEU CB  HB3  sing N N 273 
LEU CG  CD1  sing N N 274 
LEU CG  CD2  sing N N 275 
LEU CG  HG   sing N N 276 
LEU CD1 HD11 sing N N 277 
LEU CD1 HD12 sing N N 278 
LEU CD1 HD13 sing N N 279 
LEU CD2 HD21 sing N N 280 
LEU CD2 HD22 sing N N 281 
LEU CD2 HD23 sing N N 282 
LEU OXT HXT  sing N N 283 
LYS N   CA   sing N N 284 
LYS N   H    sing N N 285 
LYS N   H2   sing N N 286 
LYS CA  C    sing N N 287 
LYS CA  CB   sing N N 288 
LYS CA  HA   sing N N 289 
LYS C   O    doub N N 290 
LYS C   OXT  sing N N 291 
LYS CB  CG   sing N N 292 
LYS CB  HB2  sing N N 293 
LYS CB  HB3  sing N N 294 
LYS CG  CD   sing N N 295 
LYS CG  HG2  sing N N 296 
LYS CG  HG3  sing N N 297 
LYS CD  CE   sing N N 298 
LYS CD  HD2  sing N N 299 
LYS CD  HD3  sing N N 300 
LYS CE  NZ   sing N N 301 
LYS CE  HE2  sing N N 302 
LYS CE  HE3  sing N N 303 
LYS NZ  HZ1  sing N N 304 
LYS NZ  HZ2  sing N N 305 
LYS NZ  HZ3  sing N N 306 
LYS OXT HXT  sing N N 307 
MET N   CA   sing N N 308 
MET N   H    sing N N 309 
MET N   H2   sing N N 310 
MET CA  C    sing N N 311 
MET CA  CB   sing N N 312 
MET CA  HA   sing N N 313 
MET C   O    doub N N 314 
MET C   OXT  sing N N 315 
MET CB  CG   sing N N 316 
MET CB  HB2  sing N N 317 
MET CB  HB3  sing N N 318 
MET CG  SD   sing N N 319 
MET CG  HG2  sing N N 320 
MET CG  HG3  sing N N 321 
MET SD  CE   sing N N 322 
MET CE  HE1  sing N N 323 
MET CE  HE2  sing N N 324 
MET CE  HE3  sing N N 325 
MET OXT HXT  sing N N 326 
PHE N   CA   sing N N 327 
PHE N   H    sing N N 328 
PHE N   H2   sing N N 329 
PHE CA  C    sing N N 330 
PHE CA  CB   sing N N 331 
PHE CA  HA   sing N N 332 
PHE C   O    doub N N 333 
PHE C   OXT  sing N N 334 
PHE CB  CG   sing N N 335 
PHE CB  HB2  sing N N 336 
PHE CB  HB3  sing N N 337 
PHE CG  CD1  doub Y N 338 
PHE CG  CD2  sing Y N 339 
PHE CD1 CE1  sing Y N 340 
PHE CD1 HD1  sing N N 341 
PHE CD2 CE2  doub Y N 342 
PHE CD2 HD2  sing N N 343 
PHE CE1 CZ   doub Y N 344 
PHE CE1 HE1  sing N N 345 
PHE CE2 CZ   sing Y N 346 
PHE CE2 HE2  sing N N 347 
PHE CZ  HZ   sing N N 348 
PHE OXT HXT  sing N N 349 
PRO N   CA   sing N N 350 
PRO N   CD   sing N N 351 
PRO N   H    sing N N 352 
PRO CA  C    sing N N 353 
PRO CA  CB   sing N N 354 
PRO CA  HA   sing N N 355 
PRO C   O    doub N N 356 
PRO C   OXT  sing N N 357 
PRO CB  CG   sing N N 358 
PRO CB  HB2  sing N N 359 
PRO CB  HB3  sing N N 360 
PRO CG  CD   sing N N 361 
PRO CG  HG2  sing N N 362 
PRO CG  HG3  sing N N 363 
PRO CD  HD2  sing N N 364 
PRO CD  HD3  sing N N 365 
PRO OXT HXT  sing N N 366 
SER N   CA   sing N N 367 
SER N   H    sing N N 368 
SER N   H2   sing N N 369 
SER CA  C    sing N N 370 
SER CA  CB   sing N N 371 
SER CA  HA   sing N N 372 
SER C   O    doub N N 373 
SER C   OXT  sing N N 374 
SER CB  OG   sing N N 375 
SER CB  HB2  sing N N 376 
SER CB  HB3  sing N N 377 
SER OG  HG   sing N N 378 
SER OXT HXT  sing N N 379 
THR N   CA   sing N N 380 
THR N   H    sing N N 381 
THR N   H2   sing N N 382 
THR CA  C    sing N N 383 
THR CA  CB   sing N N 384 
THR CA  HA   sing N N 385 
THR C   O    doub N N 386 
THR C   OXT  sing N N 387 
THR CB  OG1  sing N N 388 
THR CB  CG2  sing N N 389 
THR CB  HB   sing N N 390 
THR OG1 HG1  sing N N 391 
THR CG2 HG21 sing N N 392 
THR CG2 HG22 sing N N 393 
THR CG2 HG23 sing N N 394 
THR OXT HXT  sing N N 395 
TRP N   CA   sing N N 396 
TRP N   H    sing N N 397 
TRP N   H2   sing N N 398 
TRP CA  C    sing N N 399 
TRP CA  CB   sing N N 400 
TRP CA  HA   sing N N 401 
TRP C   O    doub N N 402 
TRP C   OXT  sing N N 403 
TRP CB  CG   sing N N 404 
TRP CB  HB2  sing N N 405 
TRP CB  HB3  sing N N 406 
TRP CG  CD1  doub Y N 407 
TRP CG  CD2  sing Y N 408 
TRP CD1 NE1  sing Y N 409 
TRP CD1 HD1  sing N N 410 
TRP CD2 CE2  doub Y N 411 
TRP CD2 CE3  sing Y N 412 
TRP NE1 CE2  sing Y N 413 
TRP NE1 HE1  sing N N 414 
TRP CE2 CZ2  sing Y N 415 
TRP CE3 CZ3  doub Y N 416 
TRP CE3 HE3  sing N N 417 
TRP CZ2 CH2  doub Y N 418 
TRP CZ2 HZ2  sing N N 419 
TRP CZ3 CH2  sing Y N 420 
TRP CZ3 HZ3  sing N N 421 
TRP CH2 HH2  sing N N 422 
TRP OXT HXT  sing N N 423 
TYR N   CA   sing N N 424 
TYR N   H    sing N N 425 
TYR N   H2   sing N N 426 
TYR CA  C    sing N N 427 
TYR CA  CB   sing N N 428 
TYR CA  HA   sing N N 429 
TYR C   O    doub N N 430 
TYR C   OXT  sing N N 431 
TYR CB  CG   sing N N 432 
TYR CB  HB2  sing N N 433 
TYR CB  HB3  sing N N 434 
TYR CG  CD1  doub Y N 435 
TYR CG  CD2  sing Y N 436 
TYR CD1 CE1  sing Y N 437 
TYR CD1 HD1  sing N N 438 
TYR CD2 CE2  doub Y N 439 
TYR CD2 HD2  sing N N 440 
TYR CE1 CZ   doub Y N 441 
TYR CE1 HE1  sing N N 442 
TYR CE2 CZ   sing Y N 443 
TYR CE2 HE2  sing N N 444 
TYR CZ  OH   sing N N 445 
TYR OH  HH   sing N N 446 
TYR OXT HXT  sing N N 447 
VAL N   CA   sing N N 448 
VAL N   H    sing N N 449 
VAL N   H2   sing N N 450 
VAL CA  C    sing N N 451 
VAL CA  CB   sing N N 452 
VAL CA  HA   sing N N 453 
VAL C   O    doub N N 454 
VAL C   OXT  sing N N 455 
VAL CB  CG1  sing N N 456 
VAL CB  CG2  sing N N 457 
VAL CB  HB   sing N N 458 
VAL CG1 HG11 sing N N 459 
VAL CG1 HG12 sing N N 460 
VAL CG1 HG13 sing N N 461 
VAL CG2 HG21 sing N N 462 
VAL CG2 HG22 sing N N 463 
VAL CG2 HG23 sing N N 464 
VAL OXT HXT  sing N N 465 
# 
_pdbx_audit_support.funding_organization   
'National Institutes of Health/National Institute Of Allergy and Infectious Diseases (NIH/NIAID)' 
_pdbx_audit_support.country                'United States' 
_pdbx_audit_support.grant_number           AI110310 
_pdbx_audit_support.ordinal                1 
# 
_pdbx_initial_refinement_model.id               1 
_pdbx_initial_refinement_model.entity_id_list   ? 
_pdbx_initial_refinement_model.type             'experimental model' 
_pdbx_initial_refinement_model.source_name      PDB 
_pdbx_initial_refinement_model.accession_code   4O55 
_pdbx_initial_refinement_model.details          'PDB entry 4O55' 
# 
_atom_sites.entry_id                    6EB1 
_atom_sites.fract_transf_matrix[1][1]   -0.00333328 
_atom_sites.fract_transf_matrix[1][2]   -0.01472150 
_atom_sites.fract_transf_matrix[1][3]   0.00519289 
_atom_sites.fract_transf_matrix[2][1]   -0.00405215 
_atom_sites.fract_transf_matrix[2][2]   -0.00235385 
_atom_sites.fract_transf_matrix[2][3]   0.01525965 
_atom_sites.fract_transf_matrix[3][1]   -0.01444974 
_atom_sites.fract_transf_matrix[3][2]   0.00202863 
_atom_sites.fract_transf_matrix[3][3]   -0.00352416 
_atom_sites.fract_transf_vector[1]      -0.090598 
_atom_sites.fract_transf_vector[2]      0.436405 
_atom_sites.fract_transf_vector[3]      -0.215145 
# 
loop_
_atom_type.symbol 
AS 
C  
N  
O  
S  
# 
loop_
_atom_site.group_PDB 
_atom_site.id 
_atom_site.type_symbol 
_atom_site.label_atom_id 
_atom_site.label_alt_id 
_atom_site.label_comp_id 
_atom_site.label_asym_id 
_atom_site.label_entity_id 
_atom_site.label_seq_id 
_atom_site.pdbx_PDB_ins_code 
_atom_site.Cartn_x 
_atom_site.Cartn_y 
_atom_site.Cartn_z 
_atom_site.occupancy 
_atom_site.B_iso_or_equiv 
_atom_site.pdbx_formal_charge 
_atom_site.auth_seq_id 
_atom_site.auth_comp_id 
_atom_site.auth_asym_id 
_atom_site.auth_atom_id 
_atom_site.pdbx_PDB_model_num 
ATOM   1    N  N   . CYS A 1 27  ? -0.198  0.728   -16.247 1.00 38.19 ?  56  CYS A N   1 
ATOM   2    C  CA  . CYS A 1 27  ? 0.783   1.796   -16.072 1.00 45.45 ?  56  CYS A CA  1 
ATOM   3    C  C   . CYS A 1 27  ? 2.217   1.213   -16.030 1.00 47.90 ?  56  CYS A C   1 
ATOM   4    O  O   . CYS A 1 27  ? 2.433   0.047   -16.372 1.00 49.18 ?  56  CYS A O   1 
ATOM   5    C  CB  . CYS A 1 27  ? 0.476   2.609   -14.793 1.00 48.80 ?  56  CYS A CB  1 
ATOM   6    S  SG  . CYS A 1 27  ? -0.899  3.885   -14.870 1.00 49.76 ?  56  CYS A SG  1 
ATOM   7    N  N   . SER A 1 28  ? 3.198   2.033   -15.607 1.00 40.02 ?  57  SER A N   1 
ATOM   8    C  CA  . SER A 1 28  ? 4.598   1.643   -15.492 1.00 43.01 ?  57  SER A CA  1 
ATOM   9    C  C   . SER A 1 28  ? 4.845   0.761   -14.260 1.00 35.75 ?  57  SER A C   1 
ATOM   10   O  O   . SER A 1 28  ? 4.179   0.914   -13.231 1.00 32.22 ?  57  SER A O   1 
ATOM   11   C  CB  . SER A 1 28  ? 5.484   2.883   -15.413 1.00 38.01 ?  57  SER A CB  1 
ATOM   12   O  OG  . SER A 1 28  ? 6.526   2.696   -14.462 1.00 40.01 ?  57  SER A OG  1 
ATOM   13   N  N   . PRO A 1 29  ? 5.824   -0.151  -14.331 1.00 35.43 ?  58  PRO A N   1 
ATOM   14   C  CA  . PRO A 1 29  ? 6.011   -1.137  -13.246 1.00 32.21 ?  58  PRO A CA  1 
ATOM   15   C  C   . PRO A 1 29  ? 6.555   -0.560  -11.938 1.00 28.98 ?  58  PRO A C   1 
ATOM   16   O  O   . PRO A 1 29  ? 6.553   -1.276  -10.929 1.00 23.73 ?  58  PRO A O   1 
ATOM   17   C  CB  . PRO A 1 29  ? 7.007   -2.132  -13.850 1.00 31.87 ?  58  PRO A CB  1 
ATOM   18   C  CG  . PRO A 1 29  ? 7.772   -1.329  -14.841 1.00 36.58 ?  58  PRO A CG  1 
ATOM   19   C  CD  . PRO A 1 29  ? 6.776   -0.366  -15.434 1.00 35.10 ?  58  PRO A CD  1 
ATOM   20   N  N   . GLY A 1 30  ? 7.012   0.688   -11.918 1.00 28.29 ?  59  GLY A N   1 
ATOM   21   C  CA  . GLY A 1 30  ? 7.507   1.316   -10.714 1.00 27.07 ?  59  GLY A CA  1 
ATOM   22   C  C   . GLY A 1 30  ? 6.517   2.186   -9.967  1.00 23.70 ?  59  GLY A C   1 
ATOM   23   O  O   . GLY A 1 30  ? 6.910   2.819   -8.980  1.00 19.33 ?  59  GLY A O   1 
ATOM   24   N  N   . ILE A 1 31  ? 5.247   2.230   -10.391 1.00 20.87 ?  60  ILE A N   1 
ATOM   25   C  CA  . ILE A 1 31  ? 4.257   3.151   -9.829  1.00 22.03 ?  60  ILE A CA  1 
ATOM   26   C  C   . ILE A 1 31  ? 3.478   2.463   -8.709  1.00 22.88 ?  60  ILE A C   1 
ATOM   27   O  O   . ILE A 1 31  ? 2.941   1.360   -8.891  1.00 18.43 ?  60  ILE A O   1 
ATOM   28   C  CB  . ILE A 1 31  ? 3.300   3.659   -10.923 1.00 28.58 ?  60  ILE A CB  1 
ATOM   29   C  CG1 . ILE A 1 31  ? 4.075   4.371   -12.040 1.00 31.30 ?  60  ILE A CG1 1 
ATOM   30   C  CG2 . ILE A 1 31  ? 2.240   4.584   -10.333 1.00 22.72 ?  60  ILE A CG2 1 
ATOM   31   C  CD1 . ILE A 1 31  ? 3.211   4.743   -13.251 1.00 31.90 ?  60  ILE A CD1 1 
ATOM   32   N  N   . TRP A 1 32  ? 3.420   3.115   -7.547  1.00 20.45 ?  61  TRP A N   1 
ATOM   33   C  CA  . TRP A 1 32  ? 2.636   2.664   -6.405  1.00 17.68 ?  61  TRP A CA  1 
ATOM   34   C  C   . TRP A 1 32  ? 1.730   3.800   -5.941  1.00 18.71 ?  61  TRP A C   1 
ATOM   35   O  O   . TRP A 1 32  ? 2.051   4.976   -6.108  1.00 21.74 ?  61  TRP A O   1 
ATOM   36   C  CB  . TRP A 1 32  ? 3.528   2.217   -5.245  1.00 15.08 ?  61  TRP A CB  1 
ATOM   37   C  CG  . TRP A 1 32  ? 4.308   0.964   -5.508  1.00 16.55 ?  61  TRP A CG  1 
ATOM   38   C  CD1 . TRP A 1 32  ? 5.409   0.828   -6.302  1.00 18.08 ?  61  TRP A CD1 1 
ATOM   39   C  CD2 . TRP A 1 32  ? 4.047   -0.331  -4.957  1.00 16.43 ?  61  TRP A CD2 1 
ATOM   40   N  NE1 . TRP A 1 32  ? 5.839   -0.479  -6.287  1.00 20.17 ?  61  TRP A NE1 1 
ATOM   41   C  CE2 . TRP A 1 32  ? 5.025   -1.207  -5.461  1.00 16.77 ?  61  TRP A CE2 1 
ATOM   42   C  CE3 . TRP A 1 32  ? 3.074   -0.834  -4.078  1.00 18.75 ?  61  TRP A CE3 1 
ATOM   43   C  CZ2 . TRP A 1 32  ? 5.062   -2.563  -5.126  1.00 16.72 ?  61  TRP A CZ2 1 
ATOM   44   C  CZ3 . TRP A 1 32  ? 3.118   -2.179  -3.744  1.00 18.04 ?  61  TRP A CZ3 1 
ATOM   45   C  CH2 . TRP A 1 32  ? 4.108   -3.025  -4.267  1.00 18.10 ?  61  TRP A CH2 1 
ATOM   46   N  N   . GLN A 1 33  ? 0.601   3.437   -5.351  1.00 15.53 ?  62  GLN A N   1 
ATOM   47   C  CA  . GLN A 1 33  ? -0.345  4.379   -4.786  1.00 15.98 ?  62  GLN A CA  1 
ATOM   48   C  C   . GLN A 1 33  ? -0.518  4.085   -3.304  1.00 16.14 ?  62  GLN A C   1 
ATOM   49   O  O   . GLN A 1 33  ? -0.780  2.944   -2.925  1.00 19.17 ?  62  GLN A O   1 
ATOM   50   C  CB  . GLN A 1 33  ? -1.685  4.283   -5.507  1.00 20.57 ?  62  GLN A CB  1 
ATOM   51   C  CG  . GLN A 1 33  ? -2.798  4.982   -4.768  1.00 25.39 ?  62  GLN A CG  1 
ATOM   52   C  CD  . GLN A 1 33  ? -3.578  5.916   -5.659  1.00 22.31 ?  62  GLN A CD  1 
ATOM   53   O  OE1 . GLN A 1 33  ? -3.266  6.060   -6.834  1.00 28.19 ?  62  GLN A OE1 1 
ATOM   54   N  NE2 . GLN A 1 33  ? -4.603  6.550   -5.105  1.00 23.96 ?  62  GLN A NE2 1 
ATOM   55   N  N   . LEU A 1 34  ? -0.368  5.107   -2.471  1.00 16.85 ?  63  LEU A N   1 
ATOM   56   C  CA  . LEU A 1 34  ? -0.495  4.980   -1.020  1.00 19.30 ?  63  LEU A CA  1 
ATOM   57   C  C   . LEU A 1 34  ? -1.652  5.835   -0.531  1.00 19.05 ?  63  LEU A C   1 
ATOM   58   O  O   . LEU A 1 34  ? -1.760  7.005   -0.917  1.00 18.10 ?  63  LEU A O   1 
ATOM   59   C  CB  . LEU A 1 34  ? 0.781   5.430   -0.281  1.00 20.04 ?  63  LEU A CB  1 
ATOM   60   C  CG  . LEU A 1 34  ? 1.811   4.383   0.104   1.00 24.60 ?  63  LEU A CG  1 
ATOM   61   C  CD1 . LEU A 1 34  ? 2.407   3.820   -1.183  1.00 26.03 ?  63  LEU A CD1 1 
ATOM   62   C  CD2 . LEU A 1 34  ? 2.900   5.016   0.964   1.00 21.85 ?  63  LEU A CD2 1 
ATOM   63   N  N   . ASP A 1 35  ? -2.493  5.253   0.328   1.00 17.52 ?  64  ASP A N   1 
ATOM   64   C  CA  . ASP A 1 35  ? -3.605  5.944   0.973   1.00 20.04 ?  64  ASP A CA  1 
ATOM   65   C  C   . ASP A 1 35  ? -3.861  5.336   2.347   1.00 19.25 ?  64  ASP A C   1 
ATOM   66   O  O   . ASP A 1 35  ? -3.523  4.177   2.578   1.00 22.36 ?  64  ASP A O   1 
ATOM   67   C  CB  . ASP A 1 35  ? -4.889  5.843   0.130   1.00 17.07 ?  64  ASP A CB  1 
ATOM   68   C  CG  . ASP A 1 35  ? -4.728  6.436   -1.223  1.00 19.40 ?  64  ASP A CG  1 
ATOM   69   O  OD1 . ASP A 1 35  ? -4.761  7.688   -1.339  1.00 22.28 ?  64  ASP A OD1 1 
ATOM   70   O  OD2 . ASP A 1 35  ? -4.539  5.660   -2.175  1.00 20.60 ?  64  ASP A OD2 1 
HETATM 71   N  N   . CAF A 1 36  ? -4.474  6.097   3.244   1.00 15.18 ?  65  CAF A N   1 
HETATM 72   C  CA  . CAF A 1 36  ? -4.944  5.532   4.493   1.00 21.66 ?  65  CAF A CA  1 
HETATM 73   C  CB  . CAF A 1 36  ? -4.568  6.424   5.679   1.00 25.13 ?  65  CAF A CB  1 
HETATM 74   C  C   . CAF A 1 36  ? -6.468  5.380   4.472   1.00 22.38 ?  65  CAF A C   1 
HETATM 75   O  O   . CAF A 1 36  ? -7.165  6.231   3.856   1.00 21.05 ?  65  CAF A O   1 
HETATM 76   S  SG  . CAF A 1 36  ? -2.760  6.367   5.913   1.00 20.47 ?  65  CAF A SG  1 
HETATM 77   AS AS  . CAF A 1 36  ? -2.060  8.155   4.751   1.00 24.97 ?  65  CAF A AS  1 
HETATM 78   C  CE1 . CAF A 1 36  ? -0.777  7.491   3.412   1.00 20.98 ?  65  CAF A CE1 1 
HETATM 79   C  CE2 . CAF A 1 36  ? -1.066  9.229   6.044   1.00 22.33 ?  65  CAF A CE2 1 
HETATM 80   O  O1  . CAF A 1 36  ? -3.189  8.886   3.921   1.00 36.67 ?  65  CAF A O1  1 
ATOM   81   N  N   . THR A 1 37  ? -6.973  4.307   5.085   1.00 21.89 ?  66  THR A N   1 
ATOM   82   C  CA  . THR A 1 37  ? -8.391  4.194   5.427   1.00 27.63 ?  66  THR A CA  1 
ATOM   83   C  C   . THR A 1 37  ? -8.561  4.054   6.920   1.00 27.57 ?  66  THR A C   1 
ATOM   84   O  O   . THR A 1 37  ? -7.640  3.663   7.645   1.00 25.41 ?  66  THR A O   1 
ATOM   85   C  CB  . THR A 1 37  ? -9.112  2.978   4.789   1.00 33.81 ?  66  THR A CB  1 
ATOM   86   O  OG1 . THR A 1 37  ? -8.178  2.125   4.123   1.00 32.91 ?  66  THR A OG1 1 
ATOM   87   C  CG2 . THR A 1 37  ? -10.192 3.432   3.823   1.00 31.78 ?  66  THR A CG2 1 
ATOM   88   N  N   . HIS A 1 38  ? -9.779  4.330   7.360   1.00 28.15 ?  67  HIS A N   1 
ATOM   89   C  CA  . HIS A 1 38  ? -10.145 4.290   8.765   1.00 31.13 ?  67  HIS A CA  1 
ATOM   90   C  C   . HIS A 1 38  ? -11.156 3.179   9.001   1.00 25.98 ?  67  HIS A C   1 
ATOM   91   O  O   . HIS A 1 38  ? -12.051 2.951   8.184   1.00 27.54 ?  67  HIS A O   1 
ATOM   92   C  CB  . HIS A 1 38  ? -10.698 5.645   9.210   1.00 30.44 ?  67  HIS A CB  1 
ATOM   93   C  CG  . HIS A 1 38  ? -9.681  6.733   9.137   1.00 30.36 ?  67  HIS A CG  1 
ATOM   94   N  ND1 . HIS A 1 38  ? -9.300  7.308   7.946   1.00 37.18 ?  67  HIS A ND1 1 
ATOM   95   C  CD2 . HIS A 1 38  ? -8.902  7.294   10.093  1.00 37.91 ?  67  HIS A CD2 1 
ATOM   96   C  CE1 . HIS A 1 38  ? -8.350  8.196   8.171   1.00 31.69 ?  67  HIS A CE1 1 
ATOM   97   N  NE2 . HIS A 1 38  ? -8.089  8.208   9.467   1.00 32.86 ?  67  HIS A NE2 1 
ATOM   98   N  N   . LEU A 1 39  ? -10.983 2.477   10.111  1.00 28.78 ?  68  LEU A N   1 
ATOM   99   C  CA  . LEU A 1 39  ? -11.837 1.361   10.475  1.00 27.03 ?  68  LEU A CA  1 
ATOM   100  C  C   . LEU A 1 39  ? -11.626 1.134   11.956  1.00 27.46 ?  68  LEU A C   1 
ATOM   101  O  O   . LEU A 1 39  ? -10.477 1.098   12.407  1.00 30.26 ?  68  LEU A O   1 
ATOM   102  C  CB  . LEU A 1 39  ? -11.465 0.112   9.669   1.00 27.27 ?  68  LEU A CB  1 
ATOM   103  C  CG  . LEU A 1 39  ? -12.478 -0.987  9.390   1.00 34.39 ?  68  LEU A CG  1 
ATOM   104  C  CD1 . LEU A 1 39  ? -13.586 -0.478  8.447   1.00 33.05 ?  68  LEU A CD1 1 
ATOM   105  C  CD2 . LEU A 1 39  ? -11.759 -2.201  8.806   1.00 26.81 ?  68  LEU A CD2 1 
ATOM   106  N  N   . GLU A 1 40  ? -12.718 1.020   12.714  1.00 24.07 ?  69  GLU A N   1 
ATOM   107  C  CA  . GLU A 1 40  ? -12.664 0.754   14.154  1.00 28.09 ?  69  GLU A CA  1 
ATOM   108  C  C   . GLU A 1 40  ? -11.835 1.794   14.911  1.00 25.61 ?  69  GLU A C   1 
ATOM   109  O  O   . GLU A 1 40  ? -11.224 1.488   15.937  1.00 27.97 ?  69  GLU A O   1 
ATOM   110  C  CB  . GLU A 1 40  ? -12.135 -0.659  14.432  1.00 26.64 ?  69  GLU A CB  1 
ATOM   111  C  CG  . GLU A 1 40  ? -12.982 -1.731  13.766  1.00 26.58 ?  69  GLU A CG  1 
ATOM   112  C  CD  . GLU A 1 40  ? -12.491 -3.154  14.023  1.00 27.29 ?  69  GLU A CD  1 
ATOM   113  O  OE1 . GLU A 1 40  ? -12.952 -4.062  13.299  1.00 28.19 ?  69  GLU A OE1 1 
ATOM   114  O  OE2 . GLU A 1 40  ? -11.664 -3.371  14.939  1.00 23.94 ?  69  GLU A OE2 1 
ATOM   115  N  N   . GLY A 1 41  ? -11.804 3.033   14.425  1.00 30.61 ?  70  GLY A N   1 
ATOM   116  C  CA  . GLY A 1 41  ? -10.969 4.034   15.056  1.00 28.29 ?  70  GLY A CA  1 
ATOM   117  C  C   . GLY A 1 41  ? -9.484  3.825   14.873  1.00 34.24 ?  70  GLY A C   1 
ATOM   118  O  O   . GLY A 1 41  ? -8.684  4.385   15.639  1.00 30.04 ?  70  GLY A O   1 
ATOM   119  N  N   . LYS A 1 42  ? -9.083  3.025   13.885  1.00 31.93 ?  71  LYS A N   1 
ATOM   120  C  CA  . LYS A 1 42  ? -7.675  2.806   13.586  1.00 28.28 ?  71  LYS A CA  1 
ATOM   121  C  C   . LYS A 1 42  ? -7.372  3.147   12.127  1.00 25.72 ?  71  LYS A C   1 
ATOM   122  O  O   . LYS A 1 42  ? -8.266  3.318   11.292  1.00 28.93 ?  71  LYS A O   1 
ATOM   123  C  CB  . LYS A 1 42  ? -7.266  1.362   13.909  1.00 26.94 ?  71  LYS A CB  1 
ATOM   124  C  CG  . LYS A 1 42  ? -7.259  1.053   15.411  1.00 27.16 ?  71  LYS A CG  1 
ATOM   125  C  CD  . LYS A 1 42  ? -6.726  -0.350  15.702  1.00 33.41 ?  71  LYS A CD  1 
ATOM   126  C  CE  . LYS A 1 42  ? -6.952  -0.724  17.158  1.00 34.13 ?  71  LYS A CE  1 
ATOM   127  N  NZ  . LYS A 1 42  ? -8.405  -0.589  17.455  1.00 39.40 ?  71  LYS A NZ  1 
ATOM   128  N  N   . VAL A 1 43  ? -6.084  3.228   11.816  1.00 22.84 ?  72  VAL A N   1 
ATOM   129  C  CA  . VAL A 1 43  ? -5.622  3.701   10.527  1.00 23.63 ?  72  VAL A CA  1 
ATOM   130  C  C   . VAL A 1 43  ? -4.950  2.546   9.811   1.00 24.50 ?  72  VAL A C   1 
ATOM   131  O  O   . VAL A 1 43  ? -4.068  1.891   10.375  1.00 26.34 ?  72  VAL A O   1 
ATOM   132  C  CB  . VAL A 1 43  ? -4.665  4.892   10.680  1.00 25.33 ?  72  VAL A CB  1 
ATOM   133  C  CG1 . VAL A 1 43  ? -4.247  5.380   9.313   1.00 21.80 ?  72  VAL A CG1 1 
ATOM   134  C  CG2 . VAL A 1 43  ? -5.355  6.005   11.479  1.00 26.76 ?  72  VAL A CG2 1 
ATOM   135  N  N   . ILE A 1 44  ? -5.376  2.290   8.576   1.00 25.39 ?  73  ILE A N   1 
ATOM   136  C  CA  . ILE A 1 44  ? -4.791  1.255   7.731   1.00 21.58 ?  73  ILE A CA  1 
ATOM   137  C  C   . ILE A 1 44  ? -4.124  1.945   6.564   1.00 20.62 ?  73  ILE A C   1 
ATOM   138  O  O   . ILE A 1 44  ? -4.791  2.616   5.771   1.00 21.98 ?  73  ILE A O   1 
ATOM   139  C  CB  . ILE A 1 44  ? -5.840  0.262   7.217   1.00 24.53 ?  73  ILE A CB  1 
ATOM   140  C  CG1 . ILE A 1 44  ? -6.677  -0.292  8.369   1.00 23.53 ?  73  ILE A CG1 1 
ATOM   141  C  CG2 . ILE A 1 44  ? -5.136  -0.847  6.448   1.00 20.64 ?  73  ILE A CG2 1 
ATOM   142  C  CD1 . ILE A 1 44  ? -7.905  -1.068  7.913   1.00 27.51 ?  73  ILE A CD1 1 
ATOM   143  N  N   . LEU A 1 45  ? -2.817  1.795   6.461   1.00 18.09 ?  74  LEU A N   1 
ATOM   144  C  CA  . LEU A 1 45  ? -2.085  2.297   5.312   1.00 22.31 ?  74  LEU A CA  1 
ATOM   145  C  C   . LEU A 1 45  ? -2.089  1.233   4.215   1.00 21.27 ?  74  LEU A C   1 
ATOM   146  O  O   . LEU A 1 45  ? -1.714  0.085   4.458   1.00 18.57 ?  74  LEU A O   1 
ATOM   147  C  CB  . LEU A 1 45  ? -0.660  2.659   5.726   1.00 17.78 ?  74  LEU A CB  1 
ATOM   148  C  CG  . LEU A 1 45  ? -0.008  3.752   4.898   1.00 21.29 ?  74  LEU A CG  1 
ATOM   149  C  CD1 . LEU A 1 45  ? 1.077   4.429   5.696   1.00 21.59 ?  74  LEU A CD1 1 
ATOM   150  C  CD2 . LEU A 1 45  ? 0.555   3.148   3.622   1.00 23.82 ?  74  LEU A CD2 1 
ATOM   151  N  N   . VAL A 1 46  ? -2.521  1.613   3.012   1.00 17.43 ?  75  VAL A N   1 
ATOM   152  C  CA  . VAL A 1 46  ? -2.686  0.679   1.898   1.00 17.99 ?  75  VAL A CA  1 
ATOM   153  C  C   . VAL A 1 46  ? -1.832  1.164   0.742   1.00 17.31 ?  75  VAL A C   1 
ATOM   154  O  O   . VAL A 1 46  ? -2.013  2.291   0.263   1.00 15.73 ?  75  VAL A O   1 
ATOM   155  C  CB  . VAL A 1 46  ? -4.158  0.546   1.463   1.00 18.94 ?  75  VAL A CB  1 
ATOM   156  C  CG1 . VAL A 1 46  ? -4.290  -0.426  0.275   1.00 20.15 ?  75  VAL A CG1 1 
ATOM   157  C  CG2 . VAL A 1 46  ? -4.999  0.091   2.608   1.00 17.36 ?  75  VAL A CG2 1 
ATOM   158  N  N   . ALA A 1 47  ? -0.900  0.318   0.305   1.00 15.87 ?  76  ALA A N   1 
ATOM   159  C  CA  . ALA A 1 47  ? -0.089  0.551   -0.884  1.00 16.35 ?  76  ALA A CA  1 
ATOM   160  C  C   . ALA A 1 47  ? -0.547  -0.407  -1.969  1.00 16.66 ?  76  ALA A C   1 
ATOM   161  O  O   . ALA A 1 47  ? -0.664  -1.612  -1.724  1.00 19.29 ?  76  ALA A O   1 
ATOM   162  C  CB  . ALA A 1 47  ? 1.406   0.349   -0.591  1.00 16.43 ?  76  ALA A CB  1 
ATOM   163  N  N   . VAL A 1 48  ? -0.820  0.125   -3.158  1.00 16.94 ?  77  VAL A N   1 
ATOM   164  C  CA  . VAL A 1 48  ? -1.254  -0.674  -4.298  1.00 15.20 ?  77  VAL A CA  1 
ATOM   165  C  C   . VAL A 1 48  ? -0.224  -0.545  -5.409  1.00 16.74 ?  77  VAL A C   1 
ATOM   166  O  O   . VAL A 1 48  ? 0.128   0.569   -5.810  1.00 16.22 ?  77  VAL A O   1 
ATOM   167  C  CB  . VAL A 1 48  ? -2.639  -0.245  -4.816  1.00 18.76 ?  77  VAL A CB  1 
ATOM   168  C  CG1 . VAL A 1 48  ? -3.084  -1.227  -5.894  1.00 19.06 ?  77  VAL A CG1 1 
ATOM   169  C  CG2 . VAL A 1 48  ? -3.657  -0.180  -3.680  1.00 15.15 ?  77  VAL A CG2 1 
ATOM   170  N  N   . HIS A 1 49  ? 0.260   -1.679  -5.907  1.00 16.48 ?  78  HIS A N   1 
ATOM   171  C  CA  . HIS A 1 49  ? 1.102   -1.670  -7.101  1.00 17.74 ?  78  HIS A CA  1 
ATOM   172  C  C   . HIS A 1 49  ? 0.185   -1.510  -8.318  1.00 20.70 ?  78  HIS A C   1 
ATOM   173  O  O   . HIS A 1 49  ? -0.611  -2.406  -8.635  1.00 19.03 ?  78  HIS A O   1 
ATOM   174  C  CB  . HIS A 1 49  ? 1.947   -2.941  -7.176  1.00 15.66 ?  78  HIS A CB  1 
ATOM   175  C  CG  . HIS A 1 49  ? 2.857   -2.981  -8.363  1.00 17.62 ?  78  HIS A CG  1 
ATOM   176  N  ND1 . HIS A 1 49  ? 2.649   -3.830  -9.430  1.00 20.30 ?  78  HIS A ND1 1 
ATOM   177  C  CD2 . HIS A 1 49  ? 3.961   -2.258  -8.668  1.00 16.74 ?  78  HIS A CD2 1 
ATOM   178  C  CE1 . HIS A 1 49  ? 3.599   -3.641  -10.331 1.00 20.79 ?  78  HIS A CE1 1 
ATOM   179  N  NE2 . HIS A 1 49  ? 4.414   -2.698  -9.888  1.00 21.56 ?  78  HIS A NE2 1 
ATOM   180  N  N   . VAL A 1 50  ? 0.278   -0.361  -8.989  1.00 19.20 ?  79  VAL A N   1 
ATOM   181  C  CA  . VAL A 1 50  ? -0.807  0.056   -9.877  1.00 23.73 ?  79  VAL A CA  1 
ATOM   182  C  C   . VAL A 1 50  ? -0.943  -0.902  -11.059 1.00 23.28 ?  79  VAL A C   1 
ATOM   183  O  O   . VAL A 1 50  ? -2.054  -1.280  -11.442 1.00 20.86 ?  79  VAL A O   1 
ATOM   184  C  CB  . VAL A 1 50  ? -0.592  1.510   -10.348 1.00 26.27 ?  79  VAL A CB  1 
ATOM   185  C  CG1 . VAL A 1 50  ? -1.715  1.933   -11.302 1.00 26.40 ?  79  VAL A CG1 1 
ATOM   186  C  CG2 . VAL A 1 50  ? -0.523  2.459   -9.157  1.00 23.32 ?  79  VAL A CG2 1 
ATOM   187  N  N   . ALA A 1 51  ? 0.178   -1.317  -11.647 1.00 25.13 ?  80  ALA A N   1 
ATOM   188  C  CA  . ALA A 1 51  ? 0.114   -2.169  -12.835 1.00 28.22 ?  80  ALA A CA  1 
ATOM   189  C  C   . ALA A 1 51  ? -0.478  -3.544  -12.530 1.00 28.69 ?  80  ALA A C   1 
ATOM   190  O  O   . ALA A 1 51  ? -1.064  -4.173  -13.419 1.00 25.00 ?  80  ALA A O   1 
ATOM   191  C  CB  . ALA A 1 51  ? 1.513   -2.332  -13.445 1.00 25.93 ?  80  ALA A CB  1 
ATOM   192  N  N   . SER A 1 52  ? -0.329  -4.039  -11.295 1.00 22.41 ?  81  SER A N   1 
ATOM   193  C  CA  . SER A 1 52  ? -0.703  -5.411  -10.990 1.00 20.09 ?  81  SER A CA  1 
ATOM   194  C  C   . SER A 1 52  ? -1.920  -5.541  -10.090 1.00 19.94 ?  81  SER A C   1 
ATOM   195  O  O   . SER A 1 52  ? -2.563  -6.592  -10.110 1.00 23.91 ?  81  SER A O   1 
ATOM   196  C  CB  . SER A 1 52  ? 0.477   -6.157  -10.337 1.00 23.10 ?  81  SER A CB  1 
ATOM   197  O  OG  . SER A 1 52  ? 0.825   -5.589  -9.071  1.00 23.51 ?  81  SER A OG  1 
ATOM   198  N  N   . GLY A 1 53  ? -2.250  -4.526  -9.298  1.00 18.49 ?  82  GLY A N   1 
ATOM   199  C  CA  . GLY A 1 53  ? -3.297  -4.676  -8.295  1.00 20.92 ?  82  GLY A CA  1 
ATOM   200  C  C   . GLY A 1 53  ? -2.851  -5.296  -6.979  1.00 21.03 ?  82  GLY A C   1 
ATOM   201  O  O   . GLY A 1 53  ? -3.678  -5.439  -6.065  1.00 18.96 ?  82  GLY A O   1 
ATOM   202  N  N   . TYR A 1 54  ? -1.572  -5.656  -6.858  1.00 19.15 ?  83  TYR A N   1 
ATOM   203  C  CA  . TYR A 1 54  ? -1.007  -6.220  -5.643  1.00 17.18 ?  83  TYR A CA  1 
ATOM   204  C  C   . TYR A 1 54  ? -0.975  -5.181  -4.522  1.00 18.35 ?  83  TYR A C   1 
ATOM   205  O  O   . TYR A 1 54  ? -0.685  -4.001  -4.745  1.00 16.45 ?  83  TYR A O   1 
ATOM   206  C  CB  . TYR A 1 54  ? 0.408   -6.732  -5.950  1.00 18.24 ?  83  TYR A CB  1 
ATOM   207  C  CG  . TYR A 1 54  ? 1.296   -7.001  -4.747  1.00 17.33 ?  83  TYR A CG  1 
ATOM   208  C  CD1 . TYR A 1 54  ? 1.968   -5.954  -4.110  1.00 19.34 ?  83  TYR A CD1 1 
ATOM   209  C  CD2 . TYR A 1 54  ? 1.515   -8.299  -4.285  1.00 21.09 ?  83  TYR A CD2 1 
ATOM   210  C  CE1 . TYR A 1 54  ? 2.777   -6.163  -3.030  1.00 17.82 ?  83  TYR A CE1 1 
ATOM   211  C  CE2 . TYR A 1 54  ? 2.363   -8.532  -3.177  1.00 23.39 ?  83  TYR A CE2 1 
ATOM   212  C  CZ  . TYR A 1 54  ? 2.981   -7.447  -2.566  1.00 23.71 ?  83  TYR A CZ  1 
ATOM   213  O  OH  . TYR A 1 54  ? 3.807   -7.611  -1.480  1.00 31.95 ?  83  TYR A OH  1 
ATOM   214  N  N   . ILE A 1 55  ? -1.216  -5.636  -3.300  1.00 18.82 ?  84  ILE A N   1 
ATOM   215  C  CA  . ILE A 1 55  ? -1.380  -4.751  -2.157  1.00 19.42 ?  84  ILE A CA  1 
ATOM   216  C  C   . ILE A 1 55  ? -0.432  -5.159  -1.041  1.00 20.04 ?  84  ILE A C   1 
ATOM   217  O  O   . ILE A 1 55  ? -0.220  -6.353  -0.799  1.00 16.93 ?  84  ILE A O   1 
ATOM   218  C  CB  . ILE A 1 55  ? -2.833  -4.774  -1.648  1.00 20.87 ?  84  ILE A CB  1 
ATOM   219  C  CG1 . ILE A 1 55  ? -3.728  -3.918  -2.536  1.00 20.55 ?  84  ILE A CG1 1 
ATOM   220  C  CG2 . ILE A 1 55  ? -2.927  -4.353  -0.180  1.00 20.74 ?  84  ILE A CG2 1 
ATOM   221  C  CD1 . ILE A 1 55  ? -5.228  -4.288  -2.374  1.00 22.54 ?  84  ILE A CD1 1 
ATOM   222  N  N   . GLU A 1 56  ? 0.133   -4.152  -0.367  1.00 20.36 ?  85  GLU A N   1 
ATOM   223  C  CA  . GLU A 1 56  ? 0.667   -4.250  0.986   1.00 23.44 ?  85  GLU A CA  1 
ATOM   224  C  C   . GLU A 1 56  ? -0.119  -3.318  1.902   1.00 23.44 ?  85  GLU A C   1 
ATOM   225  O  O   . GLU A 1 56  ? -0.480  -2.203  1.507   1.00 27.03 ?  85  GLU A O   1 
ATOM   226  C  CB  . GLU A 1 56  ? 2.133   -3.854  1.047   1.00 24.06 ?  85  GLU A CB  1 
ATOM   227  C  CG  . GLU A 1 56  ? 2.998   -4.538  0.081   1.00 27.21 ?  85  GLU A CG  1 
ATOM   228  C  CD  . GLU A 1 56  ? 4.354   -4.771  0.669   1.00 29.86 ?  85  GLU A CD  1 
ATOM   229  O  OE1 . GLU A 1 56  ? 4.526   -4.405  1.844   1.00 33.06 ?  85  GLU A OE1 1 
ATOM   230  O  OE2 . GLU A 1 56  ? 5.221   -5.332  -0.026  1.00 32.26 ?  85  GLU A OE2 1 
ATOM   231  N  N   . ALA A 1 57  ? -0.379  -3.760  3.126   1.00 21.27 ?  86  ALA A N   1 
ATOM   232  C  CA  . ALA A 1 57  ? -1.099  -2.914  4.065   1.00 22.85 ?  86  ALA A CA  1 
ATOM   233  C  C   . ALA A 1 57  ? -0.614  -3.193  5.477   1.00 28.21 ?  86  ALA A C   1 
ATOM   234  O  O   . ALA A 1 57  ? -0.143  -4.291  5.786   1.00 29.54 ?  86  ALA A O   1 
ATOM   235  C  CB  . ALA A 1 57  ? -2.611  -3.108  3.983   1.00 20.09 ?  86  ALA A CB  1 
ATOM   236  N  N   . GLU A 1 58  ? -0.699  -2.162  6.319   1.00 27.88 ?  87  GLU A N   1 
ATOM   237  C  CA  . GLU A 1 58  ? -0.421  -2.253  7.742   1.00 23.86 ?  87  GLU A CA  1 
ATOM   238  C  C   . GLU A 1 58  ? -1.406  -1.362  8.487   1.00 24.04 ?  87  GLU A C   1 
ATOM   239  O  O   . GLU A 1 58  ? -1.861  -0.338  7.967   1.00 20.43 ?  87  GLU A O   1 
ATOM   240  C  CB  . GLU A 1 58  ? 0.996   -1.791  8.112   1.00 28.04 ?  87  GLU A CB  1 
ATOM   241  C  CG  . GLU A 1 58  ? 2.104   -2.263  7.205   1.00 33.40 ?  87  GLU A CG  1 
ATOM   242  C  CD  . GLU A 1 58  ? 3.087   -3.154  7.915   1.00 35.29 ?  87  GLU A CD  1 
ATOM   243  O  OE1 . GLU A 1 58  ? 4.247   -3.207  7.453   1.00 45.57 ?  87  GLU A OE1 1 
ATOM   244  O  OE2 . GLU A 1 58  ? 2.702   -3.801  8.922   1.00 35.71 ?  87  GLU A OE2 1 
ATOM   245  N  N   . VAL A 1 59  ? -1.703  -1.746  9.720   1.00 26.60 ?  88  VAL A N   1 
ATOM   246  C  CA  . VAL A 1 59  ? -2.380  -0.867  10.660  1.00 27.33 ?  88  VAL A CA  1 
ATOM   247  C  C   . VAL A 1 59  ? -1.319  -0.026  11.346  1.00 25.71 ?  88  VAL A C   1 
ATOM   248  O  O   . VAL A 1 59  ? -0.321  -0.558  11.842  1.00 27.11 ?  88  VAL A O   1 
ATOM   249  C  CB  . VAL A 1 59  ? -3.195  -1.666  11.690  1.00 21.50 ?  88  VAL A CB  1 
ATOM   250  C  CG1 . VAL A 1 59  ? -3.726  -0.723  12.745  1.00 24.32 ?  88  VAL A CG1 1 
ATOM   251  C  CG2 . VAL A 1 59  ? -4.334  -2.379  11.017  1.00 21.40 ?  88  VAL A CG2 1 
ATOM   252  N  N   . ILE A 1 60  ? -1.513  1.286   11.359  1.00 25.56 ?  89  ILE A N   1 
ATOM   253  C  CA  . ILE A 1 60  ? -0.560  2.169   12.021  1.00 27.27 ?  89  ILE A CA  1 
ATOM   254  C  C   . ILE A 1 60  ? -1.327  2.902   13.113  1.00 29.46 ?  89  ILE A C   1 
ATOM   255  O  O   . ILE A 1 60  ? -2.555  3.021   13.023  1.00 29.86 ?  89  ILE A O   1 
ATOM   256  C  CB  . ILE A 1 60  ? 0.118   3.115   11.014  1.00 30.01 ?  89  ILE A CB  1 
ATOM   257  C  CG1 . ILE A 1 60  ? -0.898  4.080   10.390  1.00 24.30 ?  89  ILE A CG1 1 
ATOM   258  C  CG2 . ILE A 1 60  ? 0.826   2.288   9.912   1.00 23.05 ?  89  ILE A CG2 1 
ATOM   259  C  CD1 . ILE A 1 60  ? -0.270  5.068   9.380   1.00 19.99 ?  89  ILE A CD1 1 
ATOM   260  N  N   . PRO A 1 61  ? -0.667  3.359   14.189  1.00 37.23 ?  90  PRO A N   1 
ATOM   261  C  CA  . PRO A 1 61  ? -1.418  3.980   15.284  1.00 36.90 ?  90  PRO A CA  1 
ATOM   262  C  C   . PRO A 1 61  ? -1.956  5.332   14.856  1.00 42.88 ?  90  PRO A C   1 
ATOM   263  O  O   . PRO A 1 61  ? -3.157  5.614   14.981  1.00 40.59 ?  90  PRO A O   1 
ATOM   264  C  CB  . PRO A 1 61  ? -0.380  4.108   16.402  1.00 34.92 ?  90  PRO A CB  1 
ATOM   265  C  CG  . PRO A 1 61  ? 0.788   3.308   15.956  1.00 34.14 ?  90  PRO A CG  1 
ATOM   266  C  CD  . PRO A 1 61  ? 0.775   3.350   14.474  1.00 33.07 ?  90  PRO A CD  1 
ATOM   267  N  N   . ALA A 1 62  ? -1.081  6.159   14.291  1.00 37.89 ?  91  ALA A N   1 
ATOM   268  C  CA  . ALA A 1 62  ? -1.456  7.517   13.947  1.00 35.27 ?  91  ALA A CA  1 
ATOM   269  C  C   . ALA A 1 62  ? -1.211  7.768   12.469  1.00 32.16 ?  91  ALA A C   1 
ATOM   270  O  O   . ALA A 1 62  ? -0.279  7.225   11.876  1.00 35.40 ?  91  ALA A O   1 
ATOM   271  C  CB  . ALA A 1 62  ? -0.686  8.525   14.811  1.00 35.90 ?  91  ALA A CB  1 
ATOM   272  N  N   . GLU A 1 63  ? -2.066  8.599   11.880  1.00 29.85 ?  92  GLU A N   1 
ATOM   273  C  CA  . GLU A 1 63  ? -1.977  8.957   10.470  1.00 28.23 ?  92  GLU A CA  1 
ATOM   274  C  C   . GLU A 1 63  ? -1.027  10.149  10.335  1.00 31.54 ?  92  GLU A C   1 
ATOM   275  O  O   . GLU A 1 63  ? -1.430  11.296  10.127  1.00 33.65 ?  92  GLU A O   1 
ATOM   276  C  CB  . GLU A 1 63  ? -3.372  9.250   9.938   1.00 28.68 ?  92  GLU A CB  1 
ATOM   277  C  CG  . GLU A 1 63  ? -3.497  9.539   8.472   1.00 28.84 ?  92  GLU A CG  1 
ATOM   278  C  CD  . GLU A 1 63  ? -4.944  9.525   8.019   1.00 27.07 ?  92  GLU A CD  1 
ATOM   279  O  OE1 . GLU A 1 63  ? -5.207  9.774   6.834   1.00 28.93 ?  92  GLU A OE1 1 
ATOM   280  O  OE2 . GLU A 1 63  ? -5.826  9.271   8.864   1.00 31.77 ?  92  GLU A OE2 1 
ATOM   281  N  N   . THR A 1 64  ? 0.273   9.856   10.439  1.00 30.51 ?  93  THR A N   1 
ATOM   282  C  CA  . THR A 1 64  ? 1.321   10.873  10.506  1.00 27.33 ?  93  THR A CA  1 
ATOM   283  C  C   . THR A 1 64  ? 2.357   10.706  9.403   1.00 22.70 ?  93  THR A C   1 
ATOM   284  O  O   . THR A 1 64  ? 2.472   9.646   8.783   1.00 23.61 ?  93  THR A O   1 
ATOM   285  C  CB  . THR A 1 64  ? 2.042   10.814  11.836  1.00 24.24 ?  93  THR A CB  1 
ATOM   286  O  OG1 . THR A 1 64  ? 2.817   9.612   11.878  1.00 23.67 ?  93  THR A OG1 1 
ATOM   287  C  CG2 . THR A 1 64  ? 1.032   10.793  12.959  1.00 30.58 ?  93  THR A CG2 1 
ATOM   288  N  N   . GLY A 1 65  ? 3.119   11.784  9.174   1.00 20.90 ?  94  GLY A N   1 
ATOM   289  C  CA  . GLY A 1 65  ? 4.182   11.738  8.188   1.00 19.51 ?  94  GLY A CA  1 
ATOM   290  C  C   . GLY A 1 65  ? 5.233   10.692  8.524   1.00 18.49 ?  94  GLY A C   1 
ATOM   291  O  O   . GLY A 1 65  ? 5.707   9.962   7.651   1.00 17.00 ?  94  GLY A O   1 
ATOM   292  N  N   . GLN A 1 66  ? 5.575   10.572  9.798   1.00 18.00 ?  95  GLN A N   1 
ATOM   293  C  CA  . GLN A 1 66  ? 6.634   9.647   10.172  1.00 20.67 ?  95  GLN A CA  1 
ATOM   294  C  C   . GLN A 1 66  ? 6.225   8.205   9.896   1.00 18.33 ?  95  GLN A C   1 
ATOM   295  O  O   . GLN A 1 66  ? 7.047   7.402   9.449   1.00 20.28 ?  95  GLN A O   1 
ATOM   296  C  CB  . GLN A 1 66  ? 7.009   9.845   11.635  1.00 19.19 ?  95  GLN A CB  1 
ATOM   297  C  CG  . GLN A 1 66  ? 7.676   11.196  11.938  1.00 25.32 ?  95  GLN A CG  1 
ATOM   298  C  CD  . GLN A 1 66  ? 8.305   11.204  13.329  1.00 31.25 ?  95  GLN A CD  1 
ATOM   299  O  OE1 . GLN A 1 66  ? 8.449   10.149  13.947  1.00 34.37 ?  95  GLN A OE1 1 
ATOM   300  N  NE2 . GLN A 1 66  ? 8.677   12.387  13.827  1.00 36.45 ?  95  GLN A NE2 1 
ATOM   301  N  N   . GLU A 1 67  ? 4.956   7.866   10.125  1.00 18.70 ?  96  GLU A N   1 
ATOM   302  C  CA  . GLU A 1 67  ? 4.490   6.524   9.800   1.00 18.87 ?  96  GLU A CA  1 
ATOM   303  C  C   . GLU A 1 67  ? 4.516   6.290   8.298   1.00 17.00 ?  96  GLU A C   1 
ATOM   304  O  O   . GLU A 1 67  ? 4.847   5.190   7.838   1.00 18.08 ?  96  GLU A O   1 
ATOM   305  C  CB  . GLU A 1 67  ? 3.084   6.294   10.358  1.00 16.45 ?  96  GLU A CB  1 
ATOM   306  C  CG  . GLU A 1 67  ? 3.029   6.258   11.874  1.00 18.80 ?  96  GLU A CG  1 
ATOM   307  C  CD  . GLU A 1 67  ? 3.719   5.024   12.476  1.00 23.48 ?  96  GLU A CD  1 
ATOM   308  O  OE1 . GLU A 1 67  ? 3.896   4.020   11.759  1.00 29.76 ?  96  GLU A OE1 1 
ATOM   309  O  OE2 . GLU A 1 67  ? 4.094   5.052   13.665  1.00 28.99 ?  96  GLU A OE2 1 
ATOM   310  N  N   . THR A 1 68  ? 4.145   7.305   7.522   1.00 18.48 ?  97  THR A N   1 
ATOM   311  C  CA  . THR A 1 68  ? 4.206   7.190   6.071   1.00 18.81 ?  97  THR A CA  1 
ATOM   312  C  C   . THR A 1 68  ? 5.645   7.027   5.610   1.00 17.19 ?  97  THR A C   1 
ATOM   313  O  O   . THR A 1 68  ? 5.933   6.221   4.714   1.00 19.18 ?  97  THR A O   1 
ATOM   314  C  CB  . THR A 1 68  ? 3.586   8.427   5.430   1.00 16.93 ?  97  THR A CB  1 
ATOM   315  O  OG1 . THR A 1 68  ? 2.248   8.584   5.887   1.00 18.93 ?  97  THR A OG1 1 
ATOM   316  C  CG2 . THR A 1 68  ? 3.585   8.332   3.924   1.00 21.20 ?  97  THR A CG2 1 
ATOM   317  N  N   . ALA A 1 69  ? 6.554   7.812   6.199   1.00 16.36 ?  98  ALA A N   1 
ATOM   318  C  CA  . ALA A 1 69  ? 7.961   7.776   5.818   1.00 18.72 ?  98  ALA A CA  1 
ATOM   319  C  C   . ALA A 1 69  ? 8.537   6.395   6.054   1.00 17.53 ?  98  ALA A C   1 
ATOM   320  O  O   . ALA A 1 69  ? 9.130   5.786   5.151   1.00 14.65 ?  98  ALA A O   1 
ATOM   321  C  CB  . ALA A 1 69  ? 8.745   8.815   6.621   1.00 16.72 ?  98  ALA A CB  1 
ATOM   322  N  N   . TYR A 1 70  ? 8.358   5.889   7.279   1.00 17.74 ?  99  TYR A N   1 
ATOM   323  C  CA  . TYR A 1 70  ? 8.816   4.550   7.620   1.00 18.47 ?  99  TYR A CA  1 
ATOM   324  C  C   . TYR A 1 70  ? 8.221   3.501   6.688   1.00 16.43 ?  99  TYR A C   1 
ATOM   325  O  O   . TYR A 1 70  ? 8.925   2.584   6.243   1.00 14.33 ?  99  TYR A O   1 
ATOM   326  C  CB  . TYR A 1 70  ? 8.451   4.246   9.076   1.00 19.46 ?  99  TYR A CB  1 
ATOM   327  C  CG  . TYR A 1 70  ? 8.949   2.892   9.538   1.00 20.03 ?  99  TYR A CG  1 
ATOM   328  C  CD1 . TYR A 1 70  ? 10.307  2.645   9.661   1.00 15.61 ?  99  TYR A CD1 1 
ATOM   329  C  CD2 . TYR A 1 70  ? 8.050   1.857   9.850   1.00 20.35 ?  99  TYR A CD2 1 
ATOM   330  C  CE1 . TYR A 1 70  ? 10.768  1.421   10.070  1.00 15.74 ?  99  TYR A CE1 1 
ATOM   331  C  CE2 . TYR A 1 70  ? 8.503   0.627   10.262  1.00 16.96 ?  99  TYR A CE2 1 
ATOM   332  C  CZ  . TYR A 1 70  ? 9.860   0.417   10.375  1.00 19.29 ?  99  TYR A CZ  1 
ATOM   333  O  OH  . TYR A 1 70  ? 10.318  -0.803  10.789  1.00 23.36 ?  99  TYR A OH  1 
ATOM   334  N  N   . PHE A 1 71  ? 6.916   3.611   6.393   1.00 14.56 ?  100 PHE A N   1 
ATOM   335  C  CA  . PHE A 1 71  ? 6.281   2.628   5.520   1.00 15.34 ?  100 PHE A CA  1 
ATOM   336  C  C   . PHE A 1 71  ? 6.886   2.664   4.119   1.00 14.35 ?  100 PHE A C   1 
ATOM   337  O  O   . PHE A 1 71  ? 7.099   1.611   3.495   1.00 14.86 ?  100 PHE A O   1 
ATOM   338  C  CB  . PHE A 1 71  ? 4.770   2.869   5.462   1.00 18.74 ?  100 PHE A CB  1 
ATOM   339  C  CG  . PHE A 1 71  ? 4.046   1.870   4.627   1.00 18.97 ?  100 PHE A CG  1 
ATOM   340  C  CD1 . PHE A 1 71  ? 4.005   1.997   3.246   1.00 16.01 ?  100 PHE A CD1 1 
ATOM   341  C  CD2 . PHE A 1 71  ? 3.425   0.789   5.220   1.00 17.51 ?  100 PHE A CD2 1 
ATOM   342  C  CE1 . PHE A 1 71  ? 3.363   1.059   2.467   1.00 17.55 ?  100 PHE A CE1 1 
ATOM   343  C  CE2 . PHE A 1 71  ? 2.762   -0.146  4.450   1.00 22.16 ?  100 PHE A CE2 1 
ATOM   344  C  CZ  . PHE A 1 71  ? 2.737   -0.011  3.067   1.00 23.74 ?  100 PHE A CZ  1 
ATOM   345  N  N   . LEU A 1 72  ? 7.182   3.865   3.618   1.00 14.24 ?  101 LEU A N   1 
ATOM   346  C  CA  . LEU A 1 72  ? 7.860   4.005   2.322   1.00 19.74 ?  101 LEU A CA  1 
ATOM   347  C  C   . LEU A 1 72  ? 9.242   3.367   2.326   1.00 13.53 ?  101 LEU A C   1 
ATOM   348  O  O   . LEU A 1 72  ? 9.609   2.685   1.372   1.00 16.24 ?  101 LEU A O   1 
ATOM   349  C  CB  . LEU A 1 72  ? 7.968   5.487   1.926   1.00 14.57 ?  101 LEU A CB  1 
ATOM   350  C  CG  . LEU A 1 72  ? 6.648   6.043   1.400   1.00 20.94 ?  101 LEU A CG  1 
ATOM   351  C  CD1 . LEU A 1 72  ? 6.580   7.575   1.507   1.00 18.80 ?  101 LEU A CD1 1 
ATOM   352  C  CD2 . LEU A 1 72  ? 6.470   5.546   -0.048  1.00 18.00 ?  101 LEU A CD2 1 
ATOM   353  N  N   . LEU A 1 73  ? 10.028  3.591   3.376   1.00 16.46 ?  102 LEU A N   1 
ATOM   354  C  CA  . LEU A 1 73  ? 11.322  2.916   3.492   1.00 13.60 ?  102 LEU A CA  1 
ATOM   355  C  C   . LEU A 1 73  ? 11.169  1.397   3.383   1.00 14.52 ?  102 LEU A C   1 
ATOM   356  O  O   . LEU A 1 73  ? 11.882  0.747   2.606   1.00 14.64 ?  102 LEU A O   1 
ATOM   357  C  CB  . LEU A 1 73  ? 11.994  3.316   4.810   1.00 12.71 ?  102 LEU A CB  1 
ATOM   358  C  CG  . LEU A 1 73  ? 12.536  4.755   4.796   1.00 17.11 ?  102 LEU A CG  1 
ATOM   359  C  CD1 . LEU A 1 73  ? 13.147  5.163   6.148   1.00 17.58 ?  102 LEU A CD1 1 
ATOM   360  C  CD2 . LEU A 1 73  ? 13.539  4.974   3.658   1.00 13.87 ?  102 LEU A CD2 1 
ATOM   361  N  N   . LYS A 1 74  ? 10.213  0.816   4.129   1.00 15.03 ?  103 LYS A N   1 
ATOM   362  C  CA  . LYS A 1 74  ? 9.988   -0.629  4.053   1.00 17.87 ?  103 LYS A CA  1 
ATOM   363  C  C   . LYS A 1 74  ? 9.592   -1.047  2.650   1.00 17.87 ?  103 LYS A C   1 
ATOM   364  O  O   . LYS A 1 74  ? 10.154  -1.993  2.092   1.00 19.21 ?  103 LYS A O   1 
ATOM   365  C  CB  . LYS A 1 74  ? 8.907   -1.086  5.033   1.00 14.57 ?  103 LYS A CB  1 
ATOM   366  C  CG  . LYS A 1 74  ? 9.333   -1.142  6.461   1.00 21.36 ?  103 LYS A CG  1 
ATOM   367  C  CD  . LYS A 1 74  ? 8.501   -2.157  7.235   1.00 23.80 ?  103 LYS A CD  1 
ATOM   368  C  CE  . LYS A 1 74  ? 7.021   -1.837  7.146   1.00 36.89 ?  103 LYS A CE  1 
ATOM   369  N  NZ  . LYS A 1 74  ? 6.294   -2.078  8.434   1.00 35.08 ?  103 LYS A NZ  1 
ATOM   370  N  N   . LEU A 1 75  ? 8.620   -0.347  2.058   1.00 17.41 ?  104 LEU A N   1 
ATOM   371  C  CA  . LEU A 1 75  ? 8.150   -0.712  0.726   1.00 16.15 ?  104 LEU A CA  1 
ATOM   372  C  C   . LEU A 1 75  ? 9.290   -0.687  -0.290  1.00 17.44 ?  104 LEU A C   1 
ATOM   373  O  O   . LEU A 1 75  ? 9.391   -1.574  -1.151  1.00 17.43 ?  104 LEU A O   1 
ATOM   374  C  CB  . LEU A 1 75  ? 7.030   0.234   0.290   1.00 12.66 ?  104 LEU A CB  1 
ATOM   375  C  CG  . LEU A 1 75  ? 6.412   -0.084  -1.075  1.00 16.33 ?  104 LEU A CG  1 
ATOM   376  C  CD1 . LEU A 1 75  ? 5.519   -1.324  -0.997  1.00 14.75 ?  104 LEU A CD1 1 
ATOM   377  C  CD2 . LEU A 1 75  ? 5.610   1.102   -1.593  1.00 18.86 ?  104 LEU A CD2 1 
ATOM   378  N  N   . ALA A 1 76  ? 10.150  0.326   -0.216  1.00 14.48 ?  105 ALA A N   1 
ATOM   379  C  CA  . ALA A 1 76  ? 11.181  0.499   -1.235  1.00 16.10 ?  105 ALA A CA  1 
ATOM   380  C  C   . ALA A 1 76  ? 12.343  -0.484  -1.083  1.00 16.11 ?  105 ALA A C   1 
ATOM   381  O  O   . ALA A 1 76  ? 13.052  -0.742  -2.062  1.00 13.11 ?  105 ALA A O   1 
ATOM   382  C  CB  . ALA A 1 76  ? 11.702  1.940   -1.217  1.00 12.09 ?  105 ALA A CB  1 
ATOM   383  N  N   . GLY A 1 77  ? 12.538  -1.073  0.099   1.00 18.20 ?  106 GLY A N   1 
ATOM   384  C  CA  . GLY A 1 77  ? 13.536  -2.133  0.222   1.00 14.64 ?  106 GLY A CA  1 
ATOM   385  C  C   . GLY A 1 77  ? 13.095  -3.458  -0.354  1.00 18.86 ?  106 GLY A C   1 
ATOM   386  O  O   . GLY A 1 77  ? 13.931  -4.343  -0.575  1.00 13.59 ?  106 GLY A O   1 
ATOM   387  N  N   . ARG A 1 78  ? 11.793  -3.590  -0.634  1.00 18.34 ?  107 ARG A N   1 
ATOM   388  C  CA  . ARG A 1 78  ? 11.156  -4.824  -1.091  1.00 22.25 ?  107 ARG A CA  1 
ATOM   389  C  C   . ARG A 1 78  ? 10.888  -4.832  -2.592  1.00 22.83 ?  107 ARG A C   1 
ATOM   390  O  O   . ARG A 1 78  ? 11.057  -5.868  -3.243  1.00 24.55 ?  107 ARG A O   1 
ATOM   391  C  CB  . ARG A 1 78  ? 9.835   -5.051  -0.313  1.00 19.07 ?  107 ARG A CB  1 
ATOM   392  C  CG  . ARG A 1 78  ? 10.069  -5.600  1.124   1.00 29.43 ?  107 ARG A CG  1 
ATOM   393  C  CD  . ARG A 1 78  ? 9.375   -4.855  2.279   1.00 30.19 ?  107 ARG A CD  1 
ATOM   394  N  NE  . ARG A 1 78  ? 9.971   -5.156  3.610   1.00 32.36 ?  107 ARG A NE  1 
ATOM   395  C  CZ  . ARG A 1 78  ? 11.100  -4.610  4.113   1.00 29.14 ?  107 ARG A CZ  1 
ATOM   396  N  NH1 . ARG A 1 78  ? 11.810  -3.714  3.390   1.00 14.48 ?  107 ARG A NH1 1 
ATOM   397  N  NH2 . ARG A 1 78  ? 11.533  -4.976  5.346   1.00 16.16 ?  107 ARG A NH2 1 
ATOM   398  N  N   . TRP A 1 79  ? 10.494  -3.702  -3.162  1.00 19.27 ?  108 TRP A N   1 
ATOM   399  C  CA  . TRP A 1 79  ? 10.124  -3.605  -4.562  1.00 20.08 ?  108 TRP A CA  1 
ATOM   400  C  C   . TRP A 1 79  ? 10.872  -2.444  -5.185  1.00 20.31 ?  108 TRP A C   1 
ATOM   401  O  O   . TRP A 1 79  ? 11.310  -1.526  -4.484  1.00 20.37 ?  108 TRP A O   1 
ATOM   402  C  CB  . TRP A 1 79  ? 8.610   -3.401  -4.733  1.00 18.76 ?  108 TRP A CB  1 
ATOM   403  C  CG  . TRP A 1 79  ? 7.811   -4.462  -4.051  1.00 17.75 ?  108 TRP A CG  1 
ATOM   404  C  CD1 . TRP A 1 79  ? 7.223   -4.385  -2.825  1.00 17.56 ?  108 TRP A CD1 1 
ATOM   405  C  CD2 . TRP A 1 79  ? 7.545   -5.778  -4.541  1.00 17.20 ?  108 TRP A CD2 1 
ATOM   406  N  NE1 . TRP A 1 79  ? 6.596   -5.569  -2.529  1.00 18.01 ?  108 TRP A NE1 1 
ATOM   407  C  CE2 . TRP A 1 79  ? 6.781   -6.439  -3.570  1.00 15.65 ?  108 TRP A CE2 1 
ATOM   408  C  CE3 . TRP A 1 79  ? 7.868   -6.457  -5.724  1.00 19.60 ?  108 TRP A CE3 1 
ATOM   409  C  CZ2 . TRP A 1 79  ? 6.340   -7.739  -3.732  1.00 15.96 ?  108 TRP A CZ2 1 
ATOM   410  C  CZ3 . TRP A 1 79  ? 7.422   -7.747  -5.880  1.00 18.05 ?  108 TRP A CZ3 1 
ATOM   411  C  CH2 . TRP A 1 79  ? 6.675   -8.377  -4.884  1.00 14.34 ?  108 TRP A CH2 1 
ATOM   412  N  N   . PRO A 1 80  ? 11.053  -2.459  -6.488  1.00 21.26 ?  109 PRO A N   1 
ATOM   413  C  CA  . PRO A 1 80  ? 11.640  -1.282  -7.144  1.00 24.61 ?  109 PRO A CA  1 
ATOM   414  C  C   . PRO A 1 80  ? 10.622  -0.147  -7.255  1.00 22.54 ?  109 PRO A C   1 
ATOM   415  O  O   . PRO A 1 80  ? 9.868   -0.079  -8.229  1.00 22.92 ?  109 PRO A O   1 
ATOM   416  C  CB  . PRO A 1 80  ? 12.071  -1.825  -8.514  1.00 22.01 ?  109 PRO A CB  1 
ATOM   417  C  CG  . PRO A 1 80  ? 11.157  -2.977  -8.757  1.00 20.52 ?  109 PRO A CG  1 
ATOM   418  C  CD  . PRO A 1 80  ? 10.824  -3.575  -7.422  1.00 18.37 ?  109 PRO A CD  1 
ATOM   419  N  N   . VAL A 1 81  ? 10.579  0.723   -6.241  1.00 23.85 ?  110 VAL A N   1 
ATOM   420  C  CA  . VAL A 1 81  ? 9.645   1.846   -6.181  1.00 20.93 ?  110 VAL A CA  1 
ATOM   421  C  C   . VAL A 1 81  ? 10.296  3.057   -6.856  1.00 26.02 ?  110 VAL A C   1 
ATOM   422  O  O   . VAL A 1 81  ? 11.304  3.598   -6.381  1.00 18.53 ?  110 VAL A O   1 
ATOM   423  C  CB  . VAL A 1 81  ? 9.233   2.168   -4.740  1.00 17.02 ?  110 VAL A CB  1 
ATOM   424  C  CG1 . VAL A 1 81  ? 8.222   3.285   -4.724  1.00 17.80 ?  110 VAL A CG1 1 
ATOM   425  C  CG2 . VAL A 1 81  ? 8.641   0.925   -4.036  1.00 18.23 ?  110 VAL A CG2 1 
ATOM   426  N  N   . LYS A 1 82  ? 9.728   3.469   -7.989  1.00 20.74 ?  111 LYS A N   1 
ATOM   427  C  CA  . LYS A 1 82  ? 10.157  4.651   -8.715  1.00 20.41 ?  111 LYS A CA  1 
ATOM   428  C  C   . LYS A 1 82  ? 9.317   5.872   -8.364  1.00 21.73 ?  111 LYS A C   1 
ATOM   429  O  O   . LYS A 1 82  ? 9.859   6.914   -7.978  1.00 22.46 ?  111 LYS A O   1 
ATOM   430  C  CB  . LYS A 1 82  ? 10.106  4.398   -10.234 1.00 24.61 ?  111 LYS A CB  1 
ATOM   431  C  CG  . LYS A 1 82  ? 11.294  3.567   -10.764 1.00 31.46 ?  111 LYS A CG  1 
ATOM   432  C  CD  . LYS A 1 82  ? 11.329  3.533   -12.292 1.00 35.22 ?  111 LYS A CD  1 
ATOM   433  C  CE  . LYS A 1 82  ? 11.210  2.100   -12.825 1.00 37.54 ?  111 LYS A CE  1 
ATOM   434  N  NZ  . LYS A 1 82  ? 10.034  1.869   -13.737 1.00 36.88 ?  111 LYS A NZ  1 
ATOM   435  N  N   . THR A 1 83  ? 7.999   5.770   -8.488  1.00 18.29 ?  112 THR A N   1 
ATOM   436  C  CA  . THR A 1 83  ? 7.134   6.894   -8.196  1.00 21.24 ?  112 THR A CA  1 
ATOM   437  C  C   . THR A 1 83  ? 5.965   6.435   -7.347  1.00 22.14 ?  112 THR A C   1 
ATOM   438  O  O   . THR A 1 83  ? 5.521   5.285   -7.432  1.00 24.74 ?  112 THR A O   1 
ATOM   439  C  CB  . THR A 1 83  ? 6.613   7.564   -9.467  1.00 22.26 ?  112 THR A CB  1 
ATOM   440  O  OG1 . THR A 1 83  ? 5.873   6.610   -10.222 1.00 23.33 ?  112 THR A OG1 1 
ATOM   441  C  CG2 . THR A 1 83  ? 7.778   8.124   -10.312 1.00 22.66 ?  112 THR A CG2 1 
ATOM   442  N  N   . VAL A 1 84  ? 5.466   7.345   -6.524  1.00 21.33 ?  113 VAL A N   1 
ATOM   443  C  CA  . VAL A 1 84  ? 4.331   7.063   -5.656  1.00 19.28 ?  113 VAL A CA  1 
ATOM   444  C  C   . VAL A 1 84  ? 3.246   8.101   -5.915  1.00 19.34 ?  113 VAL A C   1 
ATOM   445  O  O   . VAL A 1 84  ? 3.538   9.289   -6.110  1.00 17.81 ?  113 VAL A O   1 
ATOM   446  C  CB  . VAL A 1 84  ? 4.756   7.032   -4.173  1.00 18.11 ?  113 VAL A CB  1 
ATOM   447  C  CG1 . VAL A 1 84  ? 3.559   6.805   -3.299  1.00 23.85 ?  113 VAL A CG1 1 
ATOM   448  C  CG2 . VAL A 1 84  ? 5.720   5.879   -3.934  1.00 15.76 ?  113 VAL A CG2 1 
ATOM   449  N  N   . HIS A 1 85  ? 1.997   7.636   -5.972  1.00 22.99 ?  114 HIS A N   1 
ATOM   450  C  CA  . HIS A 1 85  ? 0.827   8.492   -6.087  1.00 19.27 ?  114 HIS A CA  1 
ATOM   451  C  C   . HIS A 1 85  ? -0.030  8.323   -4.842  1.00 18.63 ?  114 HIS A C   1 
ATOM   452  O  O   . HIS A 1 85  ? 0.140   7.380   -4.065  1.00 20.64 ?  114 HIS A O   1 
ATOM   453  C  CB  . HIS A 1 85  ? 0.001   8.167   -7.334  1.00 20.83 ?  114 HIS A CB  1 
ATOM   454  C  CG  . HIS A 1 85  ? -1.107  9.145   -7.593  1.00 26.00 ?  114 HIS A CG  1 
ATOM   455  N  ND1 . HIS A 1 85  ? -2.417  8.756   -7.781  1.00 27.25 ?  114 HIS A ND1 1 
ATOM   456  C  CD2 . HIS A 1 85  ? -1.102  10.500  -7.664  1.00 20.77 ?  114 HIS A CD2 1 
ATOM   457  C  CE1 . HIS A 1 85  ? -3.168  9.829   -7.971  1.00 26.59 ?  114 HIS A CE1 1 
ATOM   458  N  NE2 . HIS A 1 85  ? -2.393  10.896  -7.919  1.00 25.65 ?  114 HIS A NE2 1 
ATOM   459  N  N   . THR A 1 86  ? -0.954  9.255   -4.659  1.00 18.07 ?  115 THR A N   1 
ATOM   460  C  CA  . THR A 1 86  ? -1.861  9.226   -3.526  1.00 19.44 ?  115 THR A CA  1 
ATOM   461  C  C   . THR A 1 86  ? -3.122  9.965   -3.931  1.00 20.15 ?  115 THR A C   1 
ATOM   462  O  O   . THR A 1 86  ? -3.099  10.801  -4.832  1.00 20.53 ?  115 THR A O   1 
ATOM   463  C  CB  . THR A 1 86  ? -1.205  9.849   -2.277  1.00 17.80 ?  115 THR A CB  1 
ATOM   464  O  OG1 . THR A 1 86  ? -2.024  9.644   -1.123  1.00 15.66 ?  115 THR A OG1 1 
ATOM   465  C  CG2 . THR A 1 86  ? -0.918  11.337  -2.473  1.00 17.01 ?  115 THR A CG2 1 
ATOM   466  N  N   . ASP A 1 87  ? -4.233  9.644   -3.272  1.00 22.61 ?  116 ASP A N   1 
ATOM   467  C  CA  . ASP A 1 87  ? -5.457  10.424  -3.462  1.00 23.81 ?  116 ASP A CA  1 
ATOM   468  C  C   . ASP A 1 87  ? -5.562  11.624  -2.518  1.00 25.65 ?  116 ASP A C   1 
ATOM   469  O  O   . ASP A 1 87  ? -6.477  12.442  -2.677  1.00 21.09 ?  116 ASP A O   1 
ATOM   470  C  CB  . ASP A 1 87  ? -6.692  9.529   -3.304  1.00 24.42 ?  116 ASP A CB  1 
ATOM   471  C  CG  . ASP A 1 87  ? -6.972  8.711   -4.561  1.00 29.26 ?  116 ASP A CG  1 
ATOM   472  O  OD1 . ASP A 1 87  ? -6.581  9.150   -5.670  1.00 26.91 ?  116 ASP A OD1 1 
ATOM   473  O  OD2 . ASP A 1 87  ? -7.579  7.630   -4.442  1.00 36.94 ?  116 ASP A OD2 1 
ATOM   474  N  N   . ASN A 1 88  ? -4.640  11.770  -1.565  1.00 18.59 ?  117 ASN A N   1 
ATOM   475  C  CA  . ASN A 1 88  ? -4.612  12.921  -0.668  1.00 16.23 ?  117 ASN A CA  1 
ATOM   476  C  C   . ASN A 1 88  ? -3.188  13.464  -0.730  1.00 19.62 ?  117 ASN A C   1 
ATOM   477  O  O   . ASN A 1 88  ? -2.315  12.997  0.003   1.00 18.46 ?  117 ASN A O   1 
ATOM   478  C  CB  . ASN A 1 88  ? -5.033  12.521  0.743   1.00 16.73 ?  117 ASN A CB  1 
ATOM   479  C  CG  . ASN A 1 88  ? -5.103  13.703  1.693   1.00 20.61 ?  117 ASN A CG  1 
ATOM   480  O  OD1 . ASN A 1 88  ? -4.701  14.820  1.350   1.00 19.30 ?  117 ASN A OD1 1 
ATOM   481  N  ND2 . ASN A 1 88  ? -5.604  13.463  2.902   1.00 22.05 ?  117 ASN A ND2 1 
ATOM   482  N  N   . GLY A 1 89  ? -2.960  14.447  -1.613  1.00 17.49 ?  118 GLY A N   1 
ATOM   483  C  CA  . GLY A 1 89  ? -1.614  14.959  -1.831  1.00 14.41 ?  118 GLY A CA  1 
ATOM   484  C  C   . GLY A 1 89  ? -0.947  15.508  -0.585  1.00 19.26 ?  118 GLY A C   1 
ATOM   485  O  O   . GLY A 1 89  ? 0.286   15.450  -0.457  1.00 18.64 ?  118 GLY A O   1 
ATOM   486  N  N   . SER A 1 90  ? -1.732  16.070  0.344   1.00 18.09 ?  119 SER A N   1 
ATOM   487  C  CA  . SER A 1 90  ? -1.143  16.554  1.587   1.00 19.47 ?  119 SER A CA  1 
ATOM   488  C  C   . SER A 1 90  ? -0.514  15.431  2.410   1.00 22.45 ?  119 SER A C   1 
ATOM   489  O  O   . SER A 1 90  ? 0.247   15.720  3.341   1.00 21.39 ?  119 SER A O   1 
ATOM   490  C  CB  . SER A 1 90  ? -2.183  17.297  2.432   1.00 18.60 ?  119 SER A CB  1 
ATOM   491  O  OG  . SER A 1 90  ? -3.055  16.395  3.079   1.00 22.08 ?  119 SER A OG  1 
ATOM   492  N  N   . ASN A 1 91  ? -0.809  14.162  2.095   1.00 21.20 ?  120 ASN A N   1 
ATOM   493  C  CA  . ASN A 1 91  ? -0.069  13.062  2.717   1.00 24.09 ?  120 ASN A CA  1 
ATOM   494  C  C   . ASN A 1 91  ? 1.446   13.225  2.594   1.00 23.82 ?  120 ASN A C   1 
ATOM   495  O  O   . ASN A 1 91  ? 2.190   12.793  3.485   1.00 21.35 ?  120 ASN A O   1 
ATOM   496  C  CB  . ASN A 1 91  ? -0.466  11.723  2.090   1.00 23.06 ?  120 ASN A CB  1 
ATOM   497  C  CG  . ASN A 1 91  ? -1.823  11.234  2.563   1.00 25.49 ?  120 ASN A CG  1 
ATOM   498  O  OD1 . ASN A 1 91  ? -2.250  11.550  3.676   1.00 23.88 ?  120 ASN A OD1 1 
ATOM   499  N  ND2 . ASN A 1 91  ? -2.505  10.440  1.719   1.00 18.85 ?  120 ASN A ND2 1 
ATOM   500  N  N   . PHE A 1 92  ? 1.925   13.814  1.493   1.00 21.03 ?  121 PHE A N   1 
ATOM   501  C  CA  . PHE A 1 92  ? 3.349   13.787  1.149   1.00 26.67 ?  121 PHE A CA  1 
ATOM   502  C  C   . PHE A 1 92  ? 4.091   15.083  1.464   1.00 24.92 ?  121 PHE A C   1 
ATOM   503  O  O   . PHE A 1 92  ? 5.240   15.239  1.033   1.00 25.10 ?  121 PHE A O   1 
ATOM   504  C  CB  . PHE A 1 92  ? 3.537   13.470  -0.337  1.00 23.09 ?  121 PHE A CB  1 
ATOM   505  C  CG  . PHE A 1 92  ? 3.118   12.078  -0.730  1.00 22.07 ?  121 PHE A CG  1 
ATOM   506  C  CD1 . PHE A 1 92  ? 2.935   11.093  0.230   1.00 19.46 ?  121 PHE A CD1 1 
ATOM   507  C  CD2 . PHE A 1 92  ? 2.923   11.759  -2.070  1.00 21.30 ?  121 PHE A CD2 1 
ATOM   508  C  CE1 . PHE A 1 92  ? 2.546   9.824   -0.141  1.00 21.80 ?  121 PHE A CE1 1 
ATOM   509  C  CE2 . PHE A 1 92  ? 2.539   10.492  -2.454  1.00 19.67 ?  121 PHE A CE2 1 
ATOM   510  C  CZ  . PHE A 1 92  ? 2.350   9.522   -1.492  1.00 23.92 ?  121 PHE A CZ  1 
ATOM   511  N  N   . THR A 1 93  ? 3.474   16.026  2.174   1.00 24.58 ?  122 THR A N   1 
ATOM   512  C  CA  . THR A 1 93  ? 4.187   17.266  2.455   1.00 25.95 ?  122 THR A CA  1 
ATOM   513  C  C   . THR A 1 93  ? 5.101   17.168  3.665   1.00 27.45 ?  122 THR A C   1 
ATOM   514  O  O   . THR A 1 93  ? 5.807   18.132  3.970   1.00 38.60 ?  122 THR A O   1 
ATOM   515  C  CB  . THR A 1 93  ? 3.203   18.391  2.669   1.00 28.28 ?  122 THR A CB  1 
ATOM   516  O  OG1 . THR A 1 93  ? 2.571   18.170  3.936   1.00 36.25 ?  122 THR A OG1 1 
ATOM   517  C  CG2 . THR A 1 93  ? 2.175   18.396  1.532   1.00 21.44 ?  122 THR A CG2 1 
ATOM   518  N  N   . SER A 1 94  ? 5.112   16.033  4.348   1.00 28.68 ?  123 SER A N   1 
ATOM   519  C  CA  . SER A 1 94  ? 5.980   15.835  5.496   1.00 28.09 ?  123 SER A CA  1 
ATOM   520  C  C   . SER A 1 94  ? 7.451   16.066  5.153   1.00 29.86 ?  123 SER A C   1 
ATOM   521  O  O   . SER A 1 94  ? 7.941   15.673  4.084   1.00 22.07 ?  123 SER A O   1 
ATOM   522  C  CB  . SER A 1 94  ? 5.808   14.412  6.020   1.00 22.24 ?  123 SER A CB  1 
ATOM   523  O  OG  . SER A 1 94  ? 5.938   14.383  7.420   1.00 28.61 ?  123 SER A OG  1 
ATOM   524  N  N   . THR A 1 95  ? 8.166   16.685  6.091   1.00 25.62 ?  124 THR A N   1 
ATOM   525  C  CA  . THR A 1 95  ? 9.616   16.668  6.008   1.00 28.48 ?  124 THR A CA  1 
ATOM   526  C  C   . THR A 1 95  ? 10.134  15.235  6.033   1.00 20.80 ?  124 THR A C   1 
ATOM   527  O  O   . THR A 1 95  ? 10.982  14.858  5.217   1.00 22.19 ?  124 THR A O   1 
ATOM   528  C  CB  . THR A 1 95  ? 10.209  17.501  7.142   1.00 25.23 ?  124 THR A CB  1 
ATOM   529  O  OG1 . THR A 1 95  ? 10.133  18.876  6.774   1.00 34.75 ?  124 THR A OG1 1 
ATOM   530  C  CG2 . THR A 1 95  ? 11.671  17.155  7.370   1.00 30.20 ?  124 THR A CG2 1 
ATOM   531  N  N   . THR A 1 96  ? 9.598   14.410  6.927   1.00 19.18 ?  125 THR A N   1 
ATOM   532  C  CA  . THR A 1 96  ? 10.085  13.040  7.021   1.00 23.06 ?  125 THR A CA  1 
ATOM   533  C  C   . THR A 1 96  ? 9.776   12.255  5.754   1.00 17.80 ?  125 THR A C   1 
ATOM   534  O  O   . THR A 1 96  ? 10.627  11.492  5.278   1.00 19.25 ?  125 THR A O   1 
ATOM   535  C  CB  . THR A 1 96  ? 9.518   12.344  8.265   1.00 24.25 ?  125 THR A CB  1 
ATOM   536  O  OG1 . THR A 1 96  ? 8.083   12.312  8.225   1.00 24.52 ?  125 THR A OG1 1 
ATOM   537  C  CG2 . THR A 1 96  ? 9.956   13.091  9.499   1.00 23.39 ?  125 THR A CG2 1 
ATOM   538  N  N   . VAL A 1 97  ? 8.579   12.433  5.184   1.00 18.64 ?  126 VAL A N   1 
ATOM   539  C  CA  . VAL A 1 97  ? 8.236   11.721  3.956   1.00 18.06 ?  126 VAL A CA  1 
ATOM   540  C  C   . VAL A 1 97  ? 9.200   12.104  2.846   1.00 17.59 ?  126 VAL A C   1 
ATOM   541  O  O   . VAL A 1 97  ? 9.795   11.239  2.189   1.00 18.52 ?  126 VAL A O   1 
ATOM   542  C  CB  . VAL A 1 97  ? 6.775   12.002  3.541   1.00 23.80 ?  126 VAL A CB  1 
ATOM   543  C  CG1 . VAL A 1 97  ? 6.555   11.610  2.072   1.00 16.24 ?  126 VAL A CG1 1 
ATOM   544  C  CG2 . VAL A 1 97  ? 5.801   11.288  4.451   1.00 17.33 ?  126 VAL A CG2 1 
ATOM   545  N  N   . LYS A 1 98  ? 9.368   13.411  2.623   1.00 17.62 ?  127 LYS A N   1 
ATOM   546  C  CA  . LYS A 1 98  ? 10.311  13.881  1.611   1.00 22.33 ?  127 LYS A CA  1 
ATOM   547  C  C   . LYS A 1 98  ? 11.708  13.304  1.844   1.00 19.33 ?  127 LYS A C   1 
ATOM   548  O  O   . LYS A 1 98  ? 12.403  12.931  0.893   1.00 16.49 ?  127 LYS A O   1 
ATOM   549  C  CB  . LYS A 1 98  ? 10.365  15.414  1.614   1.00 22.03 ?  127 LYS A CB  1 
ATOM   550  C  CG  . LYS A 1 98  ? 9.084   16.121  1.186   1.00 28.72 ?  127 LYS A CG  1 
ATOM   551  C  CD  . LYS A 1 98  ? 9.393   17.418  0.413   1.00 40.98 ?  127 LYS A CD  1 
ATOM   552  C  CE  . LYS A 1 98  ? 8.978   18.691  1.171   1.00 39.00 ?  127 LYS A CE  1 
ATOM   553  N  NZ  . LYS A 1 98  ? 7.500   18.820  1.260   1.00 40.18 ?  127 LYS A NZ  1 
ATOM   554  N  N   . ALA A 1 99  ? 12.127  13.217  3.109   1.00 17.52 ?  128 ALA A N   1 
ATOM   555  C  CA  . ALA A 1 99  ? 13.426  12.631  3.427   1.00 19.36 ?  128 ALA A CA  1 
ATOM   556  C  C   . ALA A 1 99  ? 13.483  11.147  3.037   1.00 19.09 ?  128 ALA A C   1 
ATOM   557  O  O   . ALA A 1 99  ? 14.462  10.696  2.429   1.00 14.44 ?  128 ALA A O   1 
ATOM   558  C  CB  . ALA A 1 99  ? 13.722  12.844  4.910   1.00 14.59 ?  128 ALA A CB  1 
ATOM   559  N  N   . ALA A 1 100 ? 12.422  10.384  3.316   1.00 16.95 ?  129 ALA A N   1 
ATOM   560  C  CA  . ALA A 1 100 ? 12.413  8.971   2.923   1.00 12.51 ?  129 ALA A CA  1 
ATOM   561  C  C   . ALA A 1 100 ? 12.455  8.805   1.403   1.00 15.12 ?  129 ALA A C   1 
ATOM   562  O  O   . ALA A 1 100 ? 13.120  7.905   0.881   1.00 14.26 ?  129 ALA A O   1 
ATOM   563  C  CB  . ALA A 1 100 ? 11.172  8.244   3.502   1.00 13.57 ?  129 ALA A CB  1 
HETATM 564  N  N   . CAF A 1 101 ? 11.729  9.656   0.690   1.00 13.40 ?  130 CAF A N   1 
HETATM 565  C  CA  . CAF A 1 101 ? 11.665  9.535   -0.754  1.00 17.74 ?  130 CAF A CA  1 
HETATM 566  C  CB  . CAF A 1 101 ? 10.645  10.508  -1.336  1.00 15.75 ?  130 CAF A CB  1 
HETATM 567  C  C   . CAF A 1 101 ? 13.000  9.934   -1.329  1.00 16.31 ?  130 CAF A C   1 
HETATM 568  O  O   . CAF A 1 101 ? 13.442  9.311   -2.321  1.00 14.74 ?  130 CAF A O   1 
HETATM 569  S  SG  . CAF A 1 101 ? 9.023   9.776   -1.026  1.00 18.38 ?  130 CAF A SG  1 
HETATM 570  AS AS  . CAF A 1 101 ? 7.672   11.151  -2.159  1.00 33.38 ?  130 CAF A AS  1 
HETATM 571  C  CE1 . CAF A 1 101 ? 8.311   11.581  -3.937  1.00 32.00 ?  130 CAF A CE1 1 
HETATM 572  C  CE2 . CAF A 1 101 ? 6.005   10.116  -2.214  1.00 30.45 ?  130 CAF A CE2 1 
HETATM 573  O  O1  . CAF A 1 101 ? 7.615   12.454  -1.271  1.00 19.98 ?  130 CAF A O1  1 
ATOM   574  N  N   . TRP A 1 102 ? 13.609  10.967  -0.750  1.00 13.80 ?  131 TRP A N   1 
ATOM   575  C  CA  . TRP A 1 102 ? 14.946  11.394  -1.170  1.00 17.65 ?  131 TRP A CA  1 
ATOM   576  C  C   . TRP A 1 102 ? 15.926  10.240  -1.036  1.00 14.90 ?  131 TRP A C   1 
ATOM   577  O  O   . TRP A 1 102 ? 16.614  9.889   -1.997  1.00 16.30 ?  131 TRP A O   1 
ATOM   578  C  CB  . TRP A 1 102 ? 15.450  12.590  -0.354  1.00 14.95 ?  131 TRP A CB  1 
ATOM   579  C  CG  . TRP A 1 102 ? 16.945  12.870  -0.554  1.00 16.86 ?  131 TRP A CG  1 
ATOM   580  C  CD1 . TRP A 1 102 ? 17.539  13.493  -1.627  1.00 15.81 ?  131 TRP A CD1 1 
ATOM   581  C  CD2 . TRP A 1 102 ? 18.013  12.512  0.336   1.00 17.33 ?  131 TRP A CD2 1 
ATOM   582  N  NE1 . TRP A 1 102 ? 18.894  13.545  -1.449  1.00 19.65 ?  131 TRP A NE1 1 
ATOM   583  C  CE2 . TRP A 1 102 ? 19.216  12.948  -0.259  1.00 16.00 ?  131 TRP A CE2 1 
ATOM   584  C  CE3 . TRP A 1 102 ? 18.069  11.858  1.578   1.00 14.77 ?  131 TRP A CE3 1 
ATOM   585  C  CZ2 . TRP A 1 102 ? 20.453  12.763  0.348   1.00 18.31 ?  131 TRP A CZ2 1 
ATOM   586  C  CZ3 . TRP A 1 102 ? 19.317  11.666  2.174   1.00 15.94 ?  131 TRP A CZ3 1 
ATOM   587  C  CH2 . TRP A 1 102 ? 20.484  12.117  1.563   1.00 15.78 ?  131 TRP A CH2 1 
ATOM   588  N  N   . TRP A 1 103 ? 15.979  9.629   0.145   1.00 14.30 ?  132 TRP A N   1 
ATOM   589  C  CA  . TRP A 1 103 ? 16.992  8.595   0.379   1.00 13.68 ?  132 TRP A CA  1 
ATOM   590  C  C   . TRP A 1 103 ? 16.745  7.361   -0.482  1.00 16.32 ?  132 TRP A C   1 
ATOM   591  O  O   . TRP A 1 103 ? 17.692  6.782   -1.020  1.00 15.84 ?  132 TRP A O   1 
ATOM   592  C  CB  . TRP A 1 103 ? 17.044  8.211   1.863   1.00 13.66 ?  132 TRP A CB  1 
ATOM   593  C  CG  . TRP A 1 103 ? 18.132  7.227   2.165   1.00 15.59 ?  132 TRP A CG  1 
ATOM   594  C  CD1 . TRP A 1 103 ? 19.424  7.522   2.495   1.00 15.21 ?  132 TRP A CD1 1 
ATOM   595  C  CD2 . TRP A 1 103 ? 18.041  5.787   2.147   1.00 13.79 ?  132 TRP A CD2 1 
ATOM   596  N  NE1 . TRP A 1 103 ? 20.140  6.368   2.679   1.00 18.90 ?  132 TRP A NE1 1 
ATOM   597  C  CE2 . TRP A 1 103 ? 19.322  5.288   2.482   1.00 17.54 ?  132 TRP A CE2 1 
ATOM   598  C  CE3 . TRP A 1 103 ? 17.002  4.875   1.903   1.00 13.02 ?  132 TRP A CE3 1 
ATOM   599  C  CZ2 . TRP A 1 103 ? 19.595  3.920   2.570   1.00 17.53 ?  132 TRP A CZ2 1 
ATOM   600  C  CZ3 . TRP A 1 103 ? 17.271  3.521   1.984   1.00 12.40 ?  132 TRP A CZ3 1 
ATOM   601  C  CH2 . TRP A 1 103 ? 18.552  3.053   2.313   1.00 16.82 ?  132 TRP A CH2 1 
ATOM   602  N  N   . ALA A 1 104 ? 15.486  6.928   -0.610  1.00 16.85 ?  133 ALA A N   1 
ATOM   603  C  CA  . ALA A 1 104 ? 15.161  5.774   -1.440  1.00 15.20 ?  133 ALA A CA  1 
ATOM   604  C  C   . ALA A 1 104 ? 15.075  6.109   -2.922  1.00 18.45 ?  133 ALA A C   1 
ATOM   605  O  O   . ALA A 1 104 ? 14.806  5.207   -3.729  1.00 19.31 ?  133 ALA A O   1 
ATOM   606  C  CB  . ALA A 1 104 ? 13.845  5.137   -0.983  1.00 14.18 ?  133 ALA A CB  1 
ATOM   607  N  N   . GLY A 1 105 ? 15.286  7.365   -3.306  1.00 16.57 ?  134 GLY A N   1 
ATOM   608  C  CA  . GLY A 1 105 ? 15.218  7.724   -4.711  1.00 17.17 ?  134 GLY A CA  1 
ATOM   609  C  C   . GLY A 1 105 ? 13.830  7.545   -5.294  1.00 20.63 ?  134 GLY A C   1 
ATOM   610  O  O   . GLY A 1 105 ? 13.684  6.961   -6.369  1.00 21.99 ?  134 GLY A O   1 
ATOM   611  N  N   . ILE A 1 106 ? 12.801  8.027   -4.595  1.00 20.29 ?  135 ILE A N   1 
ATOM   612  C  CA  . ILE A 1 106 ? 11.411  7.926   -5.037  1.00 22.27 ?  135 ILE A CA  1 
ATOM   613  C  C   . ILE A 1 106 ? 10.960  9.314   -5.472  1.00 23.55 ?  135 ILE A C   1 
ATOM   614  O  O   . ILE A 1 106 ? 11.206  10.296  -4.767  1.00 21.61 ?  135 ILE A O   1 
ATOM   615  C  CB  . ILE A 1 106 ? 10.497  7.377   -3.921  1.00 18.81 ?  135 ILE A CB  1 
ATOM   616  C  CG1 . ILE A 1 106 ? 11.021  6.039   -3.398  1.00 17.81 ?  135 ILE A CG1 1 
ATOM   617  C  CG2 . ILE A 1 106 ? 9.016   7.260   -4.403  1.00 17.74 ?  135 ILE A CG2 1 
ATOM   618  C  CD1 . ILE A 1 106 ? 10.265  5.508   -2.196  1.00 14.90 ?  135 ILE A CD1 1 
ATOM   619  N  N   . LYS A 1 107 ? 10.289  9.395   -6.618  1.00 26.99 ?  136 LYS A N   1 
ATOM   620  C  CA  . LYS A 1 107 ? 9.689   10.641  -7.078  1.00 30.27 ?  136 LYS A CA  1 
ATOM   621  C  C   . LYS A 1 107 ? 8.173   10.571  -6.956  1.00 26.63 ?  136 LYS A C   1 
ATOM   622  O  O   . LYS A 1 107 ? 7.591   9.510   -6.735  1.00 22.74 ?  136 LYS A O   1 
ATOM   623  C  CB  . LYS A 1 107 ? 10.074  10.973  -8.532  1.00 25.59 ?  136 LYS A CB  1 
ATOM   624  C  CG  . LYS A 1 107 ? 11.547  11.343  -8.757  1.00 32.22 ?  136 LYS A CG  1 
ATOM   625  C  CD  . LYS A 1 107 ? 12.455  10.106  -8.690  1.00 40.96 ?  136 LYS A CD  1 
ATOM   626  C  CE  . LYS A 1 107 ? 11.846  8.907   -9.465  1.00 41.83 ?  136 LYS A CE  1 
ATOM   627  N  NZ  . LYS A 1 107 ? 12.482  7.584   -9.147  1.00 31.45 ?  136 LYS A NZ  1 
ATOM   628  N  N   . GLN A 1 108 ? 7.544   11.735  -7.043  1.00 31.81 ?  137 GLN A N   1 
ATOM   629  C  CA  . GLN A 1 108 ? 6.092   11.814  -7.056  1.00 31.93 ?  137 GLN A CA  1 
ATOM   630  C  C   . GLN A 1 108 ? 5.595   11.432  -8.443  1.00 32.64 ?  137 GLN A C   1 
ATOM   631  O  O   . GLN A 1 108 ? 6.141   11.889  -9.454  1.00 33.85 ?  137 GLN A O   1 
ATOM   632  C  CB  . GLN A 1 108 ? 5.636   13.226  -6.681  1.00 34.42 ?  137 GLN A CB  1 
ATOM   633  C  CG  . GLN A 1 108 ? 4.154   13.385  -6.424  1.00 37.43 ?  137 GLN A CG  1 
ATOM   634  C  CD  . GLN A 1 108 ? 3.848   14.171  -5.145  1.00 39.58 ?  137 GLN A CD  1 
ATOM   635  O  OE1 . GLN A 1 108 ? 4.716   14.359  -4.282  1.00 43.17 ?  137 GLN A OE1 1 
ATOM   636  N  NE2 . GLN A 1 108 ? 2.607   14.624  -5.016  1.00 36.57 ?  137 GLN A NE2 1 
ATOM   637  N  N   . GLU A 1 109 ? 4.586   10.566  -8.490  1.00 33.30 ?  138 GLU A N   1 
ATOM   638  C  CA  . GLU A 1 109 ? 3.950   10.221  -9.755  1.00 36.63 ?  138 GLU A CA  1 
ATOM   639  C  C   . GLU A 1 109 ? 2.980   11.326  -10.155 1.00 37.12 ?  138 GLU A C   1 
ATOM   640  O  O   . GLU A 1 109 ? 2.137   11.744  -9.353  1.00 37.34 ?  138 GLU A O   1 
ATOM   641  C  CB  . GLU A 1 109 ? 3.216   8.881   -9.656  1.00 28.95 ?  138 GLU A CB  1 
ATOM   642  C  CG  . GLU A 1 109 ? 2.433   8.495   -10.933 1.00 35.73 ?  138 GLU A CG  1 
ATOM   643  C  CD  . GLU A 1 109 ? 3.331   8.319   -12.164 1.00 37.60 ?  138 GLU A CD  1 
ATOM   644  O  OE1 . GLU A 1 109 ? 4.481   7.800   -12.030 1.00 36.53 ?  138 GLU A OE1 1 
ATOM   645  O  OE2 . GLU A 1 109 ? 2.884   8.711   -13.269 1.00 33.63 ?  138 GLU A OE2 1 
ATOM   646  N  N   . PHE A 1 110 ? 3.095   11.791  -11.399 1.00 40.57 ?  139 PHE A N   1 
ATOM   647  C  CA  . PHE A 1 110 ? 2.215   12.823  -11.929 1.00 43.55 ?  139 PHE A CA  1 
ATOM   648  C  C   . PHE A 1 110 ? 1.328   12.341  -13.078 1.00 44.55 ?  139 PHE A C   1 
ATOM   649  O  O   . PHE A 1 110 ? 0.466   13.099  -13.534 1.00 43.55 ?  139 PHE A O   1 
ATOM   650  C  CB  . PHE A 1 110 ? 3.045   14.037  -12.371 1.00 44.68 ?  139 PHE A CB  1 
ATOM   651  C  CG  . PHE A 1 110 ? 3.663   14.798  -11.226 1.00 47.46 ?  139 PHE A CG  1 
ATOM   652  C  CD1 . PHE A 1 110 ? 5.039   14.877  -11.086 1.00 48.60 ?  139 PHE A CD1 1 
ATOM   653  C  CD2 . PHE A 1 110 ? 2.861   15.432  -10.280 1.00 51.61 ?  139 PHE A CD2 1 
ATOM   654  C  CE1 . PHE A 1 110 ? 5.612   15.585  -10.022 1.00 43.69 ?  139 PHE A CE1 1 
ATOM   655  C  CE2 . PHE A 1 110 ? 3.428   16.139  -9.213  1.00 48.78 ?  139 PHE A CE2 1 
ATOM   656  C  CZ  . PHE A 1 110 ? 4.804   16.215  -9.089  1.00 42.56 ?  139 PHE A CZ  1 
ATOM   657  N  N   . GLY A 1 111 ? 1.483   11.093  -13.534 1.00 44.01 ?  140 GLY A N   1 
ATOM   658  C  CA  . GLY A 1 111 ? 0.739   10.625  -14.690 1.00 41.40 ?  140 GLY A CA  1 
ATOM   659  C  C   . GLY A 1 111 ? -0.691  10.176  -14.436 1.00 48.92 ?  140 GLY A C   1 
ATOM   660  O  O   . GLY A 1 111 ? -1.435  9.976   -15.405 1.00 48.83 ?  140 GLY A O   1 
ATOM   661  N  N   . ILE A 1 112 ? -1.101  10.006  -13.180 1.00 44.19 ?  141 ILE A N   1 
ATOM   662  C  CA  . ILE A 1 112 ? -2.443  9.495   -12.908 1.00 47.16 ?  141 ILE A CA  1 
ATOM   663  C  C   . ILE A 1 112 ? -3.436  10.629  -12.634 1.00 43.81 ?  141 ILE A C   1 
ATOM   664  O  O   . ILE A 1 112 ? -3.336  11.322  -11.620 1.00 40.85 ?  141 ILE A O   1 
ATOM   665  C  CB  . ILE A 1 112 ? -2.423  8.496   -11.743 1.00 42.18 ?  141 ILE A CB  1 
ATOM   666  C  CG1 . ILE A 1 112 ? -1.522  7.291   -12.092 1.00 39.39 ?  141 ILE A CG1 1 
ATOM   667  C  CG2 . ILE A 1 112 ? -3.868  8.088   -11.380 1.00 35.26 ?  141 ILE A CG2 1 
ATOM   668  C  CD1 . ILE A 1 112 ? -1.041  6.439   -10.874 1.00 30.63 ?  141 ILE A CD1 1 
ATOM   669  N  N   . SER A 1 124 ? -11.866 1.105   -7.240  1.00 53.17 ?  153 SER A N   1 
ATOM   670  C  CA  . SER A 1 124 ? -11.294 1.329   -5.924  1.00 47.36 ?  153 SER A CA  1 
ATOM   671  C  C   . SER A 1 124 ? -11.049 -0.004  -5.219  1.00 53.32 ?  153 SER A C   1 
ATOM   672  O  O   . SER A 1 124 ? -11.964 -0.586  -4.619  1.00 47.32 ?  153 SER A O   1 
ATOM   673  C  CB  . SER A 1 124 ? -12.204 2.222   -5.081  1.00 51.62 ?  153 SER A CB  1 
ATOM   674  O  OG  . SER A 1 124 ? -11.623 2.509   -3.817  1.00 49.84 ?  153 SER A OG  1 
ATOM   675  N  N   . MET A 1 125 ? -9.803  -0.485  -5.311  1.00 57.63 ?  154 MET A N   1 
ATOM   676  C  CA  . MET A 1 125 ? -9.370  -1.661  -4.565  1.00 52.83 ?  154 MET A CA  1 
ATOM   677  C  C   . MET A 1 125 ? -9.208  -1.382  -3.079  1.00 45.66 ?  154 MET A C   1 
ATOM   678  O  O   . MET A 1 125 ? -8.990  -2.326  -2.317  1.00 53.53 ?  154 MET A O   1 
ATOM   679  C  CB  . MET A 1 125 ? -8.053  -2.204  -5.114  1.00 48.63 ?  154 MET A CB  1 
ATOM   680  C  CG  . MET A 1 125 ? -7.957  -2.118  -6.617  1.00 51.19 ?  154 MET A CG  1 
ATOM   681  S  SD  . MET A 1 125 ? -6.472  -2.938  -7.211  1.00 58.26 ?  154 MET A SD  1 
ATOM   682  C  CE  . MET A 1 125 ? -7.103  -4.579  -7.602  1.00 42.25 ?  154 MET A CE  1 
ATOM   683  N  N   . ASN A 1 126 ? -9.304  -0.125  -2.649  1.00 43.33 ?  155 ASN A N   1 
ATOM   684  C  CA  . ASN A 1 126 ? -9.432  0.140   -1.224  1.00 44.63 ?  155 ASN A CA  1 
ATOM   685  C  C   . ASN A 1 126 ? -10.806 -0.243  -0.694  1.00 46.55 ?  155 ASN A C   1 
ATOM   686  O  O   . ASN A 1 126 ? -10.949 -0.495  0.507   1.00 44.41 ?  155 ASN A O   1 
ATOM   687  C  CB  . ASN A 1 126 ? -9.152  1.615   -0.932  1.00 49.12 ?  155 ASN A CB  1 
ATOM   688  C  CG  . ASN A 1 126 ? -7.669  1.891   -0.643  1.00 45.80 ?  155 ASN A CG  1 
ATOM   689  O  OD1 . ASN A 1 126 ? -7.300  2.208   0.498   1.00 46.28 ?  155 ASN A OD1 1 
ATOM   690  N  ND2 . ASN A 1 126 ? -6.821  1.780   -1.674  1.00 29.94 ?  155 ASN A ND2 1 
ATOM   691  N  N   . LYS A 1 127 ? -11.823 -0.282  -1.556  1.00 48.72 ?  156 LYS A N   1 
ATOM   692  C  CA  . LYS A 1 127 ? -13.147 -0.679  -1.093  1.00 45.96 ?  156 LYS A CA  1 
ATOM   693  C  C   . LYS A 1 127 ? -13.288 -2.195  -1.068  1.00 40.05 ?  156 LYS A C   1 
ATOM   694  O  O   . LYS A 1 127 ? -13.847 -2.748  -0.115  1.00 41.14 ?  156 LYS A O   1 
ATOM   695  C  CB  . LYS A 1 127 ? -14.232 -0.049  -1.973  1.00 50.90 ?  156 LYS A CB  1 
ATOM   696  C  CG  . LYS A 1 127 ? -15.454 0.425   -1.189  1.00 53.83 ?  156 LYS A CG  1 
ATOM   697  C  CD  . LYS A 1 127 ? -15.035 1.408   -0.103  1.00 59.06 ?  156 LYS A CD  1 
ATOM   698  C  CE  . LYS A 1 127 ? -16.193 1.807   0.793   1.00 58.87 ?  156 LYS A CE  1 
ATOM   699  N  NZ  . LYS A 1 127 ? -15.731 2.753   1.860   1.00 59.96 ?  156 LYS A NZ  1 
ATOM   700  N  N   . GLU A 1 128 ? -12.789 -2.882  -2.103  1.00 35.30 ?  157 GLU A N   1 
ATOM   701  C  CA  . GLU A 1 128 ? -12.753 -4.341  -2.079  1.00 39.85 ?  157 GLU A CA  1 
ATOM   702  C  C   . GLU A 1 128 ? -12.005 -4.859  -0.843  1.00 41.45 ?  157 GLU A C   1 
ATOM   703  O  O   . GLU A 1 128 ? -12.443 -5.828  -0.199  1.00 33.46 ?  157 GLU A O   1 
ATOM   704  C  CB  . GLU A 1 128 ? -12.113 -4.864  -3.370  1.00 41.02 ?  157 GLU A CB  1 
ATOM   705  C  CG  . GLU A 1 128 ? -12.226 -6.385  -3.590  1.00 43.09 ?  157 GLU A CG  1 
ATOM   706  C  CD  . GLU A 1 128 ? -11.027 -6.956  -4.357  1.00 51.91 ?  157 GLU A CD  1 
ATOM   707  O  OE1 . GLU A 1 128 ? -10.327 -7.864  -3.830  1.00 42.62 ?  157 GLU A OE1 1 
ATOM   708  O  OE2 . GLU A 1 128 ? -10.769 -6.477  -5.488  1.00 56.53 ?  157 GLU A OE2 1 
ATOM   709  N  N   . LEU A 1 129 ? -10.890 -4.207  -0.483  1.00 36.42 ?  158 LEU A N   1 
ATOM   710  C  CA  . LEU A 1 129 ? -10.109 -4.654  0.672   1.00 34.16 ?  158 LEU A CA  1 
ATOM   711  C  C   . LEU A 1 129 ? -10.892 -4.484  1.961   1.00 30.55 ?  158 LEU A C   1 
ATOM   712  O  O   . LEU A 1 129 ? -10.883 -5.377  2.819   1.00 27.59 ?  158 LEU A O   1 
ATOM   713  C  CB  . LEU A 1 129 ? -8.786  -3.890  0.762   1.00 31.79 ?  158 LEU A CB  1 
ATOM   714  C  CG  . LEU A 1 129 ? -7.816  -4.315  1.884   1.00 30.71 ?  158 LEU A CG  1 
ATOM   715  C  CD1 . LEU A 1 129 ? -7.326  -5.735  1.665   1.00 24.96 ?  158 LEU A CD1 1 
ATOM   716  C  CD2 . LEU A 1 129 ? -6.618  -3.364  1.978   1.00 26.75 ?  158 LEU A CD2 1 
ATOM   717  N  N   . LYS A 1 130 ? -11.557 -3.334  2.123   1.00 29.21 ?  159 LYS A N   1 
ATOM   718  C  CA  . LYS A 1 130 ? -12.455 -3.138  3.256   1.00 29.60 ?  159 LYS A CA  1 
ATOM   719  C  C   . LYS A 1 130 ? -13.585 -4.162  3.255   1.00 30.67 ?  159 LYS A C   1 
ATOM   720  O  O   . LYS A 1 130 ? -14.077 -4.545  4.324   1.00 31.94 ?  159 LYS A O   1 
ATOM   721  C  CB  . LYS A 1 130 ? -13.021 -1.722  3.224   1.00 34.15 ?  159 LYS A CB  1 
ATOM   722  C  CG  . LYS A 1 130 ? -12.498 -0.799  4.310   1.00 40.74 ?  159 LYS A CG  1 
ATOM   723  C  CD  . LYS A 1 130 ? -12.960 0.644   4.053   1.00 46.29 ?  159 LYS A CD  1 
ATOM   724  C  CE  . LYS A 1 130 ? -12.884 1.506   5.310   1.00 38.77 ?  159 LYS A CE  1 
ATOM   725  N  NZ  . LYS A 1 130 ? -13.487 2.848   5.077   1.00 40.70 ?  159 LYS A NZ  1 
ATOM   726  N  N   . LYS A 1 131 ? -14.006 -4.612  2.065   1.00 30.38 ?  160 LYS A N   1 
ATOM   727  C  CA  . LYS A 1 131 ? -15.028 -5.652  1.962   1.00 31.34 ?  160 LYS A CA  1 
ATOM   728  C  C   . LYS A 1 131 ? -14.495 -6.995  2.455   1.00 28.59 ?  160 LYS A C   1 
ATOM   729  O  O   . LYS A 1 131 ? -15.139 -7.666  3.270   1.00 28.15 ?  160 LYS A O   1 
ATOM   730  C  CB  . LYS A 1 131 ? -15.528 -5.757  0.513   1.00 30.04 ?  160 LYS A CB  1 
ATOM   731  C  CG  . LYS A 1 131 ? -16.378 -6.991  0.211   1.00 31.93 ?  160 LYS A CG  1 
ATOM   732  C  CD  . LYS A 1 131 ? -17.087 -6.896  -1.147  1.00 42.74 ?  160 LYS A CD  1 
ATOM   733  C  CE  . LYS A 1 131 ? -16.515 -7.869  -2.194  1.00 51.38 ?  160 LYS A CE  1 
ATOM   734  N  NZ  . LYS A 1 131 ? -17.378 -7.958  -3.431  1.00 46.28 ?  160 LYS A NZ  1 
ATOM   735  N  N   . ILE A 1 132 ? -13.307 -7.400  1.992   1.00 28.11 ?  161 ILE A N   1 
ATOM   736  C  CA  . ILE A 1 132 ? -12.744 -8.667  2.463   1.00 28.65 ?  161 ILE A CA  1 
ATOM   737  C  C   . ILE A 1 132 ? -12.500 -8.622  3.967   1.00 22.12 ?  161 ILE A C   1 
ATOM   738  O  O   . ILE A 1 132 ? -12.741 -9.611  4.675   1.00 19.98 ?  161 ILE A O   1 
ATOM   739  C  CB  . ILE A 1 132 ? -11.467 -9.027  1.681   1.00 25.78 ?  161 ILE A CB  1 
ATOM   740  C  CG1 . ILE A 1 132 ? -11.769 -9.062  0.174   1.00 23.58 ?  161 ILE A CG1 1 
ATOM   741  C  CG2 . ILE A 1 132 ? -10.935 -10.384 2.139   1.00 18.66 ?  161 ILE A CG2 1 
ATOM   742  C  CD1 . ILE A 1 132 ? -10.546 -9.200  -0.697  1.00 26.78 ?  161 ILE A CD1 1 
ATOM   743  N  N   . ILE A 1 133 ? -12.048 -7.470  4.485   1.00 21.55 ?  162 ILE A N   1 
ATOM   744  C  CA  . ILE A 1 133 ? -11.826 -7.347  5.926   1.00 22.09 ?  162 ILE A CA  1 
ATOM   745  C  C   . ILE A 1 133 ? -13.120 -7.633  6.685   1.00 26.19 ?  162 ILE A C   1 
ATOM   746  O  O   . ILE A 1 133 ? -13.143 -8.435  7.630   1.00 23.22 ?  162 ILE A O   1 
ATOM   747  C  CB  . ILE A 1 133 ? -11.265 -5.955  6.281   1.00 25.47 ?  162 ILE A CB  1 
ATOM   748  C  CG1 . ILE A 1 133 ? -9.846  -5.755  5.749   1.00 24.24 ?  162 ILE A CG1 1 
ATOM   749  C  CG2 . ILE A 1 133 ? -11.263 -5.746  7.795   1.00 21.75 ?  162 ILE A CG2 1 
ATOM   750  C  CD1 . ILE A 1 133 ? -9.330  -4.321  5.922   1.00 21.09 ?  162 ILE A CD1 1 
ATOM   751  N  N   . GLY A 1 134 ? -14.223 -6.986  6.273   1.00 27.36 ?  163 GLY A N   1 
ATOM   752  C  CA  . GLY A 1 134 ? -15.508 -7.262  6.906   1.00 24.97 ?  163 GLY A CA  1 
ATOM   753  C  C   . GLY A 1 134 ? -15.894 -8.730  6.831   1.00 24.36 ?  163 GLY A C   1 
ATOM   754  O  O   . GLY A 1 134 ? -16.429 -9.289  7.789   1.00 28.96 ?  163 GLY A O   1 
ATOM   755  N  N   . GLN A 1 135 ? -15.592 -9.383  5.704   1.00 24.53 ?  164 GLN A N   1 
ATOM   756  C  CA  . GLN A 1 135 ? -15.902 -10.803 5.546   1.00 27.60 ?  164 GLN A CA  1 
ATOM   757  C  C   . GLN A 1 135 ? -15.118 -11.693 6.509   1.00 29.29 ?  164 GLN A C   1 
ATOM   758  O  O   . GLN A 1 135 ? -15.626 -12.741 6.919   1.00 33.11 ?  164 GLN A O   1 
ATOM   759  C  CB  . GLN A 1 135 ? -15.635 -11.243 4.104   1.00 26.36 ?  164 GLN A CB  1 
ATOM   760  C  CG  . GLN A 1 135 ? -16.653 -10.713 3.109   1.00 25.19 ?  164 GLN A CG  1 
ATOM   761  C  CD  . GLN A 1 135 ? -16.189 -10.827 1.671   1.00 30.46 ?  164 GLN A CD  1 
ATOM   762  O  OE1 . GLN A 1 135 ? -15.051 -11.223 1.392   1.00 31.67 ?  164 GLN A OE1 1 
ATOM   763  N  NE2 . GLN A 1 135 ? -17.065 -10.471 0.749   1.00 29.99 ?  164 GLN A NE2 1 
ATOM   764  N  N   . VAL A 1 136 ? -13.882 -11.326 6.866   1.00 25.35 ?  165 VAL A N   1 
ATOM   765  C  CA  . VAL A 1 136 ? -13.108 -12.158 7.785   1.00 25.38 ?  165 VAL A CA  1 
ATOM   766  C  C   . VAL A 1 136 ? -13.067 -11.614 9.200   1.00 24.64 ?  165 VAL A C   1 
ATOM   767  O  O   . VAL A 1 136 ? -12.548 -12.306 10.089  1.00 30.12 ?  165 VAL A O   1 
ATOM   768  C  CB  . VAL A 1 136 ? -11.653 -12.383 7.295   1.00 25.25 ?  165 VAL A CB  1 
ATOM   769  C  CG1 . VAL A 1 136 ? -11.626 -13.092 5.936   1.00 23.22 ?  165 VAL A CG1 1 
ATOM   770  C  CG2 . VAL A 1 136 ? -10.860 -11.062 7.231   1.00 21.16 ?  165 VAL A CG2 1 
ATOM   771  N  N   . ARG A 1 137 ? -13.597 -10.409 9.450   1.00 24.53 ?  166 ARG A N   1 
ATOM   772  C  CA  . ARG A 1 137 ? -13.296 -9.702  10.699  1.00 25.84 ?  166 ARG A CA  1 
ATOM   773  C  C   . ARG A 1 137 ? -13.572 -10.551 11.940  1.00 27.68 ?  166 ARG A C   1 
ATOM   774  O  O   . ARG A 1 137 ? -12.803 -10.527 12.909  1.00 28.40 ?  166 ARG A O   1 
ATOM   775  C  CB  . ARG A 1 137 ? -14.084 -8.394  10.774  1.00 25.38 ?  166 ARG A CB  1 
ATOM   776  C  CG  . ARG A 1 137 ? -13.786 -7.574  12.038  1.00 22.80 ?  166 ARG A CG  1 
ATOM   777  C  CD  . ARG A 1 137 ? -12.319 -7.075  12.058  1.00 24.79 ?  166 ARG A CD  1 
ATOM   778  N  NE  . ARG A 1 137 ? -11.989 -6.380  13.309  1.00 21.57 ?  166 ARG A NE  1 
ATOM   779  C  CZ  . ARG A 1 137 ? -11.532 -6.997  14.397  1.00 22.20 ?  166 ARG A CZ  1 
ATOM   780  N  NH1 . ARG A 1 137 ? -11.329 -8.305  14.370  1.00 21.86 ?  166 ARG A NH1 1 
ATOM   781  N  NH2 . ARG A 1 137 ? -11.266 -6.316  15.497  1.00 19.84 ?  166 ARG A NH2 1 
ATOM   782  N  N   . ASP A 1 138 ? -14.658 -11.315 11.931  1.00 30.03 ?  167 ASP A N   1 
ATOM   783  C  CA  . ASP A 1 138 ? -14.965 -12.125 13.101  1.00 31.04 ?  167 ASP A CA  1 
ATOM   784  C  C   . ASP A 1 138 ? -13.975 -13.264 13.315  1.00 31.79 ?  167 ASP A C   1 
ATOM   785  O  O   . ASP A 1 138 ? -13.994 -13.875 14.388  1.00 32.30 ?  167 ASP A O   1 
ATOM   786  C  CB  . ASP A 1 138 ? -16.359 -12.715 12.965  1.00 31.34 ?  167 ASP A CB  1 
ATOM   787  C  CG  . ASP A 1 138 ? -16.392 -13.814 11.947  1.00 37.95 ?  167 ASP A CG  1 
ATOM   788  O  OD1 . ASP A 1 138 ? -16.155 -13.526 10.749  1.00 39.40 ?  167 ASP A OD1 1 
ATOM   789  O  OD2 . ASP A 1 138 ? -16.603 -14.974 12.350  1.00 53.98 ?  167 ASP A OD2 1 
ATOM   790  N  N   . GLN A 1 139 ? -13.126 -13.580 12.332  1.00 30.89 ?  168 GLN A N   1 
ATOM   791  C  CA  . GLN A 1 139 ? -12.160 -14.660 12.506  1.00 29.31 ?  168 GLN A CA  1 
ATOM   792  C  C   . GLN A 1 139 ? -10.980 -14.280 13.384  1.00 29.07 ?  168 GLN A C   1 
ATOM   793  O  O   . GLN A 1 139 ? -10.227 -15.170 13.816  1.00 28.06 ?  168 GLN A O   1 
ATOM   794  C  CB  . GLN A 1 139 ? -11.641 -15.134 11.149  1.00 34.32 ?  168 GLN A CB  1 
ATOM   795  C  CG  . GLN A 1 139 ? -12.307 -16.414 10.668  1.00 39.72 ?  168 GLN A CG  1 
ATOM   796  C  CD  . GLN A 1 139 ? -12.616 -16.396 9.187   1.00 40.07 ?  168 GLN A CD  1 
ATOM   797  O  OE1 . GLN A 1 139 ? -13.576 -15.750 8.754   1.00 38.28 ?  168 GLN A OE1 1 
ATOM   798  N  NE2 . GLN A 1 139 ? -11.801 -17.110 8.393   1.00 36.64 ?  168 GLN A NE2 1 
ATOM   799  N  N   . ALA A 1 140 ? -10.789 -12.999 13.659  1.00 22.95 ?  169 ALA A N   1 
ATOM   800  C  CA  . ALA A 1 140 ? -9.584  -12.551 14.333  1.00 24.31 ?  169 ALA A CA  1 
ATOM   801  C  C   . ALA A 1 140 ? -9.959  -11.651 15.478  1.00 24.83 ?  169 ALA A C   1 
ATOM   802  O  O   . ALA A 1 140 ? -10.914 -10.880 15.374  1.00 28.07 ?  169 ALA A O   1 
ATOM   803  C  CB  . ALA A 1 140 ? -8.668  -11.768 13.409  1.00 23.92 ?  169 ALA A CB  1 
ATOM   804  N  N   . GLU A 1 141 ? -9.194  -11.735 16.560  1.00 20.58 ?  170 GLU A N   1 
ATOM   805  C  CA  . GLU A 1 141 ? -9.362  -10.766 17.627  1.00 24.83 ?  170 GLU A CA  1 
ATOM   806  C  C   . GLU A 1 141 ? -8.959  -9.370  17.170  1.00 28.20 ?  170 GLU A C   1 
ATOM   807  O  O   . GLU A 1 141 ? -9.702  -8.407  17.379  1.00 29.84 ?  170 GLU A O   1 
ATOM   808  C  CB  . GLU A 1 141 ? -8.544  -11.172 18.845  1.00 26.64 ?  170 GLU A CB  1 
ATOM   809  C  CG  . GLU A 1 141 ? -8.331  -10.014 19.803  1.00 29.50 ?  170 GLU A CG  1 
ATOM   810  C  CD  . GLU A 1 141 ? -8.793  -10.343 21.202  1.00 47.27 ?  170 GLU A CD  1 
ATOM   811  O  OE1 . GLU A 1 141 ? -9.815  -9.758  21.659  1.00 50.20 ?  170 GLU A OE1 1 
ATOM   812  O  OE2 . GLU A 1 141 ? -8.137  -11.210 21.829  1.00 43.70 ?  170 GLU A OE2 1 
ATOM   813  N  N   . HIS A 1 142 ? -7.770  -9.231  16.567  1.00 25.66 ?  171 HIS A N   1 
ATOM   814  C  CA  . HIS A 1 142 ? -7.230  -7.913  16.242  1.00 20.19 ?  171 HIS A CA  1 
ATOM   815  C  C   . HIS A 1 142 ? -7.568  -7.505  14.819  1.00 19.80 ?  171 HIS A C   1 
ATOM   816  O  O   . HIS A 1 142 ? -7.534  -8.326  13.897  1.00 21.28 ?  171 HIS A O   1 
ATOM   817  C  CB  . HIS A 1 142 ? -5.710  -7.892  16.420  1.00 24.17 ?  171 HIS A CB  1 
ATOM   818  C  CG  . HIS A 1 142 ? -5.256  -8.197  17.810  1.00 27.49 ?  171 HIS A CG  1 
ATOM   819  N  ND1 . HIS A 1 142 ? -5.613  -7.424  18.894  1.00 29.17 ?  171 HIS A ND1 1 
ATOM   820  C  CD2 . HIS A 1 142 ? -4.443  -9.169  18.290  1.00 27.84 ?  171 HIS A CD2 1 
ATOM   821  C  CE1 . HIS A 1 142 ? -5.054  -7.918  19.986  1.00 30.47 ?  171 HIS A CE1 1 
ATOM   822  N  NE2 . HIS A 1 142 ? -4.338  -8.974  19.646  1.00 31.58 ?  171 HIS A NE2 1 
ATOM   823  N  N   . LEU A 1 143 ? -7.875  -6.223  14.638  1.00 21.57 ?  172 LEU A N   1 
ATOM   824  C  CA  . LEU A 1 143 ? -8.073  -5.697  13.291  1.00 20.71 ?  172 LEU A CA  1 
ATOM   825  C  C   . LEU A 1 143 ? -6.863  -5.971  12.391  1.00 21.11 ?  172 LEU A C   1 
ATOM   826  O  O   . LEU A 1 143 ? -7.017  -6.370  11.224  1.00 18.17 ?  172 LEU A O   1 
ATOM   827  C  CB  . LEU A 1 143 ? -8.354  -4.199  13.359  1.00 23.42 ?  172 LEU A CB  1 
ATOM   828  C  CG  . LEU A 1 143 ? -8.414  -3.466  12.019  1.00 23.43 ?  172 LEU A CG  1 
ATOM   829  C  CD1 . LEU A 1 143 ? -9.457  -4.087  11.110  1.00 18.37 ?  172 LEU A CD1 1 
ATOM   830  C  CD2 . LEU A 1 143 ? -8.727  -2.000  12.260  1.00 23.59 ?  172 LEU A CD2 1 
ATOM   831  N  N   . LYS A 1 144 ? -5.646  -5.768  12.914  1.00 18.38 ?  173 LYS A N   1 
ATOM   832  C  CA  . LYS A 1 144 ? -4.477  -5.872  12.047  1.00 19.55 ?  173 LYS A CA  1 
ATOM   833  C  C   . LYS A 1 144 ? -4.358  -7.277  11.478  1.00 18.77 ?  173 LYS A C   1 
ATOM   834  O  O   . LYS A 1 144 ? -3.924  -7.455  10.328  1.00 16.91 ?  173 LYS A O   1 
ATOM   835  C  CB  . LYS A 1 144 ? -3.197  -5.452  12.801  1.00 19.64 ?  173 LYS A CB  1 
ATOM   836  C  CG  . LYS A 1 144 ? -2.863  -6.279  14.019  1.00 19.90 ?  173 LYS A CG  1 
ATOM   837  C  CD  . LYS A 1 144 ? -1.501  -5.906  14.647  1.00 18.89 ?  173 LYS A CD  1 
ATOM   838  C  CE  . LYS A 1 144 ? -1.247  -6.821  15.851  1.00 19.07 ?  173 LYS A CE  1 
ATOM   839  N  NZ  . LYS A 1 144 ? 0.188   -6.979  16.229  1.00 29.90 ?  173 LYS A NZ  1 
ATOM   840  N  N   . THR A 1 145 ? -4.809  -8.277  12.243  1.00 16.57 ?  174 THR A N   1 
ATOM   841  C  CA  . THR A 1 145 ? -4.801  -9.649  11.756  1.00 17.19 ?  174 THR A CA  1 
ATOM   842  C  C   . THR A 1 145 ? -5.778  -9.831  10.598  1.00 18.77 ?  174 THR A C   1 
ATOM   843  O  O   . THR A 1 145 ? -5.432  -10.464 9.583   1.00 17.55 ?  174 THR A O   1 
ATOM   844  C  CB  . THR A 1 145 ? -5.119  -10.595 12.916  1.00 18.81 ?  174 THR A CB  1 
ATOM   845  O  OG1 . THR A 1 145 ? -4.177  -10.358 13.957  1.00 17.50 ?  174 THR A OG1 1 
ATOM   846  C  CG2 . THR A 1 145 ? -5.022  -12.059 12.490  1.00 16.98 ?  174 THR A CG2 1 
ATOM   847  N  N   . ALA A 1 146 ? -6.992  -9.263  10.724  1.00 17.49 ?  175 ALA A N   1 
ATOM   848  C  CA  . ALA A 1 146 ? -7.972  -9.334  9.640   1.00 19.14 ?  175 ALA A CA  1 
ATOM   849  C  C   . ALA A 1 146 ? -7.451  -8.652  8.388   1.00 14.64 ?  175 ALA A C   1 
ATOM   850  O  O   . ALA A 1 146 ? -7.605  -9.174  7.276   1.00 17.76 ?  175 ALA A O   1 
ATOM   851  C  CB  . ALA A 1 146 ? -9.316  -8.722  10.083  1.00 20.46 ?  175 ALA A CB  1 
ATOM   852  N  N   . VAL A 1 147 ? -6.801  -7.499  8.555   1.00 16.65 ?  176 VAL A N   1 
ATOM   853  C  CA  . VAL A 1 147 ? -6.172  -6.806  7.427   1.00 16.96 ?  176 VAL A CA  1 
ATOM   854  C  C   . VAL A 1 147 ? -5.213  -7.736  6.682   1.00 16.17 ?  176 VAL A C   1 
ATOM   855  O  O   . VAL A 1 147 ? -5.267  -7.856  5.451   1.00 13.85 ?  176 VAL A O   1 
ATOM   856  C  CB  . VAL A 1 147 ? -5.457  -5.534  7.926   1.00 18.00 ?  176 VAL A CB  1 
ATOM   857  C  CG1 . VAL A 1 147 ? -4.584  -4.899  6.824   1.00 15.35 ?  176 VAL A CG1 1 
ATOM   858  C  CG2 . VAL A 1 147 ? -6.481  -4.539  8.496   1.00 19.54 ?  176 VAL A CG2 1 
ATOM   859  N  N   . GLN A 1 148 ? -4.313  -8.405  7.415   1.00 15.14 ?  177 GLN A N   1 
ATOM   860  C  CA  . GLN A 1 148 ? -3.335  -9.258  6.742   1.00 15.31 ?  177 GLN A CA  1 
ATOM   861  C  C   . GLN A 1 148 ? -4.001  -10.474 6.113   1.00 15.71 ?  177 GLN A C   1 
ATOM   862  O  O   . GLN A 1 148 ? -3.587  -10.922 5.036   1.00 14.75 ?  177 GLN A O   1 
ATOM   863  C  CB  . GLN A 1 148 ? -2.226  -9.687  7.716   1.00 18.63 ?  177 GLN A CB  1 
ATOM   864  C  CG  . GLN A 1 148 ? -1.449  -8.518  8.312   1.00 19.04 ?  177 GLN A CG  1 
ATOM   865  C  CD  . GLN A 1 148 ? -0.992  -7.506  7.252   1.00 18.69 ?  177 GLN A CD  1 
ATOM   866  O  OE1 . GLN A 1 148 ? -0.726  -7.860  6.096   1.00 22.25 ?  177 GLN A OE1 1 
ATOM   867  N  NE2 . GLN A 1 148 ? -0.898  -6.248  7.650   1.00 16.55 ?  177 GLN A NE2 1 
ATOM   868  N  N   . MET A 1 149 ? -5.027  -11.028 6.773   1.00 18.63 ?  178 MET A N   1 
ATOM   869  C  CA  . MET A 1 149 ? -5.850  -12.047 6.124   1.00 16.29 ?  178 MET A CA  1 
ATOM   870  C  C   . MET A 1 149 ? -6.467  -11.511 4.839   1.00 17.51 ?  178 MET A C   1 
ATOM   871  O  O   . MET A 1 149 ? -6.511  -12.208 3.818   1.00 17.16 ?  178 MET A O   1 
ATOM   872  C  CB  . MET A 1 149 ? -6.944  -12.529 7.075   1.00 18.06 ?  178 MET A CB  1 
ATOM   873  C  CG  . MET A 1 149 ? -6.451  -13.331 8.293   1.00 19.88 ?  178 MET A CG  1 
ATOM   874  S  SD  . MET A 1 149 ? -7.858  -13.744 9.350   1.00 26.39 ?  178 MET A SD  1 
ATOM   875  C  CE  . MET A 1 149 ? -8.658  -14.950 8.400   1.00 26.10 ?  178 MET A CE  1 
ATOM   876  N  N   . ALA A 1 150 ? -6.941  -10.264 4.865   1.00 16.08 ?  179 ALA A N   1 
ATOM   877  C  CA  . ALA A 1 150 ? -7.541  -9.698  3.665   1.00 14.33 ?  179 ALA A CA  1 
ATOM   878  C  C   . ALA A 1 150 ? -6.495  -9.380  2.600   1.00 13.75 ?  179 ALA A C   1 
ATOM   879  O  O   . ALA A 1 150 ? -6.768  -9.525  1.406   1.00 16.17 ?  179 ALA A O   1 
ATOM   880  C  CB  . ALA A 1 150 ? -8.357  -8.454  4.033   1.00 14.19 ?  179 ALA A CB  1 
ATOM   881  N  N   . VAL A 1 151 ? -5.288  -8.967  2.992   1.00 16.60 ?  180 VAL A N   1 
ATOM   882  C  CA  . VAL A 1 151 ? -4.234  -8.804  1.994   1.00 14.32 ?  180 VAL A CA  1 
ATOM   883  C  C   . VAL A 1 151 ? -3.898  -10.150 1.360   1.00 13.44 ?  180 VAL A C   1 
ATOM   884  O  O   . VAL A 1 151 ? -3.758  -10.261 0.135   1.00 13.16 ?  180 VAL A O   1 
ATOM   885  C  CB  . VAL A 1 151 ? -2.992  -8.135  2.616   1.00 17.27 ?  180 VAL A CB  1 
ATOM   886  C  CG1 . VAL A 1 151 ? -1.790  -8.239  1.665   1.00 15.23 ?  180 VAL A CG1 1 
ATOM   887  C  CG2 . VAL A 1 151 ? -3.281  -6.672  2.981   1.00 16.53 ?  180 VAL A CG2 1 
ATOM   888  N  N   . PHE A 1 152 ? -3.757  -11.191 2.192   1.00 12.13 ?  181 PHE A N   1 
ATOM   889  C  CA  . PHE A 1 152 ? -3.473  -12.537 1.685   1.00 17.26 ?  181 PHE A CA  1 
ATOM   890  C  C   . PHE A 1 152 ? -4.505  -12.960 0.638   1.00 15.67 ?  181 PHE A C   1 
ATOM   891  O  O   . PHE A 1 152 ? -4.160  -13.362 -0.482  1.00 15.55 ?  181 PHE A O   1 
ATOM   892  C  CB  . PHE A 1 152 ? -3.442  -13.514 2.867   1.00 13.01 ?  181 PHE A CB  1 
ATOM   893  C  CG  . PHE A 1 152 ? -3.123  -14.953 2.500   1.00 15.96 ?  181 PHE A CG  1 
ATOM   894  C  CD1 . PHE A 1 152 ? -4.098  -15.791 1.915   1.00 15.29 ?  181 PHE A CD1 1 
ATOM   895  C  CD2 . PHE A 1 152 ? -1.870  -15.500 2.813   1.00 17.47 ?  181 PHE A CD2 1 
ATOM   896  C  CE1 . PHE A 1 152 ? -3.820  -17.124 1.609   1.00 14.04 ?  181 PHE A CE1 1 
ATOM   897  C  CE2 . PHE A 1 152 ? -1.581  -16.836 2.525   1.00 15.32 ?  181 PHE A CE2 1 
ATOM   898  C  CZ  . PHE A 1 152 ? -2.570  -17.654 1.924   1.00 17.72 ?  181 PHE A CZ  1 
ATOM   899  N  N   . ILE A 1 153 ? -5.783  -12.847 0.987   1.00 16.08 ?  182 ILE A N   1 
ATOM   900  C  CA  . ILE A 1 153 ? -6.860  -13.246 0.078   1.00 16.36 ?  182 ILE A CA  1 
ATOM   901  C  C   . ILE A 1 153 ? -6.823  -12.420 -1.206  1.00 18.13 ?  182 ILE A C   1 
ATOM   902  O  O   . ILE A 1 153 ? -6.865  -12.967 -2.322  1.00 18.52 ?  182 ILE A O   1 
ATOM   903  C  CB  . ILE A 1 153 ? -8.217  -13.136 0.805   1.00 18.05 ?  182 ILE A CB  1 
ATOM   904  C  CG1 . ILE A 1 153 ? -8.284  -14.197 1.916   1.00 13.86 ?  182 ILE A CG1 1 
ATOM   905  C  CG2 . ILE A 1 153 ? -9.402  -13.269 -0.172  1.00 15.90 ?  182 ILE A CG2 1 
ATOM   906  C  CD1 . ILE A 1 153 ? -9.214  -13.824 3.106   1.00 16.31 ?  182 ILE A CD1 1 
ATOM   907  N  N   . HIS A 1 154 ? -6.686  -11.093 -1.080  1.00 18.51 ?  183 HIS A N   1 
ATOM   908  C  CA  . HIS A 1 154 ? -6.666  -10.266 -2.282  1.00 14.57 ?  183 HIS A CA  1 
ATOM   909  C  C   . HIS A 1 154 ? -5.496  -10.626 -3.189  1.00 17.79 ?  183 HIS A C   1 
ATOM   910  O  O   . HIS A 1 154 ? -5.651  -10.700 -4.410  1.00 18.75 ?  183 HIS A O   1 
ATOM   911  C  CB  . HIS A 1 154 ? -6.624  -8.783  -1.928  1.00 17.32 ?  183 HIS A CB  1 
ATOM   912  C  CG  . HIS A 1 154 ? -6.293  -7.907  -3.102  1.00 23.36 ?  183 HIS A CG  1 
ATOM   913  N  ND1 . HIS A 1 154 ? -7.256  -7.401  -3.955  1.00 22.93 ?  183 HIS A ND1 1 
ATOM   914  C  CD2 . HIS A 1 154 ? -5.101  -7.480  -3.585  1.00 22.02 ?  183 HIS A CD2 1 
ATOM   915  C  CE1 . HIS A 1 154 ? -6.671  -6.688  -4.901  1.00 24.71 ?  183 HIS A CE1 1 
ATOM   916  N  NE2 . HIS A 1 154 ? -5.364  -6.720  -4.701  1.00 23.37 ?  183 HIS A NE2 1 
ATOM   917  N  N   . ASN A 1 155 ? -4.311  -10.855 -2.624  1.00 19.21 ?  184 ASN A N   1 
ATOM   918  C  CA  . ASN A 1 155 ? -3.156  -11.025 -3.496  1.00 18.19 ?  184 ASN A CA  1 
ATOM   919  C  C   . ASN A 1 155 ? -3.114  -12.392 -4.163  1.00 21.38 ?  184 ASN A C   1 
ATOM   920  O  O   . ASN A 1 155 ? -2.474  -12.538 -5.212  1.00 21.54 ?  184 ASN A O   1 
ATOM   921  C  CB  . ASN A 1 155 ? -1.849  -10.792 -2.717  1.00 15.28 ?  184 ASN A CB  1 
ATOM   922  C  CG  . ASN A 1 155 ? -1.590  -9.311  -2.440  1.00 19.02 ?  184 ASN A CG  1 
ATOM   923  O  OD1 . ASN A 1 155 ? -2.170  -8.447  -3.092  1.00 18.81 ?  184 ASN A OD1 1 
ATOM   924  N  ND2 . ASN A 1 155 ? -0.706  -9.015  -1.482  1.00 16.36 ?  184 ASN A ND2 1 
ATOM   925  N  N   . HIS A 1 156 ? -3.747  -13.400 -3.573  1.00 20.78 ?  185 HIS A N   1 
ATOM   926  C  CA  . HIS A 1 156 ? -3.738  -14.738 -4.152  1.00 27.13 ?  185 HIS A CA  1 
ATOM   927  C  C   . HIS A 1 156 ? -5.032  -15.117 -4.865  1.00 28.76 ?  185 HIS A C   1 
ATOM   928  O  O   . HIS A 1 156 ? -5.057  -16.154 -5.535  1.00 39.05 ?  185 HIS A O   1 
ATOM   929  C  CB  . HIS A 1 156 ? -3.413  -15.754 -3.071  1.00 25.74 ?  185 HIS A CB  1 
ATOM   930  C  CG  . HIS A 1 156 ? -2.075  -15.526 -2.458  1.00 26.91 ?  185 HIS A CG  1 
ATOM   931  N  ND1 . HIS A 1 156 ? -1.847  -15.644 -1.106  1.00 26.26 ?  185 HIS A ND1 1 
ATOM   932  C  CD2 . HIS A 1 156 ? -0.901  -15.131 -3.010  1.00 25.59 ?  185 HIS A CD2 1 
ATOM   933  C  CE1 . HIS A 1 156 ? -0.582  -15.356 -0.854  1.00 27.39 ?  185 HIS A CE1 1 
ATOM   934  N  NE2 . HIS A 1 156 ? 0.013   -15.039 -1.992  1.00 30.53 ?  185 HIS A NE2 1 
ATOM   935  N  N   . LYS A 1 157 ? -6.075  -14.287 -4.772  1.00 27.12 ?  186 LYS A N   1 
ATOM   936  C  CA  . LYS A 1 157 ? -7.297  -14.441 -5.564  1.00 28.70 ?  186 LYS A CA  1 
ATOM   937  C  C   . LYS A 1 157 ? -7.016  -14.263 -7.057  1.00 36.91 ?  186 LYS A C   1 
ATOM   938  O  O   . LYS A 1 157 ? -6.379  -13.287 -7.463  1.00 34.51 ?  186 LYS A O   1 
ATOM   939  C  CB  . LYS A 1 157 ? -8.318  -13.405 -5.089  1.00 27.76 ?  186 LYS A CB  1 
ATOM   940  C  CG  . LYS A 1 157 ? -9.656  -13.359 -5.803  1.00 41.68 ?  186 LYS A CG  1 
ATOM   941  C  CD  . LYS A 1 157 ? -10.691 -12.587 -4.951  1.00 37.43 ?  186 LYS A CD  1 
ATOM   942  C  CE  . LYS A 1 157 ? -11.171 -13.412 -3.738  1.00 40.81 ?  186 LYS A CE  1 
ATOM   943  N  NZ  . LYS A 1 157 ? -11.956 -12.621 -2.725  1.00 33.89 ?  186 LYS A NZ  1 
ATOM   944  N  N   . ARG A 1 158 ? -7.512  -15.199 -7.879  1.00 43.34 ?  187 ARG A N   1 
ATOM   945  C  CA  . ARG A 1 158 ? -7.310  -15.151 -9.340  1.00 39.01 ?  187 ARG A CA  1 
ATOM   946  C  C   . ARG A 1 158 ? -8.359  -14.300 -10.041 1.00 41.55 ?  187 ARG A C   1 
ATOM   947  O  O   . ARG A 1 158 ? -9.550  -14.436 -9.772  1.00 47.31 ?  187 ARG A O   1 
ATOM   948  C  CB  . ARG A 1 158 ? -7.328  -16.551 -9.949  1.00 42.30 ?  187 ARG A CB  1 
ATOM   949  C  CG  . ARG A 1 158 ? -6.052  -17.373 -9.724  1.00 47.24 ?  187 ARG A CG  1 
ATOM   950  C  CD  . ARG A 1 158 ? -5.969  -17.847 -8.276  1.00 51.26 ?  187 ARG A CD  1 
ATOM   951  N  NE  . ARG A 1 158 ? -5.017  -18.939 -8.077  1.00 56.59 ?  187 ARG A NE  1 
ATOM   952  C  CZ  . ARG A 1 158 ? -5.291  -20.219 -8.322  1.00 56.48 ?  187 ARG A CZ  1 
ATOM   953  N  NH1 . ARG A 1 158 ? -6.490  -20.565 -8.798  1.00 53.39 ?  187 ARG A NH1 1 
ATOM   954  N  NH2 . ARG A 1 158 ? -4.368  -21.151 -8.101  1.00 51.80 ?  187 ARG A NH2 1 
ATOM   955  N  N   . TYR A 1 165 ? -4.478  -15.387 -13.558 1.00 35.52 ?  194 TYR A N   1 
ATOM   956  C  CA  . TYR A 1 165 ? -3.446  -15.118 -12.549 1.00 39.82 ?  194 TYR A CA  1 
ATOM   957  C  C   . TYR A 1 165 ? -3.916  -14.186 -11.423 1.00 32.42 ?  194 TYR A C   1 
ATOM   958  O  O   . TYR A 1 165 ? -4.801  -13.358 -11.605 1.00 27.18 ?  194 TYR A O   1 
ATOM   959  C  CB  . TYR A 1 165 ? -2.183  -14.529 -13.207 1.00 36.33 ?  194 TYR A CB  1 
ATOM   960  C  CG  . TYR A 1 165 ? -1.595  -15.468 -14.225 1.00 40.89 ?  194 TYR A CG  1 
ATOM   961  C  CD1 . TYR A 1 165 ? -0.842  -16.570 -13.827 1.00 42.66 ?  194 TYR A CD1 1 
ATOM   962  C  CD2 . TYR A 1 165 ? -1.827  -15.281 -15.584 1.00 47.27 ?  194 TYR A CD2 1 
ATOM   963  C  CE1 . TYR A 1 165 ? -0.333  -17.452 -14.753 1.00 44.41 ?  194 TYR A CE1 1 
ATOM   964  C  CE2 . TYR A 1 165 ? -1.319  -16.150 -16.522 1.00 43.12 ?  194 TYR A CE2 1 
ATOM   965  C  CZ  . TYR A 1 165 ? -0.577  -17.237 -16.102 1.00 52.85 ?  194 TYR A CZ  1 
ATOM   966  O  OH  . TYR A 1 165 ? -0.068  -18.106 -17.036 1.00 60.46 ?  194 TYR A OH  1 
ATOM   967  N  N   . SER A 1 166 ? -3.298  -14.347 -10.256 1.00 30.54 ?  195 SER A N   1 
ATOM   968  C  CA  . SER A 1 166 ? -3.523  -13.499 -9.099  1.00 29.32 ?  195 SER A CA  1 
ATOM   969  C  C   . SER A 1 166 ? -2.653  -12.240 -9.171  1.00 30.44 ?  195 SER A C   1 
ATOM   970  O  O   . SER A 1 166 ? -1.673  -12.169 -9.922  1.00 29.17 ?  195 SER A O   1 
ATOM   971  C  CB  . SER A 1 166 ? -3.196  -14.269 -7.829  1.00 29.06 ?  195 SER A CB  1 
ATOM   972  O  OG  . SER A 1 166 ? -1.795  -14.515 -7.804  1.00 29.17 ?  195 SER A OG  1 
ATOM   973  N  N   . ALA A 1 167 ? -3.012  -11.238 -8.362  1.00 27.53 ?  196 ALA A N   1 
ATOM   974  C  CA  . ALA A 1 167 ? -2.192  -10.031 -8.293  1.00 25.60 ?  196 ALA A CA  1 
ATOM   975  C  C   . ALA A 1 167 ? -0.759  -10.353 -7.859  1.00 20.64 ?  196 ALA A C   1 
ATOM   976  O  O   . ALA A 1 167 ? 0.205   -9.779  -8.384  1.00 23.68 ?  196 ALA A O   1 
ATOM   977  C  CB  . ALA A 1 167 ? -2.850  -9.009  -7.358  1.00 24.49 ?  196 ALA A CB  1 
ATOM   978  N  N   . GLY A 1 168 ? -0.589  -11.305 -6.943  1.00 22.43 ?  197 GLY A N   1 
ATOM   979  C  CA  . GLY A 1 168 ? 0.753   -11.702 -6.539  1.00 23.27 ?  197 GLY A CA  1 
ATOM   980  C  C   . GLY A 1 168 ? 1.565   -12.360 -7.644  1.00 25.71 ?  197 GLY A C   1 
ATOM   981  O  O   . GLY A 1 168 ? 2.799   -12.219 -7.684  1.00 22.96 ?  197 GLY A O   1 
ATOM   982  N  N   . GLU A 1 169 ? 0.906   -13.111 -8.534  1.00 23.02 ?  198 GLU A N   1 
ATOM   983  C  CA  . GLU A 1 169 ? 1.608   -13.672 -9.688  1.00 25.79 ?  198 GLU A CA  1 
ATOM   984  C  C   . GLU A 1 169 ? 1.918   -12.588 -10.715 1.00 24.74 ?  198 GLU A C   1 
ATOM   985  O  O   . GLU A 1 169 ? 2.978   -12.608 -11.349 1.00 25.88 ?  198 GLU A O   1 
ATOM   986  C  CB  . GLU A 1 169 ? 0.781   -14.800 -10.327 1.00 29.30 ?  198 GLU A CB  1 
ATOM   987  C  CG  . GLU A 1 169 ? 0.728   -16.066 -9.490  1.00 30.24 ?  198 GLU A CG  1 
ATOM   988  C  CD  . GLU A 1 169 ? -0.462  -16.978 -9.828  1.00 35.18 ?  198 GLU A CD  1 
ATOM   989  O  OE1 . GLU A 1 169 ? -1.434  -16.519 -10.467 1.00 34.65 ?  198 GLU A OE1 1 
ATOM   990  O  OE2 . GLU A 1 169 ? -0.425  -18.166 -9.433  1.00 41.63 ?  198 GLU A OE2 1 
ATOM   991  N  N   . ARG A 1 170 ? 1.013   -11.619 -10.874 1.00 24.59 ?  199 ARG A N   1 
ATOM   992  C  CA  . ARG A 1 170 ? 1.225   -10.576 -11.868 1.00 24.36 ?  199 ARG A CA  1 
ATOM   993  C  C   . ARG A 1 170 ? 2.367   -9.648  -11.473 1.00 24.03 ?  199 ARG A C   1 
ATOM   994  O  O   . ARG A 1 170 ? 3.159   -9.238  -12.333 1.00 24.81 ?  199 ARG A O   1 
ATOM   995  C  CB  . ARG A 1 170 ? -0.062  -9.777  -12.078 1.00 26.74 ?  199 ARG A CB  1 
ATOM   996  C  CG  . ARG A 1 170 ? -0.562  -9.724  -13.524 1.00 31.77 ?  199 ARG A CG  1 
ATOM   997  C  CD  . ARG A 1 170 ? -2.099  -9.819  -13.566 1.00 34.13 ?  199 ARG A CD  1 
ATOM   998  N  NE  . ARG A 1 170 ? -2.710  -9.181  -12.398 1.00 35.62 ?  199 ARG A NE  1 
ATOM   999  C  CZ  . ARG A 1 170 ? -3.757  -9.673  -11.742 1.00 35.27 ?  199 ARG A CZ  1 
ATOM   1000 N  NH1 . ARG A 1 170 ? -4.307  -10.805 -12.155 1.00 36.10 ?  199 ARG A NH1 1 
ATOM   1001 N  NH2 . ARG A 1 170 ? -4.254  -9.040  -10.678 1.00 31.81 ?  199 ARG A NH2 1 
ATOM   1002 N  N   . ILE A 1 171 ? 2.474   -9.286  -10.188 1.00 19.38 ?  200 ILE A N   1 
ATOM   1003 C  CA  . ILE A 1 171 ? 3.526   -8.335  -9.831  1.00 23.73 ?  200 ILE A CA  1 
ATOM   1004 C  C   . ILE A 1 171 ? 4.904   -8.920  -10.131 1.00 22.87 ?  200 ILE A C   1 
ATOM   1005 O  O   . ILE A 1 171 ? 5.758   -8.234  -10.700 1.00 23.84 ?  200 ILE A O   1 
ATOM   1006 C  CB  . ILE A 1 171 ? 3.412   -7.842  -8.366  1.00 20.28 ?  200 ILE A CB  1 
ATOM   1007 C  CG1 . ILE A 1 171 ? 4.528   -6.818  -8.090  1.00 18.83 ?  200 ILE A CG1 1 
ATOM   1008 C  CG2 . ILE A 1 171 ? 3.496   -8.978  -7.356  1.00 18.83 ?  200 ILE A CG2 1 
ATOM   1009 C  CD1 . ILE A 1 171 ? 4.381   -6.021  -6.778  1.00 18.63 ?  200 ILE A CD1 1 
ATOM   1010 N  N   . VAL A 1 172 ? 5.140   -10.200 -9.797  1.00 22.79 ?  201 VAL A N   1 
ATOM   1011 C  CA  . VAL A 1 172 ? 6.499   -10.715 -9.990  1.00 24.12 ?  201 VAL A CA  1 
ATOM   1012 C  C   . VAL A 1 172 ? 6.796   -10.916 -11.470 1.00 23.57 ?  201 VAL A C   1 
ATOM   1013 O  O   . VAL A 1 172 ? 7.932   -10.723 -11.909 1.00 25.78 ?  201 VAL A O   1 
ATOM   1014 C  CB  . VAL A 1 172 ? 6.756   -12.002 -9.179  1.00 25.17 ?  201 VAL A CB  1 
ATOM   1015 C  CG1 . VAL A 1 172 ? 6.621   -11.731 -7.696  1.00 17.42 ?  201 VAL A CG1 1 
ATOM   1016 C  CG2 . VAL A 1 172 ? 5.865   -13.149 -9.623  1.00 24.74 ?  201 VAL A CG2 1 
ATOM   1017 N  N   . ASP A 1 173 ? 5.789   -11.256 -12.269 1.00 30.54 ?  202 ASP A N   1 
ATOM   1018 C  CA  . ASP A 1 173 ? 5.998   -11.340 -13.713 1.00 30.43 ?  202 ASP A CA  1 
ATOM   1019 C  C   . ASP A 1 173 ? 6.319   -9.976  -14.309 1.00 27.60 ?  202 ASP A C   1 
ATOM   1020 O  O   . ASP A 1 173 ? 7.243   -9.840  -15.119 1.00 31.09 ?  202 ASP A O   1 
ATOM   1021 C  CB  . ASP A 1 173 ? 4.762   -11.936 -14.392 1.00 30.73 ?  202 ASP A CB  1 
ATOM   1022 C  CG  . ASP A 1 173 ? 4.976   -12.146 -15.871 1.00 37.73 ?  202 ASP A CG  1 
ATOM   1023 O  OD1 . ASP A 1 173 ? 5.762   -13.053 -16.217 1.00 43.33 ?  202 ASP A OD1 1 
ATOM   1024 O  OD2 . ASP A 1 173 ? 4.383   -11.398 -16.675 1.00 33.99 ?  202 ASP A OD2 1 
ATOM   1025 N  N   . ILE A 1 174 ? 5.563   -8.952  -13.916 1.00 28.72 ?  203 ILE A N   1 
ATOM   1026 C  CA  . ILE A 1 174 ? 5.801   -7.605  -14.421 1.00 27.80 ?  203 ILE A CA  1 
ATOM   1027 C  C   . ILE A 1 174 ? 7.209   -7.139  -14.050 1.00 28.40 ?  203 ILE A C   1 
ATOM   1028 O  O   . ILE A 1 174 ? 7.954   -6.619  -14.890 1.00 28.28 ?  203 ILE A O   1 
ATOM   1029 C  CB  . ILE A 1 174 ? 4.705   -6.648  -13.901 1.00 27.07 ?  203 ILE A CB  1 
ATOM   1030 C  CG1 . ILE A 1 174 ? 3.434   -6.788  -14.741 1.00 29.23 ?  203 ILE A CG1 1 
ATOM   1031 C  CG2 . ILE A 1 174 ? 5.164   -5.192  -13.908 1.00 25.07 ?  203 ILE A CG2 1 
ATOM   1032 C  CD1 . ILE A 1 174 ? 2.156   -6.312  -14.038 1.00 24.32 ?  203 ILE A CD1 1 
ATOM   1033 N  N   . ILE A 1 175 ? 7.609   -7.357  -12.797 1.00 28.57 ?  204 ILE A N   1 
ATOM   1034 C  CA  . ILE A 1 175 ? 8.907   -6.872  -12.348 1.00 26.72 ?  204 ILE A CA  1 
ATOM   1035 C  C   . ILE A 1 175 ? 10.031  -7.682  -12.970 1.00 29.31 ?  204 ILE A C   1 
ATOM   1036 O  O   . ILE A 1 175 ? 11.067  -7.123  -13.356 1.00 28.62 ?  204 ILE A O   1 
ATOM   1037 C  CB  . ILE A 1 175 ? 8.998   -6.885  -10.812 1.00 28.54 ?  204 ILE A CB  1 
ATOM   1038 C  CG1 . ILE A 1 175 ? 7.938   -5.969  -10.197 1.00 24.04 ?  204 ILE A CG1 1 
ATOM   1039 C  CG2 . ILE A 1 175 ? 10.399  -6.446  -10.372 1.00 20.81 ?  204 ILE A CG2 1 
ATOM   1040 C  CD1 . ILE A 1 175 ? 8.056   -4.556  -10.689 1.00 25.42 ?  204 ILE A CD1 1 
ATOM   1041 N  N   . ALA A 1 176 ? 9.870   -9.010  -13.058 1.00 29.99 ?  205 ALA A N   1 
ATOM   1042 C  CA  . ALA A 1 176 ? 10.924  -9.827  -13.667 1.00 35.14 ?  205 ALA A CA  1 
ATOM   1043 C  C   . ALA A 1 176 ? 11.140  -9.446  -15.128 1.00 33.26 ?  205 ALA A C   1 
ATOM   1044 O  O   . ALA A 1 176 ? 12.279  -9.242  -15.567 1.00 36.62 ?  205 ALA A O   1 
ATOM   1045 C  CB  . ALA A 1 176 ? 10.600  -11.314 -13.547 1.00 21.75 ?  205 ALA A CB  1 
ATOM   1046 N  N   . THR A 1 177 ? 10.048  -9.333  -15.891 1.00 34.91 ?  206 THR A N   1 
ATOM   1047 C  CA  . THR A 1 177 ? 10.141  -8.925  -17.291 1.00 33.88 ?  206 THR A CA  1 
ATOM   1048 C  C   . THR A 1 177 ? 10.854  -7.588  -17.444 1.00 36.50 ?  206 THR A C   1 
ATOM   1049 O  O   . THR A 1 177 ? 11.707  -7.433  -18.324 1.00 44.00 ?  206 THR A O   1 
ATOM   1050 C  CB  . THR A 1 177 ? 8.747   -8.827  -17.910 1.00 33.94 ?  206 THR A CB  1 
ATOM   1051 O  OG1 . THR A 1 177 ? 8.044   -10.061 -17.740 1.00 36.95 ?  206 THR A OG1 1 
ATOM   1052 C  CG2 . THR A 1 177 ? 8.863   -8.517  -19.393 1.00 32.53 ?  206 THR A CG2 1 
ATOM   1053 N  N   . ASP A 1 178 ? 10.515  -6.611  -16.605 1.00 38.03 ?  207 ASP A N   1 
ATOM   1054 C  CA  . ASP A 1 178 ? 11.012  -5.239  -16.740 1.00 33.05 ?  207 ASP A CA  1 
ATOM   1055 C  C   . ASP A 1 178 ? 12.525  -5.116  -16.594 1.00 30.18 ?  207 ASP A C   1 
ATOM   1056 O  O   . ASP A 1 178 ? 13.174  -6.000  -16.035 1.00 41.14 ?  207 ASP A O   1 
ATOM   1057 C  CB  . ASP A 1 178 ? 10.324  -4.340  -15.713 1.00 30.69 ?  207 ASP A CB  1 
ATOM   1058 C  CG  . ASP A 1 178 ? 10.752  -2.886  -15.830 1.00 38.96 ?  207 ASP A CG  1 
ATOM   1059 O  OD1 . ASP A 1 178 ? 10.439  -2.250  -16.863 1.00 38.73 ?  207 ASP A OD1 1 
ATOM   1060 O  OD2 . ASP A 1 178 ? 11.394  -2.375  -14.886 1.00 38.40 ?  207 ASP A OD2 1 
HETATM 1061 C  C10 . J3M B 2 .   ? 13.384  10.137  11.229  1.00 23.49 ?  301 J3M A C10 1 
HETATM 1062 C  C13 . J3M B 2 .   ? 13.154  10.057  7.751   1.00 21.97 ?  301 J3M A C13 1 
HETATM 1063 C  C15 . J3M B 2 .   ? 14.844  8.813   6.501   1.00 19.14 ?  301 J3M A C15 1 
HETATM 1064 C  C17 . J3M B 2 .   ? 16.219  7.182   5.396   1.00 15.06 ?  301 J3M A C17 1 
HETATM 1065 C  C20 . J3M B 2 .   ? 15.715  8.904   7.591   1.00 19.62 ?  301 J3M A C20 1 
HETATM 1066 C  C21 . J3M B 2 .   ? 15.315  9.579   8.753   1.00 20.47 ?  301 J3M A C21 1 
HETATM 1067 C  C24 . J3M B 2 .   ? 13.459  14.287  10.915  1.00 34.76 ?  301 J3M A C24 1 
HETATM 1068 C  C26 . J3M B 2 .   ? 12.343  16.409  10.658  1.00 44.37 ?  301 J3M A C26 1 
HETATM 1069 C  C28 . J3M B 2 .   ? 14.758  16.286  10.635  1.00 45.82 ?  301 J3M A C28 1 
HETATM 1070 C  C01 . J3M B 2 .   ? 10.139  6.848   11.548  1.00 19.30 ?  301 J3M A C01 1 
HETATM 1071 C  C02 . J3M B 2 .   ? 11.166  7.713   10.832  1.00 21.52 ?  301 J3M A C02 1 
HETATM 1072 C  C03 . J3M B 2 .   ? 11.732  6.974   9.597   1.00 18.76 ?  301 J3M A C03 1 
HETATM 1073 C  C04 . J3M B 2 .   ? 10.475  9.007   10.380  1.00 19.36 ?  301 J3M A C04 1 
HETATM 1074 O  O05 . J3M B 2 .   ? 12.220  8.000   11.789  1.00 19.15 ?  301 J3M A O05 1 
HETATM 1075 C  C06 . J3M B 2 .   ? 13.412  8.555   11.222  1.00 20.64 ?  301 J3M A C06 1 
HETATM 1076 C  C07 . J3M B 2 .   ? 14.646  8.067   11.997  1.00 21.96 ?  301 J3M A C07 1 
HETATM 1077 O  O08 . J3M B 2 .   ? 14.598  7.070   12.768  1.00 22.19 ?  301 J3M A O08 1 
HETATM 1078 O  O09 . J3M B 2 .   ? 15.712  8.700   11.831  1.00 22.54 -1 301 J3M A O09 1 
HETATM 1079 C  C11 . J3M B 2 .   ? 13.676  10.827  10.042  1.00 25.74 ?  301 J3M A C11 1 
HETATM 1080 C  C12 . J3M B 2 .   ? 14.021  10.135  8.851   1.00 23.19 ?  301 J3M A C12 1 
HETATM 1081 C  C14 . J3M B 2 .   ? 13.572  9.387   6.587   1.00 21.59 ?  301 J3M A C14 1 
HETATM 1082 O  O16 . J3M B 2 .   ? 15.207  8.131   5.289   1.00 17.83 ?  301 J3M A O16 1 
HETATM 1083 C  C18 . J3M B 2 .   ? 17.435  7.700   6.112   1.00 22.86 ?  301 J3M A C18 1 
HETATM 1084 C  C19 . J3M B 2 .   ? 17.130  8.258   7.497   1.00 19.89 ?  301 J3M A C19 1 
HETATM 1085 N  N22 . J3M B 2 .   ? 13.694  12.155  9.995   1.00 24.77 ?  301 J3M A N22 1 
HETATM 1086 C  C23 . J3M B 2 .   ? 13.418  12.884  11.066  1.00 27.82 ?  301 J3M A C23 1 
HETATM 1087 C  C25 . J3M B 2 .   ? 12.286  15.031  10.831  1.00 37.16 ?  301 J3M A C25 1 
HETATM 1088 C  C27 . J3M B 2 .   ? 13.585  17.031  10.556  1.00 46.87 ?  301 J3M A C27 1 
HETATM 1089 C  C29 . J3M B 2 .   ? 14.697  14.908  10.811  1.00 38.95 ?  301 J3M A C29 1 
HETATM 1090 C  C30 . J3M B 2 .   ? 13.116  12.279  12.300  1.00 27.58 ?  301 J3M A C30 1 
HETATM 1091 C  C31 . J3M B 2 .   ? 12.838  13.094  13.426  1.00 28.29 ?  301 J3M A C31 1 
HETATM 1092 C  C32 . J3M B 2 .   ? 12.546  12.483  14.650  1.00 30.51 ?  301 J3M A C32 1 
HETATM 1093 C  C33 . J3M B 2 .   ? 12.522  11.082  14.756  1.00 30.05 ?  301 J3M A C33 1 
HETATM 1094 C  C34 . J3M B 2 .   ? 12.798  10.288  13.637  1.00 26.86 ?  301 J3M A C34 1 
HETATM 1095 C  C35 . J3M B 2 .   ? 13.093  10.904  12.392  1.00 25.12 ?  301 J3M A C35 1 
HETATM 1096 O  O   . HOH C 3 .   ? 1.190   -8.738  17.349  1.00 28.28 ?  401 HOH A O   1 
HETATM 1097 O  O   . HOH C 3 .   ? -5.242  -11.288 -6.950  1.00 25.28 ?  402 HOH A O   1 
HETATM 1098 O  O   . HOH C 3 .   ? -6.220  8.949   0.178   1.00 27.30 ?  403 HOH A O   1 
HETATM 1099 O  O   . HOH C 3 .   ? -4.838  8.914   2.065   1.00 20.04 ?  404 HOH A O   1 
HETATM 1100 O  O   . HOH C 3 .   ? 9.624   -2.736  12.193  1.00 33.85 ?  405 HOH A O   1 
HETATM 1101 O  O   . HOH C 3 .   ? -4.875  10.832  4.595   1.00 29.44 ?  406 HOH A O   1 
HETATM 1102 O  O   . HOH C 3 .   ? 7.733   -1.378  -8.283  1.00 21.65 ?  407 HOH A O   1 
HETATM 1103 O  O   . HOH C 3 .   ? -16.617 -11.104 9.605   1.00 34.39 ?  408 HOH A O   1 
HETATM 1104 O  O   . HOH C 3 .   ? 7.953   11.590  -11.278 1.00 32.85 ?  409 HOH A O   1 
HETATM 1105 O  O   . HOH C 3 .   ? 4.576   3.090   9.350   1.00 14.83 ?  410 HOH A O   1 
HETATM 1106 O  O   . HOH C 3 .   ? 12.886  3.140   -4.365  1.00 18.10 ?  411 HOH A O   1 
HETATM 1107 O  O   . HOH C 3 .   ? -3.913  3.131   -1.974  1.00 21.97 ?  412 HOH A O   1 
HETATM 1108 O  O   . HOH C 3 .   ? -0.584  -15.940 -5.977  1.00 31.43 ?  413 HOH A O   1 
HETATM 1109 O  O   . HOH C 3 .   ? -3.141  15.531  5.552   1.00 32.38 ?  414 HOH A O   1 
HETATM 1110 O  O   . HOH C 3 .   ? -8.394  6.919   1.604   1.00 33.84 ?  415 HOH A O   1 
HETATM 1111 O  O   . HOH C 3 .   ? 1.700   11.282  5.624   1.00 26.80 ?  416 HOH A O   1 
HETATM 1112 O  O   . HOH C 3 .   ? 3.920   -2.176  -16.376 1.00 45.99 ?  417 HOH A O   1 
HETATM 1113 O  O   . HOH C 3 .   ? 2.601   -0.174  -11.303 1.00 24.38 ?  418 HOH A O   1 
HETATM 1114 O  O   . HOH C 3 .   ? -14.229 -3.535  6.826   1.00 37.29 ?  419 HOH A O   1 
HETATM 1115 O  O   . HOH C 3 .   ? 16.251  3.940   -5.636  1.00 29.09 ?  420 HOH A O   1 
HETATM 1116 O  O   . HOH C 3 .   ? -9.706  -17.756 14.468  1.00 33.42 ?  421 HOH A O   1 
HETATM 1117 O  O   . HOH C 3 .   ? -0.897  -10.870 4.458   1.00 13.57 ?  422 HOH A O   1 
HETATM 1118 O  O   . HOH C 3 .   ? 4.201   -13.206 -5.499  1.00 26.13 ?  423 HOH A O   1 
HETATM 1119 O  O   . HOH C 3 .   ? -14.841 -3.454  11.309  1.00 35.85 ?  424 HOH A O   1 
HETATM 1120 O  O   . HOH C 3 .   ? 2.109   16.355  -2.433  1.00 25.26 ?  425 HOH A O   1 
HETATM 1121 O  O   . HOH C 3 .   ? 11.317  -3.117  -12.128 1.00 34.83 ?  426 HOH A O   1 
HETATM 1122 O  O   . HOH C 3 .   ? 13.283  0.569   -4.600  1.00 20.66 ?  427 HOH A O   1 
HETATM 1123 O  O   . HOH C 3 .   ? 2.574   -0.580  11.548  1.00 28.20 ?  428 HOH A O   1 
HETATM 1124 O  O   . HOH C 3 .   ? 8.882   -6.170  6.145   1.00 39.28 ?  429 HOH A O   1 
HETATM 1125 O  O   . HOH C 3 .   ? 13.464  1.979   -7.621  1.00 33.23 ?  430 HOH A O   1 
HETATM 1126 O  O   . HOH C 3 .   ? 13.229  16.394  3.977   1.00 27.58 ?  431 HOH A O   1 
HETATM 1127 O  O   . HOH C 3 .   ? 16.720  11.504  12.103  1.00 26.03 ?  432 HOH A O   1 
HETATM 1128 O  O   . HOH C 3 .   ? 1.178   -12.561 -3.202  1.00 30.73 ?  433 HOH A O   1 
HETATM 1129 O  O   . HOH C 3 .   ? 7.232   7.431   14.294  1.00 33.55 ?  434 HOH A O   1 
HETATM 1130 O  O   . HOH C 3 .   ? -0.170  -1.526  -18.232 1.00 56.89 ?  435 HOH A O   1 
HETATM 1131 O  O   . HOH C 3 .   ? -5.291  -4.147  15.467  1.00 21.30 ?  436 HOH A O   1 
HETATM 1132 O  O   . HOH C 3 .   ? 4.417   0.310   9.077   1.00 25.96 ?  437 HOH A O   1 
HETATM 1133 O  O   . HOH C 3 .   ? 15.878  12.894  7.863   1.00 32.47 ?  438 HOH A O   1 
HETATM 1134 O  O   . HOH C 3 .   ? -2.522  -17.889 -6.190  1.00 34.32 ?  439 HOH A O   1 
HETATM 1135 O  O   . HOH C 3 .   ? -1.533  12.776  7.140   1.00 40.18 ?  440 HOH A O   1 
HETATM 1136 O  O   . HOH C 3 .   ? -13.711 4.386   11.423  1.00 37.55 ?  441 HOH A O   1 
HETATM 1137 O  O   . HOH C 3 .   ? -11.812 6.107   4.728   1.00 32.86 ?  442 HOH A O   1 
HETATM 1138 O  O   . HOH C 3 .   ? 17.399  12.473  9.897   1.00 30.03 ?  443 HOH A O   1 
HETATM 1139 O  O   . HOH C 3 .   ? 0.433   -18.820 -1.895  1.00 30.80 ?  444 HOH A O   1 
HETATM 1140 O  O   . HOH C 3 .   ? 1.866   -3.917  -17.043 1.00 40.89 ?  445 HOH A O   1 
HETATM 1141 O  O   . HOH C 3 .   ? 4.427   -7.269  -18.239 1.00 36.57 ?  446 HOH A O   1 
HETATM 1142 O  O   . HOH C 3 .   ? 10.146  9.727   -12.227 1.00 41.14 ?  447 HOH A O   1 
HETATM 1143 O  O   . HOH C 3 .   ? -16.308 -1.200  11.384  1.00 36.02 ?  448 HOH A O   1 
HETATM 1144 O  O   . HOH C 3 .   ? -3.012  -2.551  15.803  1.00 31.19 ?  449 HOH A O   1 
HETATM 1145 O  O   . HOH C 3 .   ? 17.914  15.557  11.080  1.00 42.83 ?  450 HOH A O   1 
# 
